data_4P82
# 
_entry.id   4P82 
# 
_audit_conform.dict_name       mmcif_pdbx.dic 
_audit_conform.dict_version    5.383 
_audit_conform.dict_location   http://mmcif.pdb.org/dictionaries/ascii/mmcif_pdbx.dic 
# 
loop_
_database_2.database_id 
_database_2.database_code 
_database_2.pdbx_database_accession 
_database_2.pdbx_DOI 
PDB   4P82         pdb_00004p82 10.2210/pdb4p82/pdb 
WWPDB D_1000200901 ?            ?                   
# 
loop_
_pdbx_database_related.content_type 
_pdbx_database_related.db_id 
_pdbx_database_related.db_name 
_pdbx_database_related.details 
unspecified 4P80 PDB . 
unspecified 4P81 PDB . 
unspecified 4P83 PDB . 
unspecified 4P84 PDB . 
unspecified 4P86 PDB . 
# 
_pdbx_database_status.status_code                     REL 
_pdbx_database_status.status_code_sf                  REL 
_pdbx_database_status.status_code_mr                  . 
_pdbx_database_status.entry_id                        4P82 
_pdbx_database_status.recvd_initial_deposition_date   2014-03-30 
_pdbx_database_status.SG_entry                        N 
_pdbx_database_status.deposit_site                    RCSB 
_pdbx_database_status.process_site                    PDBE 
_pdbx_database_status.status_code_cs                  . 
_pdbx_database_status.methods_development_category    . 
_pdbx_database_status.pdb_format_compatible           Y 
_pdbx_database_status.status_code_nmr_data            ? 
# 
loop_
_audit_author.name 
_audit_author.pdbx_ordinal 
'Perica, T.'      1 
'Kondo, Y.'       2 
'Tiwari, S.'      3 
'McLaughlin, S.'  4 
'Steward, A.'     5 
'Reuter, N.'      6 
'Clarke, J.'      7 
'Teichmann, S.A.' 8 
# 
_citation.abstract                  . 
_citation.abstract_id_CAS           . 
_citation.book_id_ISBN              . 
_citation.book_publisher            ? 
_citation.book_publisher_city       . 
_citation.book_title                . 
_citation.coordinate_linkage        . 
_citation.country                   US 
_citation.database_id_Medline       . 
_citation.details                   . 
_citation.id                        primary 
_citation.journal_abbrev            Science 
_citation.journal_id_ASTM           SCIEAS 
_citation.journal_id_CSD            0038 
_citation.journal_id_ISSN           1095-9203 
_citation.journal_full              . 
_citation.journal_issue             . 
_citation.journal_volume            346 
_citation.language                  . 
_citation.page_first                1254346 
_citation.page_last                 1254346 
_citation.title                     'Evolution of oligomeric state through allosteric pathways that mimic ligand binding.' 
_citation.year                      2014 
_citation.database_id_CSD           . 
_citation.pdbx_database_id_DOI      10.1126/science.1254346 
_citation.pdbx_database_id_PubMed   25525255 
_citation.unpublished_flag          . 
# 
loop_
_citation_author.citation_id 
_citation_author.name 
_citation_author.ordinal 
_citation_author.identifier_ORCID 
primary 'Perica, T.'       1  ? 
primary 'Kondo, Y.'        2  ? 
primary 'Tiwari, S.P.'     3  ? 
primary 'McLaughlin, S.H.' 4  ? 
primary 'Kemplen, K.R.'    5  ? 
primary 'Zhang, X.'        6  ? 
primary 'Steward, A.'      7  ? 
primary 'Reuter, N.'       8  ? 
primary 'Clarke, J.'       9  ? 
primary 'Teichmann, S.A.'  10 ? 
# 
_cell.entry_id           4P82 
_cell.length_a           76.540 
_cell.length_b           57.600 
_cell.length_c           54.770 
_cell.angle_alpha        90.00 
_cell.angle_beta         128.39 
_cell.angle_gamma        90.00 
_cell.Z_PDB              4 
_cell.pdbx_unique_axis   ? 
# 
_symmetry.entry_id                         4P82 
_symmetry.cell_setting                     . 
_symmetry.Int_Tables_number                5 
_symmetry.space_group_name_Hall            . 
_symmetry.space_group_name_H-M             'C 1 2 1' 
_symmetry.pdbx_full_space_group_name_H-M   . 
# 
loop_
_entity.id 
_entity.type 
_entity.src_method 
_entity.pdbx_description 
_entity.formula_weight 
_entity.pdbx_number_of_molecules 
_entity.pdbx_ec 
_entity.pdbx_mutation 
_entity.pdbx_fragment 
_entity.details 
1 polymer     man 'Bifunctional protein PyrR' 20432.395 1   2.4.2.9 ? ? ? 
2 non-polymer syn 'SULFATE ION'               96.063    1   ?       ? ? ? 
3 water       nat water                       18.015    153 ?       ? ? ? 
# 
_entity_poly.entity_id                      1 
_entity_poly.type                           'polypeptide(L)' 
_entity_poly.nstd_linkage                   no 
_entity_poly.nstd_monomer                   no 
_entity_poly.pdbx_seq_one_letter_code       
;GSNQKAVILDEQAIRRALTRIAHEMIERNKGMNNCILVGIKTRGIYLAKRLAERIEQIEGNPVTVGEIDITLYRDDLSKK
TSNDEPLVKGADIPVDITDQKVILVDDVLYTGRTVRAGMDALVDVGRPSSIQLAVLVDRGHRELPIRADYIGKNIPTSKS
EKVMVQLDEVDQNDLVAIYENEK
;
_entity_poly.pdbx_seq_one_letter_code_can   
;GSNQKAVILDEQAIRRALTRIAHEMIERNKGMNNCILVGIKTRGIYLAKRLAERIEQIEGNPVTVGEIDITLYRDDLSKK
TSNDEPLVKGADIPVDITDQKVILVDDVLYTGRTVRAGMDALVDVGRPSSIQLAVLVDRGHRELPIRADYIGKNIPTSKS
EKVMVQLDEVDQNDLVAIYENEK
;
_entity_poly.pdbx_strand_id                 A 
_entity_poly.pdbx_target_identifier         ? 
# 
loop_
_entity_poly_seq.entity_id 
_entity_poly_seq.num 
_entity_poly_seq.mon_id 
_entity_poly_seq.hetero 
1 1   GLY n 
1 2   SER n 
1 3   ASN n 
1 4   GLN n 
1 5   LYS n 
1 6   ALA n 
1 7   VAL n 
1 8   ILE n 
1 9   LEU n 
1 10  ASP n 
1 11  GLU n 
1 12  GLN n 
1 13  ALA n 
1 14  ILE n 
1 15  ARG n 
1 16  ARG n 
1 17  ALA n 
1 18  LEU n 
1 19  THR n 
1 20  ARG n 
1 21  ILE n 
1 22  ALA n 
1 23  HIS n 
1 24  GLU n 
1 25  MET n 
1 26  ILE n 
1 27  GLU n 
1 28  ARG n 
1 29  ASN n 
1 30  LYS n 
1 31  GLY n 
1 32  MET n 
1 33  ASN n 
1 34  ASN n 
1 35  CYS n 
1 36  ILE n 
1 37  LEU n 
1 38  VAL n 
1 39  GLY n 
1 40  ILE n 
1 41  LYS n 
1 42  THR n 
1 43  ARG n 
1 44  GLY n 
1 45  ILE n 
1 46  TYR n 
1 47  LEU n 
1 48  ALA n 
1 49  LYS n 
1 50  ARG n 
1 51  LEU n 
1 52  ALA n 
1 53  GLU n 
1 54  ARG n 
1 55  ILE n 
1 56  GLU n 
1 57  GLN n 
1 58  ILE n 
1 59  GLU n 
1 60  GLY n 
1 61  ASN n 
1 62  PRO n 
1 63  VAL n 
1 64  THR n 
1 65  VAL n 
1 66  GLY n 
1 67  GLU n 
1 68  ILE n 
1 69  ASP n 
1 70  ILE n 
1 71  THR n 
1 72  LEU n 
1 73  TYR n 
1 74  ARG n 
1 75  ASP n 
1 76  ASP n 
1 77  LEU n 
1 78  SER n 
1 79  LYS n 
1 80  LYS n 
1 81  THR n 
1 82  SER n 
1 83  ASN n 
1 84  ASP n 
1 85  GLU n 
1 86  PRO n 
1 87  LEU n 
1 88  VAL n 
1 89  LYS n 
1 90  GLY n 
1 91  ALA n 
1 92  ASP n 
1 93  ILE n 
1 94  PRO n 
1 95  VAL n 
1 96  ASP n 
1 97  ILE n 
1 98  THR n 
1 99  ASP n 
1 100 GLN n 
1 101 LYS n 
1 102 VAL n 
1 103 ILE n 
1 104 LEU n 
1 105 VAL n 
1 106 ASP n 
1 107 ASP n 
1 108 VAL n 
1 109 LEU n 
1 110 TYR n 
1 111 THR n 
1 112 GLY n 
1 113 ARG n 
1 114 THR n 
1 115 VAL n 
1 116 ARG n 
1 117 ALA n 
1 118 GLY n 
1 119 MET n 
1 120 ASP n 
1 121 ALA n 
1 122 LEU n 
1 123 VAL n 
1 124 ASP n 
1 125 VAL n 
1 126 GLY n 
1 127 ARG n 
1 128 PRO n 
1 129 SER n 
1 130 SER n 
1 131 ILE n 
1 132 GLN n 
1 133 LEU n 
1 134 ALA n 
1 135 VAL n 
1 136 LEU n 
1 137 VAL n 
1 138 ASP n 
1 139 ARG n 
1 140 GLY n 
1 141 HIS n 
1 142 ARG n 
1 143 GLU n 
1 144 LEU n 
1 145 PRO n 
1 146 ILE n 
1 147 ARG n 
1 148 ALA n 
1 149 ASP n 
1 150 TYR n 
1 151 ILE n 
1 152 GLY n 
1 153 LYS n 
1 154 ASN n 
1 155 ILE n 
1 156 PRO n 
1 157 THR n 
1 158 SER n 
1 159 LYS n 
1 160 SER n 
1 161 GLU n 
1 162 LYS n 
1 163 VAL n 
1 164 MET n 
1 165 VAL n 
1 166 GLN n 
1 167 LEU n 
1 168 ASP n 
1 169 GLU n 
1 170 VAL n 
1 171 ASP n 
1 172 GLN n 
1 173 ASN n 
1 174 ASP n 
1 175 LEU n 
1 176 VAL n 
1 177 ALA n 
1 178 ILE n 
1 179 TYR n 
1 180 GLU n 
1 181 ASN n 
1 182 GLU n 
1 183 LYS n 
# 
_entity_src_gen.entity_id                          1 
_entity_src_gen.pdbx_src_id                        1 
_entity_src_gen.pdbx_alt_source_flag               sample 
_entity_src_gen.pdbx_seq_type                      'Biological sequence' 
_entity_src_gen.pdbx_beg_seq_num                   1 
_entity_src_gen.pdbx_end_seq_num                   180 
_entity_src_gen.gene_src_common_name               ? 
_entity_src_gen.gene_src_genus                     ? 
_entity_src_gen.pdbx_gene_src_gene                 'pyrR, BSU15470' 
_entity_src_gen.gene_src_species                   ? 
_entity_src_gen.gene_src_strain                    168 
_entity_src_gen.gene_src_tissue                    ? 
_entity_src_gen.gene_src_tissue_fraction           ? 
_entity_src_gen.gene_src_details                   ? 
_entity_src_gen.pdbx_gene_src_fragment             ? 
_entity_src_gen.pdbx_gene_src_scientific_name      'Bacillus subtilis' 
_entity_src_gen.pdbx_gene_src_ncbi_taxonomy_id     224308 
_entity_src_gen.pdbx_gene_src_variant              ? 
_entity_src_gen.pdbx_gene_src_cell_line            ? 
_entity_src_gen.pdbx_gene_src_atcc                 ? 
_entity_src_gen.pdbx_gene_src_organ                ? 
_entity_src_gen.pdbx_gene_src_organelle            ? 
_entity_src_gen.pdbx_gene_src_cell                 ? 
_entity_src_gen.pdbx_gene_src_cellular_location    ? 
_entity_src_gen.host_org_common_name               ? 
_entity_src_gen.pdbx_host_org_scientific_name      'Escherichia coli BL21(DE3)' 
_entity_src_gen.pdbx_host_org_ncbi_taxonomy_id     469008 
_entity_src_gen.host_org_genus                     ? 
_entity_src_gen.pdbx_host_org_gene                 ? 
_entity_src_gen.pdbx_host_org_organ                ? 
_entity_src_gen.host_org_species                   ? 
_entity_src_gen.pdbx_host_org_tissue               ? 
_entity_src_gen.pdbx_host_org_tissue_fraction      ? 
_entity_src_gen.pdbx_host_org_strain               ? 
_entity_src_gen.pdbx_host_org_variant              C41 
_entity_src_gen.pdbx_host_org_cell_line            ? 
_entity_src_gen.pdbx_host_org_atcc                 ? 
_entity_src_gen.pdbx_host_org_culture_collection   ? 
_entity_src_gen.pdbx_host_org_cell                 ? 
_entity_src_gen.pdbx_host_org_organelle            ? 
_entity_src_gen.pdbx_host_org_cellular_location    ? 
_entity_src_gen.pdbx_host_org_vector_type          ? 
_entity_src_gen.pdbx_host_org_vector               ? 
_entity_src_gen.host_org_details                   ? 
_entity_src_gen.expression_system_id               ? 
_entity_src_gen.plasmid_name                       pRSET 
_entity_src_gen.plasmid_details                    ? 
_entity_src_gen.pdbx_description                   ? 
# 
_struct_ref.id                         1 
_struct_ref.db_name                    UNP 
_struct_ref.db_code                    PYRR_BACSU 
_struct_ref.pdbx_db_accession          P39765 
_struct_ref.entity_id                  1 
_struct_ref.pdbx_seq_one_letter_code   
;NQKAVILDEQAIRRALTRIAHEMIERNKGMNNCILVGIKTRGIYLAKRLAERIEQIEGNPVTVGEIDITLYRDDLSKKTS
NDEPLVKGADIPVDITDQKVILVDDVLYTGRTVRAGMDALVDVGRPSSIQLAVLVDRGHRELPIRADYIGKNIPTSKSEK
VMVQLDEVDQNDLVAIYE
;
_struct_ref.pdbx_align_begin           2 
_struct_ref.pdbx_db_isoform            ? 
# 
_struct_ref_seq.align_id                      1 
_struct_ref_seq.ref_id                        1 
_struct_ref_seq.pdbx_PDB_id_code              4P82 
_struct_ref_seq.pdbx_strand_id                A 
_struct_ref_seq.seq_align_beg                 3 
_struct_ref_seq.pdbx_seq_align_beg_ins_code   ? 
_struct_ref_seq.seq_align_end                 180 
_struct_ref_seq.pdbx_seq_align_end_ins_code   ? 
_struct_ref_seq.pdbx_db_accession             P39765 
_struct_ref_seq.db_align_beg                  2 
_struct_ref_seq.pdbx_db_align_beg_ins_code    ? 
_struct_ref_seq.db_align_end                  179 
_struct_ref_seq.pdbx_db_align_end_ins_code    ? 
_struct_ref_seq.pdbx_auth_seq_align_beg       2 
_struct_ref_seq.pdbx_auth_seq_align_end       179 
# 
loop_
_struct_ref_seq_dif.align_id 
_struct_ref_seq_dif.pdbx_pdb_id_code 
_struct_ref_seq_dif.mon_id 
_struct_ref_seq_dif.pdbx_pdb_strand_id 
_struct_ref_seq_dif.seq_num 
_struct_ref_seq_dif.pdbx_pdb_ins_code 
_struct_ref_seq_dif.pdbx_seq_db_name 
_struct_ref_seq_dif.pdbx_seq_db_accession_code 
_struct_ref_seq_dif.db_mon_id 
_struct_ref_seq_dif.pdbx_seq_db_seq_num 
_struct_ref_seq_dif.details 
_struct_ref_seq_dif.pdbx_auth_seq_num 
_struct_ref_seq_dif.pdbx_ordinal 
1 4P82 GLY A 1   ? UNP P39765 ? ? 'expression tag' 0   1 
1 4P82 SER A 2   ? UNP P39765 ? ? 'expression tag' 1   2 
1 4P82 ASN A 181 ? UNP P39765 ? ? 'expression tag' 180 3 
1 4P82 GLU A 182 ? UNP P39765 ? ? 'expression tag' 181 4 
1 4P82 LYS A 183 ? UNP P39765 ? ? 'expression tag' 182 5 
# 
loop_
_chem_comp.id 
_chem_comp.type 
_chem_comp.mon_nstd_flag 
_chem_comp.name 
_chem_comp.pdbx_synonyms 
_chem_comp.formula 
_chem_comp.formula_weight 
ALA 'L-peptide linking' y ALANINE         ? 'C3 H7 N O2'     89.093  
ARG 'L-peptide linking' y ARGININE        ? 'C6 H15 N4 O2 1' 175.209 
ASN 'L-peptide linking' y ASPARAGINE      ? 'C4 H8 N2 O3'    132.118 
ASP 'L-peptide linking' y 'ASPARTIC ACID' ? 'C4 H7 N O4'     133.103 
CYS 'L-peptide linking' y CYSTEINE        ? 'C3 H7 N O2 S'   121.158 
GLN 'L-peptide linking' y GLUTAMINE       ? 'C5 H10 N2 O3'   146.144 
GLU 'L-peptide linking' y 'GLUTAMIC ACID' ? 'C5 H9 N O4'     147.129 
GLY 'peptide linking'   y GLYCINE         ? 'C2 H5 N O2'     75.067  
HIS 'L-peptide linking' y HISTIDINE       ? 'C6 H10 N3 O2 1' 156.162 
HOH non-polymer         . WATER           ? 'H2 O'           18.015  
ILE 'L-peptide linking' y ISOLEUCINE      ? 'C6 H13 N O2'    131.173 
LEU 'L-peptide linking' y LEUCINE         ? 'C6 H13 N O2'    131.173 
LYS 'L-peptide linking' y LYSINE          ? 'C6 H15 N2 O2 1' 147.195 
MET 'L-peptide linking' y METHIONINE      ? 'C5 H11 N O2 S'  149.211 
PRO 'L-peptide linking' y PROLINE         ? 'C5 H9 N O2'     115.130 
SER 'L-peptide linking' y SERINE          ? 'C3 H7 N O3'     105.093 
SO4 non-polymer         . 'SULFATE ION'   ? 'O4 S -2'        96.063  
THR 'L-peptide linking' y THREONINE       ? 'C4 H9 N O3'     119.119 
TYR 'L-peptide linking' y TYROSINE        ? 'C9 H11 N O3'    181.189 
VAL 'L-peptide linking' y VALINE          ? 'C5 H11 N O2'    117.146 
# 
_exptl.absorpt_coefficient_mu     . 
_exptl.absorpt_correction_T_max   . 
_exptl.absorpt_correction_T_min   . 
_exptl.absorpt_correction_type    . 
_exptl.absorpt_process_details    . 
_exptl.entry_id                   4P82 
_exptl.crystals_number            . 
_exptl.details                    . 
_exptl.method                     'X-RAY DIFFRACTION' 
_exptl.method_details             . 
# 
_exptl_crystal.colour                      . 
_exptl_crystal.density_diffrn              . 
_exptl_crystal.density_Matthews            2.32 
_exptl_crystal.density_method              . 
_exptl_crystal.density_percent_sol         46.88 
_exptl_crystal.description                 . 
_exptl_crystal.F_000                       . 
_exptl_crystal.id                          1 
_exptl_crystal.preparation                 . 
_exptl_crystal.size_max                    . 
_exptl_crystal.size_mid                    . 
_exptl_crystal.size_min                    . 
_exptl_crystal.size_rad                    . 
_exptl_crystal.colour_lustre               . 
_exptl_crystal.colour_modifier             . 
_exptl_crystal.colour_primary              . 
_exptl_crystal.density_meas                . 
_exptl_crystal.density_meas_esd            . 
_exptl_crystal.density_meas_gt             . 
_exptl_crystal.density_meas_lt             . 
_exptl_crystal.density_meas_temp           . 
_exptl_crystal.density_meas_temp_esd       . 
_exptl_crystal.density_meas_temp_gt        . 
_exptl_crystal.density_meas_temp_lt        . 
_exptl_crystal.pdbx_crystal_image_url      . 
_exptl_crystal.pdbx_crystal_image_format   . 
_exptl_crystal.pdbx_mosaicity              . 
_exptl_crystal.pdbx_mosaicity_esd          . 
# 
_exptl_crystal_grow.apparatus       . 
_exptl_crystal_grow.atmosphere      . 
_exptl_crystal_grow.crystal_id      1 
_exptl_crystal_grow.details         . 
_exptl_crystal_grow.method          'VAPOR DIFFUSION, SITTING DROP' 
_exptl_crystal_grow.method_ref      . 
_exptl_crystal_grow.pH              4.5 
_exptl_crystal_grow.pressure        . 
_exptl_crystal_grow.pressure_esd    . 
_exptl_crystal_grow.seeding         . 
_exptl_crystal_grow.seeding_ref     . 
_exptl_crystal_grow.temp            293 
_exptl_crystal_grow.temp_details    . 
_exptl_crystal_grow.temp_esd        . 
_exptl_crystal_grow.time            . 
_exptl_crystal_grow.pdbx_details    '2.5 M NaCl, 0.1M Acetate pH 4.5, 0.2M Li2SO4' 
_exptl_crystal_grow.pdbx_pH_range   . 
# 
_diffrn.ambient_environment    . 
_diffrn.ambient_temp           100 
_diffrn.ambient_temp_details   . 
_diffrn.ambient_temp_esd       . 
_diffrn.crystal_id             1 
_diffrn.crystal_support        . 
_diffrn.crystal_treatment      . 
_diffrn.details                . 
_diffrn.id                     1 
_diffrn.ambient_pressure       . 
_diffrn.ambient_pressure_esd   . 
_diffrn.ambient_pressure_gt    . 
_diffrn.ambient_pressure_lt    . 
_diffrn.ambient_temp_gt        . 
_diffrn.ambient_temp_lt        . 
# 
_diffrn_detector.details                      . 
_diffrn_detector.detector                     PIXEL 
_diffrn_detector.diffrn_id                    1 
_diffrn_detector.type                         'DECTRIS PILATUS 2M' 
_diffrn_detector.area_resol_mean              . 
_diffrn_detector.dtime                        . 
_diffrn_detector.pdbx_frames_total            . 
_diffrn_detector.pdbx_collection_time_total   . 
_diffrn_detector.pdbx_collection_date         2013-05-06 
# 
_diffrn_radiation.collimation                      . 
_diffrn_radiation.diffrn_id                        1 
_diffrn_radiation.filter_edge                      . 
_diffrn_radiation.inhomogeneity                    . 
_diffrn_radiation.monochromator                    . 
_diffrn_radiation.polarisn_norm                    . 
_diffrn_radiation.polarisn_ratio                   . 
_diffrn_radiation.probe                            . 
_diffrn_radiation.type                             . 
_diffrn_radiation.xray_symbol                      . 
_diffrn_radiation.wavelength_id                    1 
_diffrn_radiation.pdbx_monochromatic_or_laue_m_l   M 
_diffrn_radiation.pdbx_wavelength_list             . 
_diffrn_radiation.pdbx_wavelength                  . 
_diffrn_radiation.pdbx_diffrn_protocol             'SINGLE WAVELENGTH' 
_diffrn_radiation.pdbx_analyzer                    . 
_diffrn_radiation.pdbx_scattering_type             x-ray 
# 
_diffrn_radiation_wavelength.id           1 
_diffrn_radiation_wavelength.wavelength   0.92 
_diffrn_radiation_wavelength.wt           1.0 
# 
_diffrn_source.current                     . 
_diffrn_source.details                     . 
_diffrn_source.diffrn_id                   1 
_diffrn_source.power                       . 
_diffrn_source.size                        . 
_diffrn_source.source                      SYNCHROTRON 
_diffrn_source.target                      . 
_diffrn_source.type                        'DIAMOND BEAMLINE I04-1' 
_diffrn_source.voltage                     . 
_diffrn_source.take-off_angle              . 
_diffrn_source.pdbx_wavelength_list        0.92 
_diffrn_source.pdbx_wavelength             . 
_diffrn_source.pdbx_synchrotron_beamline   I04-1 
_diffrn_source.pdbx_synchrotron_site       Diamond 
# 
_reflns.B_iso_Wilson_estimate            . 
_reflns.entry_id                         4P82 
_reflns.data_reduction_details           . 
_reflns.data_reduction_method            . 
_reflns.d_resolution_high                1.30 
_reflns.d_resolution_low                 42.93 
_reflns.details                          . 
_reflns.limit_h_max                      . 
_reflns.limit_h_min                      . 
_reflns.limit_k_max                      . 
_reflns.limit_k_min                      . 
_reflns.limit_l_max                      . 
_reflns.limit_l_min                      . 
_reflns.number_all                       . 
_reflns.number_obs                       42730 
_reflns.observed_criterion               . 
_reflns.observed_criterion_F_max         . 
_reflns.observed_criterion_F_min         . 
_reflns.observed_criterion_I_max         . 
_reflns.observed_criterion_I_min         . 
_reflns.observed_criterion_sigma_F       . 
_reflns.observed_criterion_sigma_I       . 
_reflns.percent_possible_obs             98.2 
_reflns.R_free_details                   . 
_reflns.Rmerge_F_all                     . 
_reflns.Rmerge_F_obs                     . 
_reflns.Friedel_coverage                 . 
_reflns.number_gt                        . 
_reflns.threshold_expression             . 
_reflns.pdbx_redundancy                  3.4 
_reflns.pdbx_Rmerge_I_obs                . 
_reflns.pdbx_Rmerge_I_all                . 
_reflns.pdbx_Rsym_value                  . 
_reflns.pdbx_netI_over_av_sigmaI         . 
_reflns.pdbx_netI_over_sigmaI            9.5 
_reflns.pdbx_res_netI_over_av_sigmaI_2   . 
_reflns.pdbx_res_netI_over_sigmaI_2      . 
_reflns.pdbx_chi_squared                 . 
_reflns.pdbx_scaling_rejects             . 
_reflns.pdbx_d_res_high_opt              . 
_reflns.pdbx_d_res_low_opt               . 
_reflns.pdbx_d_res_opt_method            . 
_reflns.phase_calculation_details        . 
_reflns.pdbx_Rrim_I_all                  . 
_reflns.pdbx_Rpim_I_all                  . 
_reflns.pdbx_d_opt                       . 
_reflns.pdbx_number_measured_all         . 
_reflns.pdbx_diffrn_id                   1 
_reflns.pdbx_ordinal                     1 
# 
_reflns_shell.Rmerge_F_all                ? 
_reflns_shell.Rmerge_F_gt                 ? 
_reflns_shell.Rmerge_F_obs                ? 
_reflns_shell.Rmerge_I_all                ? 
_reflns_shell.Rmerge_I_gt                 ? 
_reflns_shell.Rmerge_I_obs                0.453 
_reflns_shell.d_res_high                  1.30 
_reflns_shell.d_res_low                   1.33 
_reflns_shell.meanI_over_sigI_all         ? 
_reflns_shell.meanI_over_sigI_gt          ? 
_reflns_shell.meanI_over_sigI_obs         2.3 
_reflns_shell.meanI_over_uI_all           ? 
_reflns_shell.meanI_over_uI_gt            ? 
_reflns_shell.number_measured_all         ? 
_reflns_shell.number_measured_gt          ? 
_reflns_shell.number_measured_obs         ? 
_reflns_shell.number_possible             ? 
_reflns_shell.number_unique_all           ? 
_reflns_shell.number_unique_gt            ? 
_reflns_shell.number_unique_obs           ? 
_reflns_shell.pdbx_CC_half                ? 
_reflns_shell.pdbx_R_split                ? 
_reflns_shell.pdbx_Rpim_I_all             ? 
_reflns_shell.pdbx_Rrim_I_all             ? 
_reflns_shell.pdbx_Rsym_value             ? 
_reflns_shell.pdbx_chi_squared            ? 
_reflns_shell.pdbx_diffrn_id              ? 
_reflns_shell.pdbx_netI_over_sigmaI_all   ? 
_reflns_shell.pdbx_netI_over_sigmaI_obs   ? 
_reflns_shell.pdbx_ordinal                1 
_reflns_shell.pdbx_redundancy             3.4 
_reflns_shell.pdbx_rejects                ? 
_reflns_shell.percent_possible_all        96.1 
_reflns_shell.percent_possible_gt         ? 
_reflns_shell.percent_possible_obs        ? 
# 
_refine.aniso_B[1][1]                            -0.13 
_refine.aniso_B[1][2]                            0.00 
_refine.aniso_B[1][3]                            -0.00 
_refine.aniso_B[2][2]                            0.18 
_refine.aniso_B[2][3]                            0.00 
_refine.aniso_B[3][3]                            -0.02 
_refine.B_iso_max                                . 
_refine.B_iso_mean                               19.313 
_refine.B_iso_min                                . 
_refine.correlation_coeff_Fo_to_Fc               0.967 
_refine.correlation_coeff_Fo_to_Fc_free          0.958 
_refine.details                                  'HYDROGENS HAVE BEEN ADDED IN THE RIDING POSITIONS' 
_refine.diff_density_max                         . 
_refine.diff_density_max_esd                     . 
_refine.diff_density_min                         . 
_refine.diff_density_min_esd                     . 
_refine.diff_density_rms                         . 
_refine.diff_density_rms_esd                     . 
_refine.entry_id                                 4P82 
_refine.pdbx_refine_id                           'X-RAY DIFFRACTION' 
_refine.ls_abs_structure_details                 . 
_refine.ls_abs_structure_Flack                   . 
_refine.ls_abs_structure_Flack_esd               . 
_refine.ls_abs_structure_Rogers                  . 
_refine.ls_abs_structure_Rogers_esd              . 
_refine.ls_d_res_high                            1.30 
_refine.ls_d_res_low                             42.93 
_refine.ls_extinction_coef                       . 
_refine.ls_extinction_coef_esd                   . 
_refine.ls_extinction_expression                 . 
_refine.ls_extinction_method                     . 
_refine.ls_goodness_of_fit_all                   . 
_refine.ls_goodness_of_fit_all_esd               . 
_refine.ls_goodness_of_fit_obs                   . 
_refine.ls_goodness_of_fit_obs_esd               . 
_refine.ls_hydrogen_treatment                    . 
_refine.ls_matrix_type                           . 
_refine.ls_number_constraints                    . 
_refine.ls_number_parameters                     . 
_refine.ls_number_reflns_all                     . 
_refine.ls_number_reflns_obs                     42730 
_refine.ls_number_reflns_R_free                  2272 
_refine.ls_number_reflns_R_work                  . 
_refine.ls_number_restraints                     . 
_refine.ls_percent_reflns_obs                    98.08 
_refine.ls_percent_reflns_R_free                 5.0 
_refine.ls_R_factor_all                          . 
_refine.ls_R_factor_obs                          0.18014 
_refine.ls_R_factor_R_free                       0.20571 
_refine.ls_R_factor_R_free_error                 . 
_refine.ls_R_factor_R_free_error_details         . 
_refine.ls_R_factor_R_work                       0.17882 
_refine.ls_R_Fsqd_factor_obs                     . 
_refine.ls_R_I_factor_obs                        . 
_refine.ls_redundancy_reflns_all                 . 
_refine.ls_redundancy_reflns_obs                 . 
_refine.ls_restrained_S_all                      . 
_refine.ls_restrained_S_obs                      . 
_refine.ls_shift_over_esd_max                    . 
_refine.ls_shift_over_esd_mean                   . 
_refine.ls_structure_factor_coef                 . 
_refine.ls_weighting_details                     . 
_refine.ls_weighting_scheme                      . 
_refine.ls_wR_factor_all                         . 
_refine.ls_wR_factor_obs                         . 
_refine.ls_wR_factor_R_free                      . 
_refine.ls_wR_factor_R_work                      . 
_refine.occupancy_max                            . 
_refine.occupancy_min                            . 
_refine.solvent_model_details                    MASK 
_refine.solvent_model_param_bsol                 . 
_refine.solvent_model_param_ksol                 . 
_refine.ls_R_factor_gt                           . 
_refine.ls_goodness_of_fit_gt                    . 
_refine.ls_goodness_of_fit_ref                   . 
_refine.ls_shift_over_su_max                     . 
_refine.ls_shift_over_su_max_lt                  . 
_refine.ls_shift_over_su_mean                    . 
_refine.ls_shift_over_su_mean_lt                 . 
_refine.pdbx_ls_sigma_I                          . 
_refine.pdbx_ls_sigma_F                          . 
_refine.pdbx_ls_sigma_Fsqd                       . 
_refine.pdbx_data_cutoff_high_absF               . 
_refine.pdbx_data_cutoff_high_rms_absF           . 
_refine.pdbx_data_cutoff_low_absF                . 
_refine.pdbx_isotropic_thermal_model             . 
_refine.pdbx_ls_cross_valid_method               THROUGHOUT 
_refine.pdbx_method_to_determine_struct          'MOLECULAR REPLACEMENT' 
_refine.pdbx_starting_model                      1a3c 
_refine.pdbx_stereochemistry_target_values       'MAXIMUM LIKELIHOOD' 
_refine.pdbx_R_Free_selection_details            RANDOM 
_refine.pdbx_stereochem_target_val_spec_case     . 
_refine.pdbx_overall_ESU_R                       0.051 
_refine.pdbx_overall_ESU_R_Free                  0.054 
_refine.pdbx_solvent_vdw_probe_radii             1.20 
_refine.pdbx_solvent_ion_probe_radii             0.80 
_refine.pdbx_solvent_shrinkage_radii             0.80 
_refine.pdbx_real_space_R                        . 
_refine.pdbx_density_correlation                 . 
_refine.pdbx_pd_number_of_powder_patterns        . 
_refine.pdbx_pd_number_of_points                 . 
_refine.pdbx_pd_meas_number_of_points            . 
_refine.pdbx_pd_proc_ls_prof_R_factor            . 
_refine.pdbx_pd_proc_ls_prof_wR_factor           . 
_refine.pdbx_pd_Marquardt_correlation_coeff      . 
_refine.pdbx_pd_Fsqrd_R_factor                   . 
_refine.pdbx_pd_ls_matrix_band_width             . 
_refine.pdbx_overall_phase_error                 . 
_refine.pdbx_overall_SU_R_free_Cruickshank_DPI   . 
_refine.pdbx_overall_SU_R_free_Blow_DPI          . 
_refine.pdbx_overall_SU_R_Blow_DPI               . 
_refine.pdbx_TLS_residual_ADP_flag               . 
_refine.pdbx_diffrn_id                           1 
_refine.overall_SU_B                             0.898 
_refine.overall_SU_ML                            0.038 
_refine.overall_SU_R_Cruickshank_DPI             . 
_refine.overall_SU_R_free                        . 
_refine.overall_FOM_free_R_set                   . 
_refine.overall_FOM_work_R_set                   . 
# 
_refine_hist.pdbx_refine_id                   'X-RAY DIFFRACTION' 
_refine_hist.cycle_id                         1 
_refine_hist.pdbx_number_atoms_protein        1404 
_refine_hist.pdbx_number_atoms_nucleic_acid   0 
_refine_hist.pdbx_number_atoms_ligand         5 
_refine_hist.number_atoms_solvent             153 
_refine_hist.number_atoms_total               1562 
_refine_hist.d_res_high                       1.30 
_refine_hist.d_res_low                        42.93 
# 
loop_
_refine_ls_restr.pdbx_refine_id 
_refine_ls_restr.criterion 
_refine_ls_restr.dev_ideal 
_refine_ls_restr.dev_ideal_target 
_refine_ls_restr.number 
_refine_ls_restr.rejects 
_refine_ls_restr.type 
_refine_ls_restr.weight 
_refine_ls_restr.pdbx_restraint_function 
'X-RAY DIFFRACTION' . 0.027  0.019  1518 . r_bond_refined_d             . . 
'X-RAY DIFFRACTION' . 0.002  0.020  1519 . r_bond_other_d               . . 
'X-RAY DIFFRACTION' . 2.398  1.988  2068 . r_angle_refined_deg          . . 
'X-RAY DIFFRACTION' . 0.983  3.000  3499 . r_angle_other_deg            . . 
'X-RAY DIFFRACTION' . 6.179  5.000  201  . r_dihedral_angle_1_deg       . . 
'X-RAY DIFFRACTION' . 37.170 24.658 73   . r_dihedral_angle_2_deg       . . 
'X-RAY DIFFRACTION' . 15.354 15.000 295  . r_dihedral_angle_3_deg       . . 
'X-RAY DIFFRACTION' . 17.957 15.000 16   . r_dihedral_angle_4_deg       . . 
'X-RAY DIFFRACTION' . 0.133  0.200  244  . r_chiral_restr               . . 
'X-RAY DIFFRACTION' . 0.012  0.020  1758 . r_gen_planes_refined         . . 
'X-RAY DIFFRACTION' . 0.002  0.020  318  . r_gen_planes_other           . . 
'X-RAY DIFFRACTION' . .      .      .    . r_nbd_refined                . . 
'X-RAY DIFFRACTION' . .      .      .    . r_nbd_other                  . . 
'X-RAY DIFFRACTION' . .      .      .    . r_nbtor_refined              . . 
'X-RAY DIFFRACTION' . .      .      .    . r_nbtor_other                . . 
'X-RAY DIFFRACTION' . .      .      .    . r_xyhbond_nbd_refined        . . 
'X-RAY DIFFRACTION' . .      .      .    . r_xyhbond_nbd_other          . . 
'X-RAY DIFFRACTION' . .      .      .    . r_metal_ion_refined          . . 
'X-RAY DIFFRACTION' . .      .      .    . r_metal_ion_other            . . 
'X-RAY DIFFRACTION' . .      .      .    . r_symmetry_vdw_refined       . . 
'X-RAY DIFFRACTION' . .      .      .    . r_symmetry_vdw_other         . . 
'X-RAY DIFFRACTION' . .      .      .    . r_symmetry_hbond_refined     . . 
'X-RAY DIFFRACTION' . .      .      .    . r_symmetry_hbond_other       . . 
'X-RAY DIFFRACTION' . .      .      .    . r_symmetry_metal_ion_refined . . 
'X-RAY DIFFRACTION' . .      .      .    . r_symmetry_metal_ion_other   . . 
'X-RAY DIFFRACTION' . 2.552  1.628  765  . r_mcbond_it                  . . 
'X-RAY DIFFRACTION' . 2.533  1.625  764  . r_mcbond_other               . . 
'X-RAY DIFFRACTION' . 3.934  2.438  970  . r_mcangle_it                 . . 
'X-RAY DIFFRACTION' . 3.932  2.441  971  . r_mcangle_other              . . 
'X-RAY DIFFRACTION' . 3.703  2.003  751  . r_scbond_it                  . . 
'X-RAY DIFFRACTION' . 3.707  2.011  748  . r_scbond_other               . . 
'X-RAY DIFFRACTION' . .      .      .    . r_scangle_it                 . . 
'X-RAY DIFFRACTION' . 5.592  2.851  1088 . r_scangle_other              . . 
'X-RAY DIFFRACTION' . 8.054  14.108 1740 . r_long_range_B_refined       . . 
'X-RAY DIFFRACTION' . 7.865  13.584 1689 . r_long_range_B_other         . . 
'X-RAY DIFFRACTION' . .      .      .    . r_rigid_bond_restr           . . 
'X-RAY DIFFRACTION' . .      .      .    . r_sphericity_free            . . 
'X-RAY DIFFRACTION' . .      .      .    . r_sphericity_bonded          . . 
# 
_refine_ls_shell.pdbx_refine_id                   'X-RAY DIFFRACTION' 
_refine_ls_shell.d_res_high                       1.300 
_refine_ls_shell.d_res_low                        1.334 
_refine_ls_shell.number_reflns_all                . 
_refine_ls_shell.number_reflns_obs                . 
_refine_ls_shell.number_reflns_R_free             160 
_refine_ls_shell.number_reflns_R_work             3089 
_refine_ls_shell.percent_reflns_obs               95.81 
_refine_ls_shell.percent_reflns_R_free            . 
_refine_ls_shell.R_factor_all                     . 
_refine_ls_shell.R_factor_obs                     . 
_refine_ls_shell.R_factor_R_free                  0.317 
_refine_ls_shell.R_factor_R_free_error            . 
_refine_ls_shell.R_factor_R_work                  0.263 
_refine_ls_shell.redundancy_reflns_all            . 
_refine_ls_shell.redundancy_reflns_obs            . 
_refine_ls_shell.wR_factor_all                    . 
_refine_ls_shell.wR_factor_obs                    . 
_refine_ls_shell.wR_factor_R_free                 . 
_refine_ls_shell.wR_factor_R_work                 . 
_refine_ls_shell.pdbx_total_number_of_bins_used   20 
_refine_ls_shell.pdbx_phase_error                 . 
# 
_struct.entry_id                     4P82 
_struct.title                        'Structure of PyrR protein from Bacillus subtilis' 
_struct.pdbx_model_details           . 
_struct.pdbx_formula_weight          . 
_struct.pdbx_formula_weight_method   . 
_struct.pdbx_model_type_details      . 
_struct.pdbx_CASP_flag               . 
# 
_struct_keywords.entry_id        4P82 
_struct_keywords.text            'RNA binding proteins, reconstructed amino acid sequence, UNKNOWN FUNCTION' 
_struct_keywords.pdbx_keywords   'UNKNOWN FUNCTION' 
# 
loop_
_struct_asym.id 
_struct_asym.pdbx_blank_PDB_chainid_flag 
_struct_asym.pdbx_modified 
_struct_asym.entity_id 
_struct_asym.details 
A N N 1 ? 
B N N 2 ? 
C N N 3 ? 
# 
loop_
_struct_conf.conf_type_id 
_struct_conf.id 
_struct_conf.pdbx_PDB_helix_id 
_struct_conf.beg_label_comp_id 
_struct_conf.beg_label_asym_id 
_struct_conf.beg_label_seq_id 
_struct_conf.pdbx_beg_PDB_ins_code 
_struct_conf.end_label_comp_id 
_struct_conf.end_label_asym_id 
_struct_conf.end_label_seq_id 
_struct_conf.pdbx_end_PDB_ins_code 
_struct_conf.beg_auth_comp_id 
_struct_conf.beg_auth_asym_id 
_struct_conf.beg_auth_seq_id 
_struct_conf.end_auth_comp_id 
_struct_conf.end_auth_asym_id 
_struct_conf.end_auth_seq_id 
_struct_conf.pdbx_PDB_helix_class 
_struct_conf.details 
_struct_conf.pdbx_PDB_helix_length 
HELX_P HELX_P1 AA1 ASP A 10  ? ASN A 29  ? ASP A 9   ASN A 28  1 ? 20 
HELX_P HELX_P2 AA2 LYS A 30  ? ASN A 33  ? LYS A 29  ASN A 32  5 ? 4  
HELX_P HELX_P3 AA3 LYS A 41  ? GLY A 60  ? LYS A 40  GLY A 59  1 ? 20 
HELX_P HELX_P4 AA4 GLY A 112 ? GLY A 126 ? GLY A 111 GLY A 125 1 ? 15 
HELX_P HELX_P5 AA5 LEU A 167 ? GLN A 172 ? LEU A 166 GLN A 171 1 ? 6  
# 
_struct_conf_type.id          HELX_P 
_struct_conf_type.criteria    ? 
_struct_conf_type.reference   ? 
# 
loop_
_struct_sheet.id 
_struct_sheet.type 
_struct_sheet.number_strands 
_struct_sheet.details 
AA1 ? 3 ? 
AA2 ? 6 ? 
# 
loop_
_struct_sheet_order.sheet_id 
_struct_sheet_order.range_id_1 
_struct_sheet_order.range_id_2 
_struct_sheet_order.offset 
_struct_sheet_order.sense 
AA1 1 2 ? anti-parallel 
AA1 2 3 ? anti-parallel 
AA2 1 2 ? anti-parallel 
AA2 2 3 ? parallel      
AA2 3 4 ? parallel      
AA2 4 5 ? parallel      
AA2 5 6 ? parallel      
# 
loop_
_struct_sheet_range.sheet_id 
_struct_sheet_range.id 
_struct_sheet_range.beg_label_comp_id 
_struct_sheet_range.beg_label_asym_id 
_struct_sheet_range.beg_label_seq_id 
_struct_sheet_range.pdbx_beg_PDB_ins_code 
_struct_sheet_range.end_label_comp_id 
_struct_sheet_range.end_label_asym_id 
_struct_sheet_range.end_label_seq_id 
_struct_sheet_range.pdbx_end_PDB_ins_code 
_struct_sheet_range.beg_auth_comp_id 
_struct_sheet_range.beg_auth_asym_id 
_struct_sheet_range.beg_auth_seq_id 
_struct_sheet_range.end_auth_comp_id 
_struct_sheet_range.end_auth_asym_id 
_struct_sheet_range.end_auth_seq_id 
AA1 1 LYS A 5   ? LEU A 9   ? LYS A 4   LEU A 8   
AA1 2 LEU A 175 ? GLU A 180 ? LEU A 174 GLU A 179 
AA1 3 GLU A 161 ? GLN A 166 ? GLU A 160 GLN A 165 
AA2 1 GLU A 85  ? ASP A 92  ? GLU A 84  ASP A 91  
AA2 2 VAL A 65  ? TYR A 73  ? VAL A 64  TYR A 72  
AA2 3 CYS A 35  ? ILE A 40  ? CYS A 34  ILE A 39  
AA2 4 LYS A 101 ? LEU A 109 ? LYS A 100 LEU A 108 
AA2 5 SER A 130 ? ASP A 138 ? SER A 129 ASP A 137 
AA2 6 TYR A 150 ? ASN A 154 ? TYR A 149 ASN A 153 
# 
loop_
_pdbx_struct_sheet_hbond.sheet_id 
_pdbx_struct_sheet_hbond.range_id_1 
_pdbx_struct_sheet_hbond.range_id_2 
_pdbx_struct_sheet_hbond.range_1_label_atom_id 
_pdbx_struct_sheet_hbond.range_1_label_comp_id 
_pdbx_struct_sheet_hbond.range_1_label_asym_id 
_pdbx_struct_sheet_hbond.range_1_label_seq_id 
_pdbx_struct_sheet_hbond.range_1_PDB_ins_code 
_pdbx_struct_sheet_hbond.range_1_auth_atom_id 
_pdbx_struct_sheet_hbond.range_1_auth_comp_id 
_pdbx_struct_sheet_hbond.range_1_auth_asym_id 
_pdbx_struct_sheet_hbond.range_1_auth_seq_id 
_pdbx_struct_sheet_hbond.range_2_label_atom_id 
_pdbx_struct_sheet_hbond.range_2_label_comp_id 
_pdbx_struct_sheet_hbond.range_2_label_asym_id 
_pdbx_struct_sheet_hbond.range_2_label_seq_id 
_pdbx_struct_sheet_hbond.range_2_PDB_ins_code 
_pdbx_struct_sheet_hbond.range_2_auth_atom_id 
_pdbx_struct_sheet_hbond.range_2_auth_comp_id 
_pdbx_struct_sheet_hbond.range_2_auth_asym_id 
_pdbx_struct_sheet_hbond.range_2_auth_seq_id 
AA1 1 2 N ALA A 6   ? N ALA A 5   O ILE A 178 ? O ILE A 177 
AA1 2 3 O LEU A 175 ? O LEU A 174 N GLN A 166 ? N GLN A 165 
AA2 1 2 O GLY A 90  ? O GLY A 89  N ASP A 69  ? N ASP A 68  
AA2 2 3 O GLY A 66  ? O GLY A 65  N LEU A 37  ? N LEU A 36  
AA2 3 4 N ILE A 36  ? N ILE A 35  O ILE A 103 ? O ILE A 102 
AA2 4 5 N LEU A 104 ? N LEU A 103 O ALA A 134 ? O ALA A 133 
AA2 5 6 N VAL A 135 ? N VAL A 134 O TYR A 150 ? O TYR A 149 
# 
_struct_site.id                   AC1 
_struct_site.pdbx_evidence_code   Software 
_struct_site.pdbx_auth_asym_id    A 
_struct_site.pdbx_auth_comp_id    SO4 
_struct_site.pdbx_auth_seq_id     201 
_struct_site.pdbx_auth_ins_code   ? 
_struct_site.pdbx_num_residues    10 
_struct_site.details              'binding site for residue SO4 A 201' 
# 
loop_
_struct_site_gen.id 
_struct_site_gen.site_id 
_struct_site_gen.pdbx_num_res 
_struct_site_gen.label_comp_id 
_struct_site_gen.label_asym_id 
_struct_site_gen.label_seq_id 
_struct_site_gen.pdbx_auth_ins_code 
_struct_site_gen.auth_comp_id 
_struct_site_gen.auth_asym_id 
_struct_site_gen.auth_seq_id 
_struct_site_gen.label_atom_id 
_struct_site_gen.label_alt_id 
_struct_site_gen.symmetry 
_struct_site_gen.details 
1  AC1 10 LYS A 41  ? LYS A 40  . ? 1_555 ? 
2  AC1 10 ASP A 106 ? ASP A 105 . ? 1_555 ? 
3  AC1 10 VAL A 108 ? VAL A 107 . ? 1_555 ? 
4  AC1 10 TYR A 110 ? TYR A 109 . ? 1_555 ? 
5  AC1 10 THR A 111 ? THR A 110 . ? 1_555 ? 
6  AC1 10 GLY A 112 ? GLY A 111 . ? 1_555 ? 
7  AC1 10 ARG A 113 ? ARG A 112 . ? 1_555 ? 
8  AC1 10 THR A 114 ? THR A 113 . ? 1_555 ? 
9  AC1 10 VAL A 115 ? VAL A 114 . ? 1_555 ? 
10 AC1 10 HOH C .   ? HOH A 386 . ? 1_555 ? 
# 
_atom_sites.entry_id                    4P82 
_atom_sites.fract_transf_matrix[1][1]   0.00305534 
_atom_sites.fract_transf_matrix[1][2]   -0.01376282 
_atom_sites.fract_transf_matrix[1][3]   0.00889427 
_atom_sites.fract_transf_matrix[2][1]   0.00375768 
_atom_sites.fract_transf_matrix[2][2]   0.00978031 
_atom_sites.fract_transf_matrix[2][3]   0.01384304 
_atom_sites.fract_transf_matrix[3][1]   -0.01485620 
_atom_sites.fract_transf_matrix[3][2]   -0.01250389 
_atom_sites.fract_transf_matrix[3][3]   0.01286688 
_atom_sites.fract_transf_vector[1]      0.262167 
_atom_sites.fract_transf_vector[2]      -0.097790 
_atom_sites.fract_transf_vector[3]      0.265343 
# 
loop_
_atom_type.symbol 
C 
N 
O 
S 
# 
loop_
_atom_site.group_PDB 
_atom_site.id 
_atom_site.type_symbol 
_atom_site.label_atom_id 
_atom_site.label_alt_id 
_atom_site.label_comp_id 
_atom_site.label_asym_id 
_atom_site.label_entity_id 
_atom_site.label_seq_id 
_atom_site.pdbx_PDB_ins_code 
_atom_site.Cartn_x 
_atom_site.Cartn_y 
_atom_site.Cartn_z 
_atom_site.occupancy 
_atom_site.B_iso_or_equiv 
_atom_site.pdbx_formal_charge 
_atom_site.auth_seq_id 
_atom_site.auth_comp_id 
_atom_site.auth_asym_id 
_atom_site.auth_atom_id 
_atom_site.pdbx_PDB_model_num 
ATOM   1    N N   . SER A 1 2   ? -21.478 18.112  8.261   1.00 64.14 ? 1   SER A N   1 
ATOM   2    C CA  . SER A 1 2   ? -20.020 17.771  8.029   1.00 59.72 ? 1   SER A CA  1 
ATOM   3    C C   . SER A 1 2   ? -19.434 16.711  9.001   1.00 49.11 ? 1   SER A C   1 
ATOM   4    O O   . SER A 1 2   ? -18.256 16.283  8.829   1.00 50.27 ? 1   SER A O   1 
ATOM   5    C CB  . SER A 1 2   ? -19.146 19.053  8.068   1.00 59.43 ? 1   SER A CB  1 
ATOM   6    O OG  . SER A 1 2   ? -19.278 19.724  9.327   1.00 63.92 ? 1   SER A OG  1 
ATOM   7    N N   . ASN A 1 3   ? -20.231 16.260  9.985   1.00 40.51 ? 2   ASN A N   1 
ATOM   8    C CA  . ASN A 1 3   ? -19.688 15.421  11.050  1.00 29.07 ? 2   ASN A CA  1 
ATOM   9    C C   . ASN A 1 3   ? -19.670 13.928  10.841  1.00 22.97 ? 2   ASN A C   1 
ATOM   10   O O   . ASN A 1 3   ? -19.248 13.236  11.733  1.00 22.71 ? 2   ASN A O   1 
ATOM   11   C CB  . ASN A 1 3   ? -20.282 15.691  12.407  1.00 31.24 ? 2   ASN A CB  1 
ATOM   12   C CG  . ASN A 1 3   ? -20.294 17.148  12.742  1.00 28.63 ? 2   ASN A CG  1 
ATOM   13   O OD1 . ASN A 1 3   ? -19.335 17.853  12.468  1.00 28.74 ? 2   ASN A OD1 1 
ATOM   14   N ND2 . ASN A 1 3   ? -21.412 17.625  13.257  1.00 30.23 ? 2   ASN A ND2 1 
ATOM   15   N N   . GLN A 1 4   ? -19.972 13.445  9.635   1.00 21.30 ? 3   GLN A N   1 
ATOM   16   C CA  . GLN A 1 4   ? -19.821 12.047  9.279   1.00 24.48 ? 3   GLN A CA  1 
ATOM   17   C C   . GLN A 1 4   ? -18.536 11.777  8.424   1.00 21.21 ? 3   GLN A C   1 
ATOM   18   O O   . GLN A 1 4   ? -18.307 10.609  8.022   1.00 23.42 ? 3   GLN A O   1 
ATOM   19   C CB  . GLN A 1 4   ? -21.061 11.577  8.475   1.00 33.11 ? 3   GLN A CB  1 
ATOM   20   C CG  . GLN A 1 4   ? -22.181 11.009  9.337   1.00 39.00 ? 3   GLN A CG  1 
ATOM   21   C CD  . GLN A 1 4   ? -22.718 12.039  10.295  1.00 49.43 ? 3   GLN A CD  1 
ATOM   22   O OE1 . GLN A 1 4   ? -22.577 11.920  11.522  1.00 56.80 ? 3   GLN A OE1 1 
ATOM   23   N NE2 . GLN A 1 4   ? -23.300 13.086  9.737   1.00 49.38 ? 3   GLN A NE2 1 
ATOM   24   N N   . LYS A 1 5   ? -17.694 12.769  8.275   1.00 19.87 ? 4   LYS A N   1 
ATOM   25   C CA  . LYS A 1 5   ? -16.349 12.634  7.621   1.00 21.30 ? 4   LYS A CA  1 
ATOM   26   C C   . LYS A 1 5   ? -15.314 13.385  8.444   1.00 20.28 ? 4   LYS A C   1 
ATOM   27   O O   . LYS A 1 5   ? -15.622 14.455  9.021   1.00 23.33 ? 4   LYS A O   1 
ATOM   28   C CB  . LYS A 1 5   ? -16.415 13.255  6.260   1.00 26.63 ? 4   LYS A CB  1 
ATOM   29   C CG  . LYS A 1 5   ? -15.108 13.292  5.513   1.00 32.55 ? 4   LYS A CG  1 
ATOM   30   C CD  . LYS A 1 5   ? -15.083 14.524  4.599   1.00 40.84 ? 4   LYS A CD  1 
ATOM   31   C CE  . LYS A 1 5   ? -13.933 14.482  3.586   1.00 46.06 ? 4   LYS A CE  1 
ATOM   32   N NZ  . LYS A 1 5   ? -13.540 15.838  3.080   1.00 48.06 ? 4   LYS A NZ  1 
ATOM   33   N N   . ALA A 1 6   ? -14.080 12.897  8.572   1.00 16.67 ? 5   ALA A N   1 
ATOM   34   C CA  . ALA A 1 6   ? -12.988 13.613  9.200   1.00 14.51 ? 5   ALA A CA  1 
ATOM   35   C C   . ALA A 1 6   ? -11.718 13.324  8.418   1.00 14.36 ? 5   ALA A C   1 
ATOM   36   O O   . ALA A 1 6   ? -11.450 12.159  8.048   1.00 16.06 ? 5   ALA A O   1 
ATOM   37   C CB  . ALA A 1 6   ? -12.781 13.160  10.632  1.00 18.56 ? 5   ALA A CB  1 
ATOM   38   N N   . VAL A 1 7   ? -10.916 14.324  8.236   1.00 14.28 ? 6   VAL A N   1 
ATOM   39   C CA  . VAL A 1 7   ? -9.633  14.215  7.532   1.00 14.60 ? 6   VAL A CA  1 
ATOM   40   C C   . VAL A 1 7   ? -8.602  13.716  8.495   1.00 13.71 ? 6   VAL A C   1 
ATOM   41   O O   . VAL A 1 7   ? -8.278  14.225  9.561   1.00 15.90 ? 6   VAL A O   1 
ATOM   42   C CB  . VAL A 1 7   ? -9.190  15.564  6.938   1.00 14.84 ? 6   VAL A CB  1 
ATOM   43   C CG1 . VAL A 1 7   ? -7.783  15.441  6.264   1.00 14.55 ? 6   VAL A CG1 1 
ATOM   44   C CG2 . VAL A 1 7   ? -10.150 16.069  5.939   1.00 17.60 ? 6   VAL A CG2 1 
ATOM   45   N N   . ILE A 1 8   ? -7.998  12.557  8.066   1.00 12.19 ? 7   ILE A N   1 
ATOM   46   C CA  . ILE A 1 8   ? -6.960  11.962  8.856   1.00 13.49 ? 7   ILE A CA  1 
ATOM   47   C C   . ILE A 1 8   ? -5.504  12.150  8.269   1.00 12.44 ? 7   ILE A C   1 
ATOM   48   O O   . ILE A 1 8   ? -4.591  12.039  9.004   1.00 12.98 ? 7   ILE A O   1 
ATOM   49   C CB  . ILE A 1 8   ? -7.213  10.480  9.187   1.00 14.29 ? 7   ILE A CB  1 
ATOM   50   C CG1 . ILE A 1 8   ? -7.439  9.700   7.938   1.00 16.08 ? 7   ILE A CG1 1 
ATOM   51   C CG2 . ILE A 1 8   ? -8.423  10.364  10.210  1.00 15.25 ? 7   ILE A CG2 1 
ATOM   52   C CD1 . ILE A 1 8   ? -7.389  8.155   8.166   1.00 19.10 ? 7   ILE A CD1 1 
ATOM   53   N N   . LEU A 1 9   ? -5.444  12.421  6.976   1.00 11.92 ? 8   LEU A N   1 
ATOM   54   C CA  A LEU A 1 9   ? -4.202  12.914  6.302   0.50 12.17 ? 8   LEU A CA  1 
ATOM   55   C CA  B LEU A 1 9   ? -4.208  12.986  6.363   0.50 14.20 ? 8   LEU A CA  1 
ATOM   56   C C   . LEU A 1 9   ? -4.569  13.934  5.189   1.00 10.85 ? 8   LEU A C   1 
ATOM   57   O O   . LEU A 1 9   ? -5.219  13.620  4.244   1.00 14.85 ? 8   LEU A O   1 
ATOM   58   C CB  A LEU A 1 9   ? -3.320  11.804  5.673   0.50 10.54 ? 8   LEU A CB  1 
ATOM   59   C CB  B LEU A 1 9   ? -3.134  11.972  5.898   0.50 15.09 ? 8   LEU A CB  1 
ATOM   60   C CG  A LEU A 1 9   ? -2.711  10.730  6.598   0.50 8.77  ? 8   LEU A CG  1 
ATOM   61   C CG  B LEU A 1 9   ? -2.569  10.934  6.839   0.50 15.41 ? 8   LEU A CG  1 
ATOM   62   C CD1 A LEU A 1 9   ? -2.122  9.582   5.744   0.50 9.01  ? 8   LEU A CD1 1 
ATOM   63   C CD1 B LEU A 1 9   ? -3.494  9.737   6.846   0.50 16.88 ? 8   LEU A CD1 1 
ATOM   64   C CD2 A LEU A 1 9   ? -1.645  11.269  7.529   0.50 8.58  ? 8   LEU A CD2 1 
ATOM   65   C CD2 B LEU A 1 9   ? -1.195  10.533  6.364   0.50 17.92 ? 8   LEU A CD2 1 
ATOM   66   N N   . ASP A 1 10  ? -4.073  15.167  5.502   1.00 15.84 ? 9   ASP A N   1 
ATOM   67   C CA  . ASP A 1 10  ? -4.157  16.243  4.501   1.00 18.46 ? 9   ASP A CA  1 
ATOM   68   C C   . ASP A 1 10  ? -3.011  16.055  3.517   1.00 19.38 ? 9   ASP A C   1 
ATOM   69   O O   . ASP A 1 10  ? -2.197  15.064  3.607   1.00 16.73 ? 9   ASP A O   1 
ATOM   70   C CB  . ASP A 1 10  ? -4.200  17.665  5.077   1.00 20.57 ? 9   ASP A CB  1 
ATOM   71   C CG  . ASP A 1 10  ? -3.053  18.025  5.970   1.00 26.69 ? 9   ASP A CG  1 
ATOM   72   O OD1 . ASP A 1 10  ? -1.929  17.412  6.007   1.00 21.67 ? 9   ASP A OD1 1 
ATOM   73   O OD2 . ASP A 1 10  ? -3.124  19.103  6.622   1.00 29.97 ? 9   ASP A OD2 1 
ATOM   74   N N   A GLU A 1 11  ? -2.942  16.877  2.519   0.60 17.64 ? 10  GLU A N   1 
ATOM   75   N N   B GLU A 1 11  ? -2.944  16.859  2.455   0.40 16.83 ? 10  GLU A N   1 
ATOM   76   C CA  A GLU A 1 11  ? -1.916  16.674  1.545   0.60 18.50 ? 10  GLU A CA  1 
ATOM   77   C CA  B GLU A 1 11  ? -1.885  16.662  1.407   0.40 16.65 ? 10  GLU A CA  1 
ATOM   78   C C   A GLU A 1 11  ? -0.507  16.788  2.067   0.60 17.57 ? 10  GLU A C   1 
ATOM   79   C C   B GLU A 1 11  ? -0.477  16.797  2.032   0.40 16.87 ? 10  GLU A C   1 
ATOM   80   O O   A GLU A 1 11  ? 0.362   15.906  1.689   0.60 17.43 ? 10  GLU A O   1 
ATOM   81   O O   B GLU A 1 11  ? 0.392   15.914  1.755   0.40 16.51 ? 10  GLU A O   1 
ATOM   82   C CB  A GLU A 1 11  ? -2.072  17.705  0.449   0.60 17.66 ? 10  GLU A CB  1 
ATOM   83   C CB  B GLU A 1 11  ? -2.092  17.599  0.114   0.40 14.50 ? 10  GLU A CB  1 
ATOM   84   C CG  A GLU A 1 11  ? -1.000  17.504  -0.592  0.60 16.72 ? 10  GLU A CG  1 
ATOM   85   C CG  B GLU A 1 11  ? -1.279  17.303  -1.252  0.40 11.73 ? 10  GLU A CG  1 
ATOM   86   C CD  A GLU A 1 11  ? 0.353   18.145  -0.263  0.60 15.47 ? 10  GLU A CD  1 
ATOM   87   C CD  B GLU A 1 11  ? -1.689  18.080  -2.526  0.40 10.28 ? 10  GLU A CD  1 
ATOM   88   O OE1 A GLU A 1 11  ? 0.491   19.344  0.135   0.60 16.43 ? 10  GLU A OE1 1 
ATOM   89   O OE1 B GLU A 1 11  ? -2.188  19.241  -2.423  0.40 10.41 ? 10  GLU A OE1 1 
ATOM   90   O OE2 A GLU A 1 11  ? 1.333   17.422  -0.520  0.60 14.95 ? 10  GLU A OE2 1 
ATOM   91   O OE2 B GLU A 1 11  ? -1.343  17.632  -3.680  0.40 9.23  ? 10  GLU A OE2 1 
ATOM   92   N N   . GLN A 1 12  ? -0.208  17.745  2.928   1.00 17.50 ? 11  GLN A N   1 
ATOM   93   C CA  . GLN A 1 12  ? 1.082   17.838  3.630   1.00 22.11 ? 11  GLN A CA  1 
ATOM   94   C C   . GLN A 1 12  ? 1.420   16.528  4.391   1.00 22.05 ? 11  GLN A C   1 
ATOM   95   O O   . GLN A 1 12  ? 2.588   16.107  4.435   1.00 19.96 ? 11  GLN A O   1 
ATOM   96   C CB  . GLN A 1 12  ? 1.067   18.981  4.680   0.64 24.51 ? 11  GLN A CB  1 
ATOM   97   C CG  . GLN A 1 12  ? 2.421   19.543  5.029   0.64 28.94 ? 11  GLN A CG  1 
ATOM   98   C CD  . GLN A 1 12  ? 2.398   20.567  6.196   0.64 31.08 ? 11  GLN A CD  1 
ATOM   99   O OE1 . GLN A 1 12  ? 1.658   20.436  7.176   0.64 37.66 ? 11  GLN A OE1 1 
ATOM   100  N NE2 . GLN A 1 12  ? 3.238   21.561  6.086   0.64 33.13 ? 11  GLN A NE2 1 
ATOM   101  N N   . ALA A 1 13  ? 0.481   15.973  5.131   1.00 16.47 ? 12  ALA A N   1 
ATOM   102  C CA  . ALA A 1 13  ? 0.723   14.809  5.934   1.00 14.80 ? 12  ALA A CA  1 
ATOM   103  C C   . ALA A 1 13  ? 0.987   13.619  4.976   1.00 12.22 ? 12  ALA A C   1 
ATOM   104  O O   . ALA A 1 13  ? 1.824   12.806  5.376   1.00 12.21 ? 12  ALA A O   1 
ATOM   105  C CB  . ALA A 1 13  ? -0.493  14.551  6.784   1.00 14.02 ? 12  ALA A CB  1 
ATOM   106  N N   . ILE A 1 14  ? 0.322   13.488  3.912   1.00 11.45 ? 13  ILE A N   1 
ATOM   107  C CA  . ILE A 1 14  ? 0.605   12.451  2.954   1.00 10.74 ? 13  ILE A CA  1 
ATOM   108  C C   . ILE A 1 14  ? 2.024   12.534  2.498   1.00 11.45 ? 13  ILE A C   1 
ATOM   109  O O   . ILE A 1 14  ? 2.740   11.492  2.443   1.00 11.54 ? 13  ILE A O   1 
ATOM   110  C CB  . ILE A 1 14  ? -0.356  12.379  1.777   1.00 11.49 ? 13  ILE A CB  1 
ATOM   111  C CG1 . ILE A 1 14  ? -1.787  12.082  2.242   1.00 11.20 ? 13  ILE A CG1 1 
ATOM   112  C CG2 . ILE A 1 14  ? 0.078   11.398  0.737   1.00 12.27 ? 13  ILE A CG2 1 
ATOM   113  C CD1 . ILE A 1 14  ? -2.914  12.326  1.250   1.00 13.68 ? 13  ILE A CD1 1 
ATOM   114  N N   . ARG A 1 15  ? 2.461   13.731  2.060   1.00 12.33 ? 14  ARG A N   1 
ATOM   115  C CA  . ARG A 1 15  ? 3.835   13.932  1.552   1.00 13.26 ? 14  ARG A CA  1 
ATOM   116  C C   . ARG A 1 15  ? 4.784   13.593  2.641   1.00 11.63 ? 14  ARG A C   1 
ATOM   117  O O   . ARG A 1 15  ? 5.793   12.865  2.329   1.00 11.97 ? 14  ARG A O   1 
ATOM   118  C CB  . ARG A 1 15  ? 3.981   15.387  1.131   0.60 12.29 ? 14  ARG A CB  1 
ATOM   119  C CG  . ARG A 1 15  ? 5.441   15.721  0.814   0.60 14.76 ? 14  ARG A CG  1 
ATOM   120  C CD  . ARG A 1 15  ? 5.697   17.072  0.180   0.60 19.31 ? 14  ARG A CD  1 
ATOM   121  N NE  . ARG A 1 15  ? 5.069   18.076  0.896   0.60 25.44 ? 14  ARG A NE  1 
ATOM   122  C CZ  . ARG A 1 15  ? 5.421   18.507  2.083   0.60 23.82 ? 14  ARG A CZ  1 
ATOM   123  N NH1 . ARG A 1 15  ? 6.503   18.055  2.729   0.60 29.67 ? 14  ARG A NH1 1 
ATOM   124  N NH2 . ARG A 1 15  ? 4.681   19.499  2.612   0.60 32.08 ? 14  ARG A NH2 1 
ATOM   125  N N   A ARG A 1 16  ? 4.587   14.060  3.838   0.60 11.96 ? 15  ARG A N   1 
ATOM   126  N N   B ARG A 1 16  ? 4.594   14.061  3.862   0.40 12.14 ? 15  ARG A N   1 
ATOM   127  C CA  A ARG A 1 16  ? 5.501   13.818  4.922   0.60 13.49 ? 15  ARG A CA  1 
ATOM   128  C CA  B ARG A 1 16  ? 5.540   13.796  4.947   0.40 13.22 ? 15  ARG A CA  1 
ATOM   129  C C   A ARG A 1 16  ? 5.594   12.313  5.250   0.60 11.78 ? 15  ARG A C   1 
ATOM   130  C C   B ARG A 1 16  ? 5.604   12.297  5.263   0.40 11.82 ? 15  ARG A C   1 
ATOM   131  O O   A ARG A 1 16  ? 6.701   11.791  5.588   0.60 11.90 ? 15  ARG A O   1 
ATOM   132  O O   B ARG A 1 16  ? 6.695   11.759  5.569   0.40 11.93 ? 15  ARG A O   1 
ATOM   133  C CB  A ARG A 1 16  ? 5.164   14.597  6.226   0.60 15.59 ? 15  ARG A CB  1 
ATOM   134  C CB  B ARG A 1 16  ? 5.275   14.612  6.255   0.40 14.49 ? 15  ARG A CB  1 
ATOM   135  C CG  A ARG A 1 16  ? 5.414   16.121  6.264   0.60 19.87 ? 15  ARG A CG  1 
ATOM   136  C CG  B ARG A 1 16  ? 5.412   16.135  6.087   0.40 17.15 ? 15  ARG A CG  1 
ATOM   137  C CD  A ARG A 1 16  ? 4.933   16.741  7.630   0.60 24.42 ? 15  ARG A CD  1 
ATOM   138  C CD  B ARG A 1 16  ? 5.115   16.967  7.360   0.40 19.49 ? 15  ARG A CD  1 
ATOM   139  N NE  A ARG A 1 16  ? 3.583   17.411  7.606   0.60 30.72 ? 15  ARG A NE  1 
ATOM   140  N NE  B ARG A 1 16  ? 4.108   16.414  8.301   0.40 22.09 ? 15  ARG A NE  1 
ATOM   141  C CZ  A ARG A 1 16  ? 2.425   17.126  8.315   0.60 35.91 ? 15  ARG A CZ  1 
ATOM   142  C CZ  B ARG A 1 16  ? 2.846   16.851  8.476   0.40 20.93 ? 15  ARG A CZ  1 
ATOM   143  N NH1 A ARG A 1 16  ? 1.349   17.886  8.087   0.60 39.11 ? 15  ARG A NH1 1 
ATOM   144  N NH1 B ARG A 1 16  ? 2.043   16.254  9.391   0.40 10.75 ? 15  ARG A NH1 1 
ATOM   145  N NH2 A ARG A 1 16  ? 2.255   16.146  9.241   0.60 29.56 ? 15  ARG A NH2 1 
ATOM   146  N NH2 B ARG A 1 16  ? 2.399   17.882  7.757   0.40 23.76 ? 15  ARG A NH2 1 
ATOM   147  N N   . ALA A 1 17  ? 4.456   11.623  5.273   1.00 10.48 ? 16  ALA A N   1 
ATOM   148  C CA  . ALA A 1 17  ? 4.425   10.190  5.580   1.00 10.05 ? 16  ALA A CA  1 
ATOM   149  C C   . ALA A 1 17  ? 5.185   9.427   4.510   1.00 8.39  ? 16  ALA A C   1 
ATOM   150  O O   . ALA A 1 17  ? 5.957   8.498   4.866   1.00 8.74  ? 16  ALA A O   1 
ATOM   151  C CB  . ALA A 1 17  ? 3.022   9.709   5.681   1.00 10.36 ? 16  ALA A CB  1 
ATOM   152  N N   . LEU A 1 18  ? 5.000   9.711   3.229   1.00 8.22  ? 17  LEU A N   1 
ATOM   153  C CA  . LEU A 1 18  ? 5.738   9.001   2.218   1.00 8.39  ? 17  LEU A CA  1 
ATOM   154  C C   . LEU A 1 18  ? 7.220   9.265   2.259   1.00 8.76  ? 17  LEU A C   1 
ATOM   155  O O   . LEU A 1 18  ? 8.030   8.380   2.032   1.00 9.11  ? 17  LEU A O   1 
ATOM   156  C CB  . LEU A 1 18  ? 5.152   9.322   0.815   1.00 9.14  ? 17  LEU A CB  1 
ATOM   157  C CG  . LEU A 1 18  ? 3.708   8.871   0.590   1.00 9.76  ? 17  LEU A CG  1 
ATOM   158  C CD1 . LEU A 1 18  ? 3.199   9.340   -0.768  1.00 11.75 ? 17  LEU A CD1 1 
ATOM   159  C CD2 . LEU A 1 18  ? 3.563   7.328   0.724   1.00 11.26 ? 17  LEU A CD2 1 
ATOM   160  N N   . THR A 1 19  ? 7.619   10.489  2.569   1.00 8.79  ? 18  THR A N   1 
ATOM   161  C CA  . THR A 1 19  ? 9.007   10.815  2.699   1.00 9.18  ? 18  THR A CA  1 
ATOM   162  C C   . THR A 1 19  ? 9.632   10.056  3.857   1.00 9.19  ? 18  THR A C   1 
ATOM   163  O O   . THR A 1 19  ? 10.750  9.495   3.731   1.00 9.20  ? 18  THR A O   1 
ATOM   164  C CB  . THR A 1 19  ? 9.202   12.311  2.854   1.00 9.65  ? 18  THR A CB  1 
ATOM   165  O OG1 . THR A 1 19  ? 8.803   12.907  1.596   1.00 11.41 ? 18  THR A OG1 1 
ATOM   166  C CG2 . THR A 1 19  ? 10.686  12.697  3.169   1.00 11.29 ? 18  THR A CG2 1 
ATOM   167  N N   . ARG A 1 20  ? 8.937   9.955   4.990   1.00 8.49  ? 19  ARG A N   1 
ATOM   168  C CA  . ARG A 1 20  ? 9.408   9.190   6.136   1.00 9.60  ? 19  ARG A CA  1 
ATOM   169  C C   . ARG A 1 20  ? 9.543   7.715   5.795   1.00 8.98  ? 19  ARG A C   1 
ATOM   170  O O   . ARG A 1 20  ? 10.559  7.079   6.081   1.00 10.13 ? 19  ARG A O   1 
ATOM   171  C CB  . ARG A 1 20  ? 8.556   9.373   7.360   0.57 7.31  ? 19  ARG A CB  1 
ATOM   172  C CG  . ARG A 1 20  ? 9.012   8.451   8.471   0.57 9.52  ? 19  ARG A CG  1 
ATOM   173  C CD  . ARG A 1 20  ? 8.279   8.698   9.756   0.57 11.28 ? 19  ARG A CD  1 
ATOM   174  N NE  . ARG A 1 20  ? 6.870   8.759   9.617   0.57 11.60 ? 19  ARG A NE  1 
ATOM   175  C CZ  . ARG A 1 20  ? 6.026   7.713   9.496   0.57 12.98 ? 19  ARG A CZ  1 
ATOM   176  N NH1 . ARG A 1 20  ? 6.391   6.424   9.409   0.57 12.68 ? 19  ARG A NH1 1 
ATOM   177  N NH2 . ARG A 1 20  ? 4.777   8.080   9.344   0.57 13.37 ? 19  ARG A NH2 1 
ATOM   178  N N   . ILE A 1 21  ? 8.511   7.136   5.117   1.00 8.33  ? 20  ILE A N   1 
ATOM   179  C CA  . ILE A 1 21  ? 8.576   5.706   4.675   1.00 8.81  ? 20  ILE A CA  1 
ATOM   180  C C   . ILE A 1 21  ? 9.764   5.500   3.760   1.00 8.00  ? 20  ILE A C   1 
ATOM   181  O O   . ILE A 1 21  ? 10.509  4.489   3.927   1.00 9.35  ? 20  ILE A O   1 
ATOM   182  C CB  . ILE A 1 21  ? 7.263   5.287   4.063   1.00 7.98  ? 20  ILE A CB  1 
ATOM   183  C CG1 . ILE A 1 21  ? 6.128   5.265   5.136   1.00 8.62  ? 20  ILE A CG1 1 
ATOM   184  C CG2 . ILE A 1 21  ? 7.403   3.923   3.382   1.00 8.04  ? 20  ILE A CG2 1 
ATOM   185  C CD1 . ILE A 1 21  ? 4.791   5.100   4.606   1.00 10.86 ? 20  ILE A CD1 1 
ATOM   186  N N   . ALA A 1 22  ? 10.037  6.383   2.826   1.00 8.50  ? 21  ALA A N   1 
ATOM   187  C CA  . ALA A 1 22  ? 11.163  6.249   1.936   1.00 9.13  ? 21  ALA A CA  1 
ATOM   188  C C   . ALA A 1 22  ? 12.480  6.171   2.697   1.00 10.58 ? 21  ALA A C   1 
ATOM   189  O O   . ALA A 1 22  ? 13.324  5.323   2.443   1.00 10.80 ? 21  ALA A O   1 
ATOM   190  C CB  . ALA A 1 22  ? 11.221  7.397   0.974   1.00 10.33 ? 21  ALA A CB  1 
ATOM   191  N N   . HIS A 1 23  ? 12.673  7.118   3.670   1.00 9.76  ? 22  HIS A N   1 
ATOM   192  C CA  . HIS A 1 23  ? 13.858  7.050   4.502   1.00 10.43 ? 22  HIS A CA  1 
ATOM   193  C C   . HIS A 1 23  ? 13.914  5.808   5.282   1.00 10.28 ? 22  HIS A C   1 
ATOM   194  O O   . HIS A 1 23  ? 15.058  5.197   5.405   1.00 12.48 ? 22  HIS A O   1 
ATOM   195  C CB  . HIS A 1 23  ? 13.917  8.276   5.427   1.00 10.20 ? 22  HIS A CB  1 
ATOM   196  C CG  . HIS A 1 23  ? 14.404  9.527   4.787   1.00 9.98  ? 22  HIS A CG  1 
ATOM   197  N ND1 . HIS A 1 23  ? 15.728  9.732   4.524   1.00 11.18 ? 22  HIS A ND1 1 
ATOM   198  C CD2 . HIS A 1 23  ? 13.765  10.588  4.268   1.00 11.15 ? 22  HIS A CD2 1 
ATOM   199  C CE1 . HIS A 1 23  ? 15.894  10.867  3.932   1.00 12.19 ? 22  HIS A CE1 1 
ATOM   200  N NE2 . HIS A 1 23  ? 14.723  11.453  3.775   1.00 13.15 ? 22  HIS A NE2 1 
ATOM   201  N N   . GLU A 1 24  ? 12.845  5.329   5.881   1.00 10.28 ? 23  GLU A N   1 
ATOM   202  C CA  . GLU A 1 24  ? 12.857  4.068   6.652   1.00 11.17 ? 23  GLU A CA  1 
ATOM   203  C C   . GLU A 1 24  ? 13.231  2.892   5.767   1.00 11.94 ? 23  GLU A C   1 
ATOM   204  O O   . GLU A 1 24  ? 14.033  1.999   6.236   1.00 13.59 ? 23  GLU A O   1 
ATOM   205  C CB  . GLU A 1 24  ? 11.517  3.784   7.296   1.00 11.51 ? 23  GLU A CB  1 
ATOM   206  C CG  . GLU A 1 24  ? 11.142  4.798   8.383   1.00 12.35 ? 23  GLU A CG  1 
ATOM   207  C CD  . GLU A 1 24  ? 9.793   4.699   8.910   1.00 14.93 ? 23  GLU A CD  1 
ATOM   208  O OE1 . GLU A 1 24  ? 8.944   3.892   8.430   1.00 17.81 ? 23  GLU A OE1 1 
ATOM   209  O OE2 . GLU A 1 24  ? 9.359   5.439   9.864   1.00 18.14 ? 23  GLU A OE2 1 
ATOM   210  N N   . MET A 1 25  ? 12.798  2.865   4.511   1.00 12.08 ? 24  MET A N   1 
ATOM   211  C CA  . MET A 1 25  ? 13.168  1.789   3.562   1.00 11.80 ? 24  MET A CA  1 
ATOM   212  C C   . MET A 1 25  ? 14.621  1.817   3.302   1.00 14.01 ? 24  MET A C   1 
ATOM   213  O O   . MET A 1 25  ? 15.270  0.742   3.282   1.00 15.44 ? 24  MET A O   1 
ATOM   214  C CB  . MET A 1 25  ? 12.362  1.962   2.240   1.00 10.94 ? 24  MET A CB  1 
ATOM   215  C CG  . MET A 1 25  ? 10.876  1.642   2.407   1.00 10.73 ? 24  MET A CG  1 
ATOM   216  S SD  . MET A 1 25  ? 10.030  1.978   0.843   1.00 12.01 ? 24  MET A SD  1 
ATOM   217  C CE  . MET A 1 25  ? 8.507   1.198   1.137   1.00 11.40 ? 24  MET A CE  1 
ATOM   218  N N   . ILE A 1 26  ? 15.187  2.997   3.086   1.00 12.70 ? 25  ILE A N   1 
ATOM   219  C CA  . ILE A 1 26  ? 16.620  3.123   2.829   1.00 13.01 ? 25  ILE A CA  1 
ATOM   220  C C   . ILE A 1 26  ? 17.399  2.698   4.031   1.00 14.10 ? 25  ILE A C   1 
ATOM   221  O O   . ILE A 1 26  ? 18.454  1.938   3.827   1.00 15.48 ? 25  ILE A O   1 
ATOM   222  C CB  . ILE A 1 26  ? 16.947  4.557   2.410   1.00 12.94 ? 25  ILE A CB  1 
ATOM   223  C CG1 . ILE A 1 26  ? 16.418  4.928   1.026   1.00 15.10 ? 25  ILE A CG1 1 
ATOM   224  C CG2 . ILE A 1 26  ? 18.445  4.916   2.473   1.00 14.48 ? 25  ILE A CG2 1 
ATOM   225  C CD1 . ILE A 1 26  ? 16.307  6.409   0.770   1.00 15.25 ? 25  ILE A CD1 1 
ATOM   226  N N   . GLU A 1 27  ? 16.997  3.051   5.239   1.00 12.76 ? 26  GLU A N   1 
ATOM   227  C CA  . GLU A 1 27  ? 17.786  2.655   6.442   1.00 14.95 ? 26  GLU A CA  1 
ATOM   228  C C   . GLU A 1 27  ? 17.746  1.213   6.670   1.00 16.62 ? 26  GLU A C   1 
ATOM   229  O O   . GLU A 1 27  ? 18.748  0.623   7.177   1.00 18.26 ? 26  GLU A O   1 
ATOM   230  C CB  . GLU A 1 27  ? 17.386  3.430   7.660   1.00 14.22 ? 26  GLU A CB  1 
ATOM   231  C CG  . GLU A 1 27  ? 17.523  4.952   7.569   1.00 14.68 ? 26  GLU A CG  1 
ATOM   232  C CD  . GLU A 1 27  ? 18.978  5.471   7.363   1.00 14.78 ? 26  GLU A CD  1 
ATOM   233  O OE1 . GLU A 1 27  ? 19.884  4.765   7.895   1.00 19.35 ? 26  GLU A OE1 1 
ATOM   234  O OE2 . GLU A 1 27  ? 19.143  6.340   6.528   1.00 16.95 ? 26  GLU A OE2 1 
ATOM   235  N N   A ARG A 1 28  ? 16.585  0.582   6.548   0.70 16.19 ? 27  ARG A N   1 
ATOM   236  N N   B ARG A 1 28  ? 16.657  0.538   6.330   0.30 15.64 ? 27  ARG A N   1 
ATOM   237  C CA  A ARG A 1 28  ? 16.438  -0.838  6.852   0.70 18.15 ? 27  ARG A CA  1 
ATOM   238  C CA  B ARG A 1 28  ? 16.498  -0.869  6.723   0.30 15.83 ? 27  ARG A CA  1 
ATOM   239  C C   A ARG A 1 28  ? 16.988  -1.708  5.710   0.70 17.82 ? 27  ARG A C   1 
ATOM   240  C C   B ARG A 1 28  ? 16.977  -1.798  5.655   0.30 17.36 ? 27  ARG A C   1 
ATOM   241  O O   A ARG A 1 28  ? 17.460  -2.822  6.109   0.70 29.61 ? 27  ARG A O   1 
ATOM   242  O O   B ARG A 1 28  ? 17.244  -2.995  5.942   0.30 22.73 ? 27  ARG A O   1 
ATOM   243  C CB  A ARG A 1 28  ? 14.987  -1.176  7.278   0.70 19.82 ? 27  ARG A CB  1 
ATOM   244  C CB  B ARG A 1 28  ? 15.046  -1.160  6.985   0.30 14.45 ? 27  ARG A CB  1 
ATOM   245  C CG  A ARG A 1 28  ? 14.833  -2.591  7.850   0.70 22.89 ? 27  ARG A CG  1 
ATOM   246  C CG  B ARG A 1 28  ? 14.563  -0.526  8.240   0.30 12.62 ? 27  ARG A CG  1 
ATOM   247  C CD  A ARG A 1 28  ? 13.392  -3.016  8.011   0.70 24.05 ? 27  ARG A CD  1 
ATOM   248  C CD  B ARG A 1 28  ? 13.116  -0.925  8.442   0.30 12.09 ? 27  ARG A CD  1 
ATOM   249  N NE  A ARG A 1 28  ? 13.304  -4.465  8.105   0.70 24.42 ? 27  ARG A NE  1 
ATOM   250  N NE  B ARG A 1 28  ? 12.331  0.035   9.141   0.30 12.89 ? 27  ARG A NE  1 
ATOM   251  C CZ  A ARG A 1 28  ? 12.131  -5.081  8.209   0.70 24.84 ? 27  ARG A CZ  1 
ATOM   252  C CZ  B ARG A 1 28  ? 11.073  -0.238  9.509   0.30 12.30 ? 27  ARG A CZ  1 
ATOM   253  N NH1 A ARG A 1 28  ? 11.059  -4.351  8.217   0.70 22.54 ? 27  ARG A NH1 1 
ATOM   254  N NH1 B ARG A 1 28  ? 10.526  -1.485  9.255   0.30 10.69 ? 27  ARG A NH1 1 
ATOM   255  N NH2 A ARG A 1 28  ? 12.028  -6.401  8.266   0.70 26.21 ? 27  ARG A NH2 1 
ATOM   256  N NH2 B ARG A 1 28  ? 10.424  0.739   10.140  0.30 15.59 ? 27  ARG A NH2 1 
ATOM   257  N N   . ASN A 1 29  ? 17.110  -1.307  4.453   1.00 18.81 ? 28  ASN A N   1 
ATOM   258  C CA  . ASN A 1 29  ? 17.441  -2.149  3.231   1.00 20.46 ? 28  ASN A CA  1 
ATOM   259  C C   . ASN A 1 29  ? 18.598  -1.698  2.276   1.00 22.47 ? 28  ASN A C   1 
ATOM   260  O O   . ASN A 1 29  ? 18.535  -1.741  0.987   1.00 24.42 ? 28  ASN A O   1 
ATOM   261  C CB  . ASN A 1 29  ? 16.246  -2.300  2.302   1.00 20.14 ? 28  ASN A CB  1 
ATOM   262  C CG  . ASN A 1 29  ? 14.985  -2.737  3.009   1.00 18.66 ? 28  ASN A CG  1 
ATOM   263  O OD1 . ASN A 1 29  ? 14.897  -3.843  3.574   1.00 24.03 ? 28  ASN A OD1 1 
ATOM   264  N ND2 . ASN A 1 29  ? 14.060  -1.869  3.078   1.00 17.96 ? 28  ASN A ND2 1 
ATOM   265  N N   . LYS A 1 30  ? 19.682  -1.321  2.932   1.00 28.40 ? 29  LYS A N   1 
ATOM   266  C CA  . LYS A 1 30  ? 20.977  -0.960  2.245   1.00 31.85 ? 29  LYS A CA  1 
ATOM   267  C C   . LYS A 1 30  ? 20.805  -0.086  1.018   1.00 30.52 ? 29  LYS A C   1 
ATOM   268  O O   . LYS A 1 30  ? 21.324  -0.402  -0.138  1.00 28.77 ? 29  LYS A O   1 
ATOM   269  C CB  . LYS A 1 30  ? 21.694  -2.259  1.837   1.00 38.72 ? 29  LYS A CB  1 
ATOM   270  C CG  . LYS A 1 30  ? 22.044  -3.179  2.989   1.00 43.53 ? 29  LYS A CG  1 
ATOM   271  C CD  . LYS A 1 30  ? 22.832  -4.371  2.431   1.00 50.65 ? 29  LYS A CD  1 
ATOM   272  C CE  . LYS A 1 30  ? 23.241  -5.365  3.516   1.00 59.40 ? 29  LYS A CE  1 
ATOM   273  N NZ  . LYS A 1 30  ? 24.101  -6.468  2.977   1.00 63.35 ? 29  LYS A NZ  1 
ATOM   274  N N   . GLY A 1 31  ? 20.013  0.993   1.234   1.00 22.57 ? 30  GLY A N   1 
ATOM   275  C CA  . GLY A 1 31  ? 19.799  1.968   0.190   1.00 23.42 ? 30  GLY A CA  1 
ATOM   276  C C   . GLY A 1 31  ? 18.886  1.541   -0.950  1.00 27.37 ? 30  GLY A C   1 
ATOM   277  O O   . GLY A 1 31  ? 18.744  2.237   -1.977  1.00 28.97 ? 30  GLY A O   1 
ATOM   278  N N   . MET A 1 32  ? 18.298  0.373   -0.771  1.00 22.39 ? 31  MET A N   1 
ATOM   279  C CA  . MET A 1 32  ? 17.290  -0.151  -1.687  1.00 24.65 ? 31  MET A CA  1 
ATOM   280  C C   . MET A 1 32  ? 17.912  -0.756  -2.961  1.00 25.63 ? 31  MET A C   1 
ATOM   281  O O   . MET A 1 32  ? 17.214  -1.036  -3.940  1.00 28.01 ? 31  MET A O   1 
ATOM   282  C CB  . MET A 1 32  ? 16.099  0.866   -1.950  1.00 23.16 ? 31  MET A CB  1 
ATOM   283  C CG  . MET A 1 32  ? 15.220  1.099   -0.704  1.00 23.21 ? 31  MET A CG  1 
ATOM   284  S SD  . MET A 1 32  ? 14.144  -0.283  -0.432  1.00 20.76 ? 31  MET A SD  1 
ATOM   285  C CE  . MET A 1 32  ? 13.078  -0.220  -1.875  1.00 25.78 ? 31  MET A CE  1 
ATOM   286  N N   . ASN A 1 33  ? 19.217  -1.019  -2.919  1.00 25.31 ? 32  ASN A N   1 
ATOM   287  C CA  . ASN A 1 33  ? 19.781  -1.853  -3.977  1.00 31.07 ? 32  ASN A CA  1 
ATOM   288  C C   . ASN A 1 33  ? 19.201  -3.292  -3.904  1.00 26.78 ? 32  ASN A C   1 
ATOM   289  O O   . ASN A 1 33  ? 19.047  -3.883  -2.830  1.00 30.33 ? 32  ASN A O   1 
ATOM   290  C CB  . ASN A 1 33  ? 21.315  -1.817  -3.935  1.00 38.76 ? 32  ASN A CB  1 
ATOM   291  C CG  . ASN A 1 33  ? 21.926  -2.126  -5.302  1.00 45.91 ? 32  ASN A CG  1 
ATOM   292  O OD1 . ASN A 1 33  ? 21.837  -1.308  -6.249  1.00 53.64 ? 32  ASN A OD1 1 
ATOM   293  N ND2 . ASN A 1 33  ? 22.528  -3.314  -5.424  1.00 51.80 ? 32  ASN A ND2 1 
ATOM   294  N N   . ASN A 1 34  ? 18.824  -3.847  -5.047  1.00 35.87 ? 33  ASN A N   1 
ATOM   295  C CA  . ASN A 1 34  ? 18.207  -5.230  -5.016  1.00 33.71 ? 33  ASN A CA  1 
ATOM   296  C C   . ASN A 1 34  ? 16.925  -5.337  -4.172  1.00 23.12 ? 33  ASN A C   1 
ATOM   297  O O   . ASN A 1 34  ? 16.590  -6.460  -3.502  1.00 22.23 ? 33  ASN A O   1 
ATOM   298  C CB  . ASN A 1 34  ? 19.237  -6.281  -4.585  1.00 46.23 ? 33  ASN A CB  1 
ATOM   299  C CG  . ASN A 1 34  ? 20.318  -6.470  -5.633  1.00 53.95 ? 33  ASN A CG  1 
ATOM   300  O OD1 . ASN A 1 34  ? 20.363  -5.736  -6.661  1.00 62.23 ? 33  ASN A OD1 1 
ATOM   301  N ND2 . ASN A 1 34  ? 21.192  -7.442  -5.396  1.00 60.57 ? 33  ASN A ND2 1 
ATOM   302  N N   A CYS A 1 35  ? 16.220  -4.180  -4.110  0.50 19.28 ? 34  CYS A N   1 
ATOM   303  N N   B CYS A 1 35  ? 16.224  -4.184  -4.181  0.50 20.28 ? 34  CYS A N   1 
ATOM   304  C CA  A CYS A 1 35  ? 14.863  -4.142  -3.569  0.50 14.73 ? 34  CYS A CA  1 
ATOM   305  C CA  B CYS A 1 35  ? 14.871  -4.123  -3.702  0.50 15.47 ? 34  CYS A CA  1 
ATOM   306  C C   A CYS A 1 35  ? 13.846  -3.468  -4.499  0.50 13.15 ? 34  CYS A C   1 
ATOM   307  C C   B CYS A 1 35  ? 13.923  -3.625  -4.751  0.50 14.55 ? 34  CYS A C   1 
ATOM   308  O O   A CYS A 1 35  ? 14.022  -2.281  -4.944  0.50 14.35 ? 34  CYS A O   1 
ATOM   309  O O   B CYS A 1 35  ? 14.222  -2.750  -5.630  0.50 15.91 ? 34  CYS A O   1 
ATOM   310  C CB  A CYS A 1 35  ? 14.837  -3.410  -2.213  0.50 14.95 ? 34  CYS A CB  1 
ATOM   311  C CB  B CYS A 1 35  ? 14.818  -3.176  -2.516  0.50 15.49 ? 34  CYS A CB  1 
ATOM   312  S SG  A CYS A 1 35  ? 13.260  -3.545  -1.320  0.50 16.56 ? 34  CYS A SG  1 
ATOM   313  S SG  B CYS A 1 35  ? 15.931  -3.701  -1.205  0.50 17.66 ? 34  CYS A SG  1 
ATOM   314  N N   . ILE A 1 36  ? 12.721  -4.178  -4.727  1.00 11.91 ? 35  ILE A N   1 
ATOM   315  C CA  . ILE A 1 36  ? 11.662  -3.846  -5.723  1.00 10.82 ? 35  ILE A CA  1 
ATOM   316  C C   . ILE A 1 36  ? 10.409  -3.450  -4.985  1.00 10.34 ? 35  ILE A C   1 
ATOM   317  O O   . ILE A 1 36  ? 10.060  -4.173  -3.978  1.00 11.23 ? 35  ILE A O   1 
ATOM   318  C CB  . ILE A 1 36  ? 11.388  -5.099  -6.606  1.00 13.46 ? 35  ILE A CB  1 
ATOM   319  C CG1 . ILE A 1 36  ? 12.707  -5.482  -7.367  1.00 15.57 ? 35  ILE A CG1 1 
ATOM   320  C CG2 . ILE A 1 36  ? 10.220  -4.984  -7.588  1.00 14.72 ? 35  ILE A CG2 1 
ATOM   321  C CD1 . ILE A 1 36  ? 12.878  -6.979  -7.667  1.00 20.51 ? 35  ILE A CD1 1 
ATOM   322  N N   . LEU A 1 37  ? 9.713   -2.395  -5.354  1.00 8.40  ? 36  LEU A N   1 
ATOM   323  C CA  . LEU A 1 37  ? 8.409   -2.082  -4.817  1.00 8.06  ? 36  LEU A CA  1 
ATOM   324  C C   . LEU A 1 37  ? 7.309   -2.641  -5.658  1.00 8.29  ? 36  LEU A C   1 
ATOM   325  O O   . LEU A 1 37  ? 7.401   -2.528  -6.898  1.00 9.49  ? 36  LEU A O   1 
ATOM   326  C CB  . LEU A 1 37  ? 8.216   -0.571  -4.709  1.00 9.26  ? 36  LEU A CB  1 
ATOM   327  C CG  . LEU A 1 37  ? 9.215   0.196   -3.896  1.00 9.93  ? 36  LEU A CG  1 
ATOM   328  C CD1 . LEU A 1 37  ? 9.015   1.711   -3.867  1.00 12.61 ? 36  LEU A CD1 1 
ATOM   329  C CD2 . LEU A 1 37  ? 9.266   -0.367  -2.457  1.00 13.48 ? 36  LEU A CD2 1 
ATOM   330  N N   . VAL A 1 38  ? 6.272   -3.230  -5.090  1.00 7.66  ? 37  VAL A N   1 
ATOM   331  C CA  . VAL A 1 38  ? 5.132   -3.781  -5.843  1.00 8.23  ? 37  VAL A CA  1 
ATOM   332  C C   . VAL A 1 38  ? 3.880   -3.217  -5.267  1.00 7.59  ? 37  VAL A C   1 
ATOM   333  O O   . VAL A 1 38  ? 3.509   -3.505  -4.129  1.00 8.33  ? 37  VAL A O   1 
ATOM   334  C CB  . VAL A 1 38  ? 5.133   -5.297  -5.894  1.00 8.20  ? 37  VAL A CB  1 
ATOM   335  C CG1 . VAL A 1 38  ? 3.888   -5.801  -6.575  1.00 9.65  ? 37  VAL A CG1 1 
ATOM   336  C CG2 . VAL A 1 38  ? 6.420   -5.763  -6.552  1.00 8.88  ? 37  VAL A CG2 1 
ATOM   337  N N   . GLY A 1 39  ? 3.119   -2.394  -6.025  1.00 7.71  ? 38  GLY A N   1 
ATOM   338  C CA  . GLY A 1 39  ? 1.849   -1.865  -5.511  1.00 7.55  ? 38  GLY A CA  1 
ATOM   339  C C   . GLY A 1 39  ? 0.728   -2.845  -5.640  1.00 8.17  ? 38  GLY A C   1 
ATOM   340  O O   . GLY A 1 39  ? 0.694   -3.666  -6.627  1.00 9.90  ? 38  GLY A O   1 
ATOM   341  N N   . ILE A 1 40  ? -0.208  -2.792  -4.706  1.00 8.13  ? 39  ILE A N   1 
ATOM   342  C CA  . ILE A 1 40  ? -1.482  -3.524  -4.795  1.00 10.24 ? 39  ILE A CA  1 
ATOM   343  C C   . ILE A 1 40  ? -2.656  -2.535  -4.670  1.00 12.97 ? 39  ILE A C   1 
ATOM   344  O O   . ILE A 1 40  ? -2.617  -1.645  -3.848  1.00 12.53 ? 39  ILE A O   1 
ATOM   345  C CB  . ILE A 1 40  ? -1.526  -4.657  -3.729  1.00 12.45 ? 39  ILE A CB  1 
ATOM   346  C CG1 . ILE A 1 40  ? -1.380  -4.190  -2.316  1.00 14.05 ? 39  ILE A CG1 1 
ATOM   347  C CG2 . ILE A 1 40  ? -0.554  -5.704  -4.099  1.00 16.57 ? 39  ILE A CG2 1 
ATOM   348  C CD1 . ILE A 1 40  ? -1.435  -5.306  -1.246  1.00 15.70 ? 39  ILE A CD1 1 
ATOM   349  N N   . LYS A 1 41  ? -3.782  -2.791  -5.343  1.00 16.51 ? 40  LYS A N   1 
ATOM   350  C CA  A LYS A 1 41  ? -4.916  -1.776  -5.365  0.50 16.03 ? 40  LYS A CA  1 
ATOM   351  C CA  B LYS A 1 41  ? -4.925  -1.835  -5.503  0.50 15.83 ? 40  LYS A CA  1 
ATOM   352  C C   . LYS A 1 41  ? -4.416  -0.631  -6.358  1.00 17.19 ? 40  LYS A C   1 
ATOM   353  O O   . LYS A 1 41  ? -3.213  -0.293  -6.440  1.00 14.69 ? 40  LYS A O   1 
ATOM   354  C CB  A LYS A 1 41  ? -5.307  -1.206  -3.962  0.50 17.21 ? 40  LYS A CB  1 
ATOM   355  C CB  B LYS A 1 41  ? -5.470  -1.390  -4.173  0.50 15.21 ? 40  LYS A CB  1 
ATOM   356  C CG  A LYS A 1 41  ? -5.410  -2.185  -2.765  0.50 17.49 ? 40  LYS A CG  1 
ATOM   357  C CG  B LYS A 1 41  ? -5.971  -2.495  -3.213  0.50 15.05 ? 40  LYS A CG  1 
ATOM   358  C CD  A LYS A 1 41  ? -6.685  -1.900  -1.981  0.50 18.69 ? 40  LYS A CD  1 
ATOM   359  C CD  B LYS A 1 41  ? -5.981  -1.947  -1.795  0.50 14.29 ? 40  LYS A CD  1 
ATOM   360  C CE  A LYS A 1 41  ? -6.723  -2.569  -0.624  0.50 20.97 ? 40  LYS A CE  1 
ATOM   361  C CE  B LYS A 1 41  ? -6.165  -2.924  -0.627  0.50 13.59 ? 40  LYS A CE  1 
ATOM   362  N NZ  A LYS A 1 41  ? -7.740  -3.670  -0.663  0.50 20.85 ? 40  LYS A NZ  1 
ATOM   363  N NZ  B LYS A 1 41  ? -6.413  -2.063  0.615   0.50 10.41 ? 40  LYS A NZ  1 
ATOM   364  N N   . THR A 1 42  ? -5.364  0.007   -7.115  1.00 17.34 ? 41  THR A N   1 
ATOM   365  C CA  . THR A 1 42  ? -4.951  1.135   -7.975  1.00 16.86 ? 41  THR A CA  1 
ATOM   366  C C   . THR A 1 42  ? -4.104  2.271   -7.260  1.00 11.42 ? 41  THR A C   1 
ATOM   367  O O   . THR A 1 42  ? -3.084  2.711   -7.740  1.00 13.25 ? 41  THR A O   1 
ATOM   368  C CB  . THR A 1 42  ? -6.242  1.754   -8.605  1.00 23.10 ? 41  THR A CB  1 
ATOM   369  O OG1 . THR A 1 42  ? -6.821  0.697   -9.467  1.00 25.68 ? 41  THR A OG1 1 
ATOM   370  C CG2 . THR A 1 42  ? -5.974  2.965   -9.377  1.00 24.58 ? 41  THR A CG2 1 
ATOM   371  N N   . ARG A 1 43  ? -4.580  2.591   -6.063  1.00 12.17 ? 42  ARG A N   1 
ATOM   372  C CA  . ARG A 1 43  ? -3.910  3.605   -5.302  1.00 11.47 ? 42  ARG A CA  1 
ATOM   373  C C   . ARG A 1 43  ? -2.613  3.139   -4.670  1.00 10.12 ? 42  ARG A C   1 
ATOM   374  O O   . ARG A 1 43  ? -1.648  3.925   -4.542  1.00 10.35 ? 42  ARG A O   1 
ATOM   375  C CB  . ARG A 1 43  ? -4.852  4.301   -4.296  1.00 13.54 ? 42  ARG A CB  1 
ATOM   376  C CG  . ARG A 1 43  ? -5.913  5.122   -5.042  1.00 14.24 ? 42  ARG A CG  1 
ATOM   377  C CD  . ARG A 1 43  ? -7.090  5.525   -4.165  1.00 16.67 ? 42  ARG A CD  1 
ATOM   378  N NE  . ARG A 1 43  ? -8.183  6.142   -4.939  1.00 16.06 ? 42  ARG A NE  1 
ATOM   379  C CZ  . ARG A 1 43  ? -9.098  5.495   -5.630  1.00 22.85 ? 42  ARG A CZ  1 
ATOM   380  N NH1 . ARG A 1 43  ? -9.073  4.175   -5.758  1.00 23.47 ? 42  ARG A NH1 1 
ATOM   381  N NH2 . ARG A 1 43  ? -10.087 6.134   -6.283  1.00 22.60 ? 42  ARG A NH2 1 
ATOM   382  N N   . GLY A 1 44  ? -2.499  1.865   -4.263  1.00 10.35 ? 43  GLY A N   1 
ATOM   383  C CA  . GLY A 1 44  ? -1.245  1.320   -3.837  1.00 10.11 ? 43  GLY A CA  1 
ATOM   384  C C   . GLY A 1 44  ? -0.192  1.372   -4.917  1.00 10.06 ? 43  GLY A C   1 
ATOM   385  O O   . GLY A 1 44  ? 0.983   1.681   -4.630  1.00 9.28  ? 43  GLY A O   1 
ATOM   386  N N   . ILE A 1 45  ? -0.554  1.161   -6.197  1.00 9.21  ? 44  ILE A N   1 
ATOM   387  C CA  . ILE A 1 45  ? 0.366   1.307   -7.294  1.00 9.29  ? 44  ILE A CA  1 
ATOM   388  C C   . ILE A 1 45  ? 0.932   2.724   -7.449  1.00 8.54  ? 44  ILE A C   1 
ATOM   389  O O   . ILE A 1 45  ? 2.099   2.967   -7.599  1.00 8.92  ? 44  ILE A O   1 
ATOM   390  C CB  . ILE A 1 45  ? -0.263  0.765   -8.579  1.00 11.81 ? 44  ILE A CB  1 
ATOM   391  C CG1 . ILE A 1 45  ? -0.519  -0.752  -8.397  1.00 13.45 ? 44  ILE A CG1 1 
ATOM   392  C CG2 . ILE A 1 45  ? 0.561   1.071   -9.802  1.00 14.46 ? 44  ILE A CG2 1 
ATOM   393  C CD1 . ILE A 1 45  ? -1.587  -1.346  -9.321  1.00 16.31 ? 44  ILE A CD1 1 
ATOM   394  N N   . TYR A 1 46  ? -0.032  3.688   -7.415  1.00 9.09  ? 45  TYR A N   1 
ATOM   395  C CA  . TYR A 1 46  ? 0.440   5.086   -7.481  1.00 8.99  ? 45  TYR A CA  1 
ATOM   396  C C   . TYR A 1 46  ? 1.320   5.497   -6.317  1.00 8.10  ? 45  TYR A C   1 
ATOM   397  O O   . TYR A 1 46  ? 2.316   6.219   -6.479  1.00 8.65  ? 45  TYR A O   1 
ATOM   398  C CB  . TYR A 1 46  ? -0.752  6.020   -7.613  1.00 10.25 ? 45  TYR A CB  1 
ATOM   399  C CG  . TYR A 1 46  ? -1.375  5.960   -9.014  1.00 12.32 ? 45  TYR A CG  1 
ATOM   400  C CD1 . TYR A 1 46  ? -0.645  6.218   -10.133 1.00 13.96 ? 45  TYR A CD1 1 
ATOM   401  C CD2 . TYR A 1 46  ? -2.692  5.604   -9.162  1.00 15.04 ? 45  TYR A CD2 1 
ATOM   402  C CE1 . TYR A 1 46  ? -1.195  6.164   -11.438 1.00 18.02 ? 45  TYR A CE1 1 
ATOM   403  C CE2 . TYR A 1 46  ? -3.303  5.580   -10.497 1.00 16.50 ? 45  TYR A CE2 1 
ATOM   404  C CZ  . TYR A 1 46  ? -2.503  5.834   -11.527 1.00 16.73 ? 45  TYR A CZ  1 
ATOM   405  O OH  . TYR A 1 46  ? -3.158  5.757   -12.791 1.00 23.33 ? 45  TYR A OH  1 
ATOM   406  N N   . LEU A 1 47  ? 0.992   4.984   -5.098  1.00 8.32  ? 46  LEU A N   1 
ATOM   407  C CA  . LEU A 1 47  ? 1.868   5.235   -3.960  1.00 7.89  ? 46  LEU A CA  1 
ATOM   408  C C   . LEU A 1 47  ? 3.269   4.621   -4.157  1.00 7.83  ? 46  LEU A C   1 
ATOM   409  O O   . LEU A 1 47  ? 4.273   5.220   -3.794  1.00 8.28  ? 46  LEU A O   1 
ATOM   410  C CB  . LEU A 1 47  ? 1.233   4.756   -2.652  1.00 8.33  ? 46  LEU A CB  1 
ATOM   411  C CG  . LEU A 1 47  ? -0.005  5.465   -2.196  1.00 9.03  ? 46  LEU A CG  1 
ATOM   412  C CD1 . LEU A 1 47  ? -0.659  4.733   -1.011  1.00 11.08 ? 46  LEU A CD1 1 
ATOM   413  C CD2 . LEU A 1 47  ? 0.318   6.926   -1.862  1.00 10.08 ? 46  LEU A CD2 1 
ATOM   414  N N   . ALA A 1 48  ? 3.325   3.389   -4.677  1.00 8.14  ? 47  ALA A N   1 
ATOM   415  C CA  . ALA A 1 48  ? 4.649   2.752   -4.902  1.00 8.42  ? 47  ALA A CA  1 
ATOM   416  C C   . ALA A 1 48  ? 5.487   3.587   -5.880  1.00 8.36  ? 47  ALA A C   1 
ATOM   417  O O   . ALA A 1 48  ? 6.673   3.737   -5.716  1.00 8.66  ? 47  ALA A O   1 
ATOM   418  C CB  . ALA A 1 48  ? 4.442   1.330   -5.444  1.00 7.69  ? 47  ALA A CB  1 
ATOM   419  N N   . LYS A 1 49  ? 4.817   4.135   -6.925  1.00 8.24  ? 48  LYS A N   1 
ATOM   420  C CA  . LYS A 1 49  ? 5.554   4.989   -7.866  1.00 9.33  ? 48  LYS A CA  1 
ATOM   421  C C   . LYS A 1 49  ? 6.075   6.277   -7.263  1.00 8.79  ? 48  LYS A C   1 
ATOM   422  O O   . LYS A 1 49  ? 7.195   6.699   -7.509  1.00 9.38  ? 48  LYS A O   1 
ATOM   423  C CB  . LYS A 1 49  ? 4.663   5.286   -9.088  1.00 10.02 ? 48  LYS A CB  1 
ATOM   424  C CG  . LYS A 1 49  ? 4.322   4.053   -9.855  1.00 12.17 ? 48  LYS A CG  1 
ATOM   425  C CD  . LYS A 1 49  ? 3.368   4.388   -11.037 1.00 17.54 ? 48  LYS A CD  1 
ATOM   426  C CE  . LYS A 1 49  ? 3.164   3.258   -12.028 1.00 27.84 ? 48  LYS A CE  1 
ATOM   427  N NZ  . LYS A 1 49  ? 2.558   3.892   -13.246 1.00 36.55 ? 48  LYS A NZ  1 
ATOM   428  N N   . ARG A 1 50  ? 5.273   6.875   -6.353  1.00 8.10  ? 49  ARG A N   1 
ATOM   429  C CA  . ARG A 1 50  ? 5.755   8.042   -5.594  1.00 8.46  ? 49  ARG A CA  1 
ATOM   430  C C   . ARG A 1 50  ? 6.916   7.697   -4.703  1.00 8.47  ? 49  ARG A C   1 
ATOM   431  O O   . ARG A 1 50  ? 7.910   8.445   -4.603  1.00 9.98  ? 49  ARG A O   1 
ATOM   432  C CB  . ARG A 1 50  ? 4.634   8.700   -4.753  1.00 8.24  ? 49  ARG A CB  1 
ATOM   433  C CG  . ARG A 1 50  ? 3.564   9.354   -5.557  1.00 9.05  ? 49  ARG A CG  1 
ATOM   434  C CD  . ARG A 1 50  ? 2.661   10.192  -4.675  1.00 9.07  ? 49  ARG A CD  1 
ATOM   435  N NE  . ARG A 1 50  ? 1.446   10.673  -5.351  1.00 9.58  ? 49  ARG A NE  1 
ATOM   436  C CZ  . ARG A 1 50  ? 0.584   11.525  -4.801  1.00 10.12 ? 49  ARG A CZ  1 
ATOM   437  N NH1 . ARG A 1 50  ? 0.889   12.106  -3.639  1.00 11.07 ? 49  ARG A NH1 1 
ATOM   438  N NH2 . ARG A 1 50  ? -0.540  11.778  -5.425  1.00 9.94  ? 49  ARG A NH2 1 
ATOM   439  N N   . LEU A 1 51  ? 6.815   6.564   -4.005  1.00 8.32  ? 50  LEU A N   1 
ATOM   440  C CA  . LEU A 1 51  ? 7.910   6.129   -3.135  1.00 9.08  ? 50  LEU A CA  1 
ATOM   441  C C   . LEU A 1 51  ? 9.205   5.857   -3.907  1.00 9.13  ? 50  LEU A C   1 
ATOM   442  O O   . LEU A 1 51  ? 10.305  6.217   -3.464  1.00 9.59  ? 50  LEU A O   1 
ATOM   443  C CB  . LEU A 1 51  ? 7.522   4.896   -2.313  1.00 9.19  ? 50  LEU A CB  1 
ATOM   444  C CG  . LEU A 1 51  ? 6.549   5.160   -1.168  1.00 9.06  ? 50  LEU A CG  1 
ATOM   445  C CD1 . LEU A 1 51  ? 5.959   3.873   -0.657  1.00 11.20 ? 50  LEU A CD1 1 
ATOM   446  C CD2 . LEU A 1 51  ? 7.224   5.892   -0.019  1.00 9.84  ? 50  LEU A CD2 1 
ATOM   447  N N   . ALA A 1 52  ? 9.088   5.187   -5.049  1.00 8.59  ? 51  ALA A N   1 
ATOM   448  C CA  . ALA A 1 52  ? 10.257  4.961   -5.901  1.00 9.19  ? 51  ALA A CA  1 
ATOM   449  C C   . ALA A 1 52  ? 10.941  6.262   -6.303  1.00 9.80  ? 51  ALA A C   1 
ATOM   450  O O   . ALA A 1 52  ? 12.170  6.374   -6.324  1.00 11.08 ? 51  ALA A O   1 
ATOM   451  C CB  . ALA A 1 52  ? 9.866   4.145   -7.121  1.00 9.74  ? 51  ALA A CB  1 
ATOM   452  N N   . GLU A 1 53  ? 10.141  7.251   -6.672  1.00 10.14 ? 52  GLU A N   1 
ATOM   453  C CA  . GLU A 1 53  ? 10.689  8.567   -7.091  1.00 11.12 ? 52  GLU A CA  1 
ATOM   454  C C   . GLU A 1 53  ? 11.368  9.214   -5.868  1.00 11.18 ? 52  GLU A C   1 
ATOM   455  O O   . GLU A 1 53  ? 12.498  9.783   -5.972  1.00 12.75 ? 52  GLU A O   1 
ATOM   456  C CB  . GLU A 1 53  ? 9.567   9.453   -7.636  0.75 11.12 ? 52  GLU A CB  1 
ATOM   457  C CG  . GLU A 1 53  ? 10.025  10.766  -8.265  0.75 14.81 ? 52  GLU A CG  1 
ATOM   458  C CD  . GLU A 1 53  ? 10.485  11.849  -7.349  0.75 21.15 ? 52  GLU A CD  1 
ATOM   459  O OE1 . GLU A 1 53  ? 10.079  11.971  -6.154  0.75 24.39 ? 52  GLU A OE1 1 
ATOM   460  O OE2 . GLU A 1 53  ? 11.271  12.669  -7.918  0.75 25.90 ? 52  GLU A OE2 1 
ATOM   461  N N   . ARG A 1 54  ? 10.795  9.136   -4.696  1.00 12.18 ? 53  ARG A N   1 
ATOM   462  C CA  . ARG A 1 54  ? 11.417  9.705   -3.483  1.00 13.27 ? 53  ARG A CA  1 
ATOM   463  C C   . ARG A 1 54  ? 12.710  9.034   -3.194  1.00 14.37 ? 53  ARG A C   1 
ATOM   464  O O   . ARG A 1 54  ? 13.760  9.695   -2.877  1.00 16.48 ? 53  ARG A O   1 
ATOM   465  C CB  . ARG A 1 54  ? 10.491  9.561   -2.297  1.00 16.20 ? 53  ARG A CB  1 
ATOM   466  C CG  . ARG A 1 54  ? 9.336   10.441  -2.312  1.00 23.19 ? 53  ARG A CG  1 
ATOM   467  C CD  . ARG A 1 54  ? 9.490   11.865  -1.881  1.00 25.66 ? 53  ARG A CD  1 
ATOM   468  N NE  . ARG A 1 54  ? 8.385   12.179  -0.967  1.00 29.65 ? 53  ARG A NE  1 
ATOM   469  C CZ  . ARG A 1 54  ? 7.059   12.200  -1.206  1.00 26.85 ? 53  ARG A CZ  1 
ATOM   470  N NH1 . ARG A 1 54  ? 6.483   11.952  -2.404  1.00 28.56 ? 53  ARG A NH1 1 
ATOM   471  N NH2 . ARG A 1 54  ? 6.297   12.639  -0.258  1.00 27.33 ? 53  ARG A NH2 1 
ATOM   472  N N   . ILE A 1 55  ? 12.794  7.710   -3.243  1.00 13.05 ? 54  ILE A N   1 
ATOM   473  C CA  . ILE A 1 55  ? 14.035  6.993   -2.987  1.00 13.16 ? 54  ILE A CA  1 
ATOM   474  C C   . ILE A 1 55  ? 15.072  7.328   -3.987  1.00 14.56 ? 54  ILE A C   1 
ATOM   475  O O   . ILE A 1 55  ? 16.249  7.521   -3.612  1.00 17.58 ? 54  ILE A O   1 
ATOM   476  C CB  . ILE A 1 55  ? 13.751  5.482   -2.937  1.00 12.70 ? 54  ILE A CB  1 
ATOM   477  C CG1 . ILE A 1 55  ? 12.844  5.140   -1.777  1.00 13.19 ? 54  ILE A CG1 1 
ATOM   478  C CG2 . ILE A 1 55  ? 15.075  4.746   -2.861  1.00 13.15 ? 54  ILE A CG2 1 
ATOM   479  C CD1 . ILE A 1 55  ? 12.230  3.776   -1.845  1.00 13.25 ? 54  ILE A CD1 1 
ATOM   480  N N   . GLU A 1 56  ? 14.749  7.486   -5.253  1.00 13.54 ? 55  GLU A N   1 
ATOM   481  C CA  A GLU A 1 56  ? 15.672  7.908   -6.322  0.50 17.43 ? 55  GLU A CA  1 
ATOM   482  C CA  B GLU A 1 56  ? 15.749  7.861   -6.259  0.50 16.60 ? 55  GLU A CA  1 
ATOM   483  C C   . GLU A 1 56  ? 16.258  9.266   -6.021  1.00 17.53 ? 55  GLU A C   1 
ATOM   484  O O   . GLU A 1 56  ? 17.477  9.529   -6.178  1.00 21.71 ? 55  GLU A O   1 
ATOM   485  C CB  A GLU A 1 56  ? 14.880  7.991   -7.614  0.50 18.76 ? 55  GLU A CB  1 
ATOM   486  C CB  B GLU A 1 56  ? 15.179  7.703   -7.639  0.50 16.27 ? 55  GLU A CB  1 
ATOM   487  C CG  A GLU A 1 56  ? 14.800  6.696   -8.372  0.50 20.09 ? 55  GLU A CG  1 
ATOM   488  C CG  B GLU A 1 56  ? 16.111  8.203   -8.758  0.50 16.68 ? 55  GLU A CG  1 
ATOM   489  C CD  A GLU A 1 56  ? 13.523  6.481   -9.154  0.50 19.57 ? 55  GLU A CD  1 
ATOM   490  C CD  B GLU A 1 56  ? 15.594  7.858   -10.139 0.50 20.81 ? 55  GLU A CD  1 
ATOM   491  O OE1 A GLU A 1 56  ? 12.987  7.464   -9.703  0.50 20.58 ? 55  GLU A OE1 1 
ATOM   492  O OE1 B GLU A 1 56  ? 14.455  7.351   -10.310 0.50 20.57 ? 55  GLU A OE1 1 
ATOM   493  O OE2 A GLU A 1 56  ? 13.022  5.360   -9.121  0.50 14.61 ? 55  GLU A OE2 1 
ATOM   494  O OE2 B GLU A 1 56  ? 16.365  8.115   -11.070 0.50 22.94 ? 55  GLU A OE2 1 
ATOM   495  N N   . GLN A 1 57  ? 15.425  10.156  -5.595  1.00 17.95 ? 56  GLN A N   1 
ATOM   496  C CA  . GLN A 1 57  ? 15.887  11.559  -5.216  1.00 22.57 ? 56  GLN A CA  1 
ATOM   497  C C   . GLN A 1 57  ? 16.841  11.500  -3.998  1.00 25.71 ? 56  GLN A C   1 
ATOM   498  O O   . GLN A 1 57  ? 17.858  12.229  -3.979  1.00 27.40 ? 56  GLN A O   1 
ATOM   499  C CB  . GLN A 1 57  ? 14.674  12.483  -5.054  1.00 24.63 ? 56  GLN A CB  1 
ATOM   500  C CG  . GLN A 1 57  ? 14.296  13.224  -6.361  1.00 38.73 ? 56  GLN A CG  1 
ATOM   501  C CD  . GLN A 1 57  ? 15.517  13.782  -7.208  1.00 49.90 ? 56  GLN A CD  1 
ATOM   502  O OE1 . GLN A 1 57  ? 16.164  14.792  -6.850  1.00 59.40 ? 56  GLN A OE1 1 
ATOM   503  N NE2 . GLN A 1 57  ? 15.803  13.128  -8.359  1.00 57.28 ? 56  GLN A NE2 1 
ATOM   504  N N   . ILE A 1 58  ? 16.591  10.654  -3.015  1.00 20.91 ? 57  ILE A N   1 
ATOM   505  C CA  . ILE A 1 58  ? 17.449  10.530  -1.782  1.00 21.50 ? 57  ILE A CA  1 
ATOM   506  C C   . ILE A 1 58  ? 18.763  9.791   -2.072  1.00 26.13 ? 57  ILE A C   1 
ATOM   507  O O   . ILE A 1 58  ? 19.902  10.252  -1.676  1.00 25.23 ? 57  ILE A O   1 
ATOM   508  C CB  . ILE A 1 58  ? 16.735  9.854   -0.616  1.00 22.85 ? 57  ILE A CB  1 
ATOM   509  C CG1 . ILE A 1 58  ? 15.526  10.622  -0.171  1.00 21.81 ? 57  ILE A CG1 1 
ATOM   510  C CG2 . ILE A 1 58  ? 17.673  9.614   0.596   1.00 21.35 ? 57  ILE A CG2 1 
ATOM   511  C CD1 . ILE A 1 58  ? 14.598  9.818   0.703   1.00 24.08 ? 57  ILE A CD1 1 
ATOM   512  N N   . GLU A 1 59  ? 18.671  8.646   -2.737  1.00 25.95 ? 58  GLU A N   1 
ATOM   513  C CA  . GLU A 1 59  ? 19.797  7.762   -3.059  1.00 30.23 ? 58  GLU A CA  1 
ATOM   514  C C   . GLU A 1 59  ? 20.532  7.953   -4.360  1.00 30.02 ? 58  GLU A C   1 
ATOM   515  O O   . GLU A 1 59  ? 21.670  7.467   -4.504  1.00 28.97 ? 58  GLU A O   1 
ATOM   516  C CB  . GLU A 1 59  ? 19.308  6.288   -3.204  1.00 34.27 ? 58  GLU A CB  1 
ATOM   517  C CG  . GLU A 1 59  ? 19.116  5.627   -1.895  1.00 39.55 ? 58  GLU A CG  1 
ATOM   518  C CD  . GLU A 1 59  ? 20.415  5.548   -1.109  1.00 47.26 ? 58  GLU A CD  1 
ATOM   519  O OE1 . GLU A 1 59  ? 21.357  4.835   -1.566  1.00 58.98 ? 58  GLU A OE1 1 
ATOM   520  O OE2 . GLU A 1 59  ? 20.484  6.233   -0.058  1.00 44.18 ? 58  GLU A OE2 1 
ATOM   521  N N   . GLY A 1 60  ? 19.825  8.427   -5.361  1.00 26.73 ? 59  GLY A N   1 
ATOM   522  C CA  . GLY A 1 60  ? 20.341  8.633   -6.675  1.00 26.88 ? 59  GLY A CA  1 
ATOM   523  C C   . GLY A 1 60  ? 20.266  7.500   -7.680  1.00 28.48 ? 59  GLY A C   1 
ATOM   524  O O   . GLY A 1 60  ? 20.787  7.594   -8.786  1.00 31.19 ? 59  GLY A O   1 
ATOM   525  N N   . ASN A 1 61  ? 19.692  6.384   -7.282  1.00 27.25 ? 60  ASN A N   1 
ATOM   526  C CA  . ASN A 1 61  ? 19.570  5.260   -8.155  1.00 28.04 ? 60  ASN A CA  1 
ATOM   527  C C   . ASN A 1 61  ? 18.100  4.902   -8.377  1.00 22.70 ? 60  ASN A C   1 
ATOM   528  O O   . ASN A 1 61  ? 17.344  4.954   -7.436  1.00 26.02 ? 60  ASN A O   1 
ATOM   529  C CB  . ASN A 1 61  ? 20.287  4.038   -7.562  1.00 28.14 ? 60  ASN A CB  1 
ATOM   530  C CG  . ASN A 1 61  ? 21.790  4.183   -7.614  1.00 36.56 ? 60  ASN A CG  1 
ATOM   531  O OD1 . ASN A 1 61  ? 22.357  4.553   -8.642  1.00 43.70 ? 60  ASN A OD1 1 
ATOM   532  N ND2 . ASN A 1 61  ? 22.433  3.878   -6.529  1.00 40.03 ? 60  ASN A ND2 1 
ATOM   533  N N   . PRO A 1 62  ? 17.776  4.486   -9.595  1.00 24.35 ? 61  PRO A N   1 
ATOM   534  C CA  . PRO A 1 62  ? 16.364  4.113   -9.785  1.00 24.83 ? 61  PRO A CA  1 
ATOM   535  C C   . PRO A 1 62  ? 15.926  2.878   -9.001  1.00 22.52 ? 61  PRO A C   1 
ATOM   536  O O   . PRO A 1 62  ? 16.704  1.970   -8.643  1.00 20.44 ? 61  PRO A O   1 
ATOM   537  C CB  . PRO A 1 62  ? 16.249  3.872   -11.270 1.00 27.93 ? 61  PRO A CB  1 
ATOM   538  C CG  . PRO A 1 62  ? 17.623  3.440   -11.664 1.00 33.74 ? 61  PRO A CG  1 
ATOM   539  C CD  . PRO A 1 62  ? 18.521  4.355   -10.861 1.00 29.75 ? 61  PRO A CD  1 
ATOM   540  N N   . VAL A 1 63  ? 14.608  2.895   -8.720  1.00 16.75 ? 62  VAL A N   1 
ATOM   541  C CA  . VAL A 1 63  ? 13.959  1.832   -8.042  1.00 15.01 ? 62  VAL A CA  1 
ATOM   542  C C   . VAL A 1 63  ? 12.877  1.233   -8.896  1.00 12.35 ? 62  VAL A C   1 
ATOM   543  O O   . VAL A 1 63  ? 12.018  1.947   -9.404  1.00 14.15 ? 62  VAL A O   1 
ATOM   544  C CB  . VAL A 1 63  ? 13.286  2.353   -6.747  1.00 15.89 ? 62  VAL A CB  1 
ATOM   545  C CG1 . VAL A 1 63  ? 12.540  1.266   -6.039  1.00 19.11 ? 62  VAL A CG1 1 
ATOM   546  C CG2 . VAL A 1 63  ? 14.389  2.933   -5.824  1.00 18.68 ? 62  VAL A CG2 1 
ATOM   547  N N   . THR A 1 64  ? 12.875  -0.094  -9.086  1.00 10.20 ? 63  THR A N   1 
ATOM   548  C CA  . THR A 1 64  ? 11.912  -0.772  -9.916  1.00 10.56 ? 63  THR A CA  1 
ATOM   549  C C   . THR A 1 64  ? 10.561  -0.886  -9.244  1.00 9.10  ? 63  THR A C   1 
ATOM   550  O O   . THR A 1 64  ? 10.487  -1.169  -8.022  1.00 9.98  ? 63  THR A O   1 
ATOM   551  C CB  . THR A 1 64  ? 12.370  -2.208  -10.211 1.00 12.45 ? 63  THR A CB  1 
ATOM   552  O OG1 . THR A 1 64  ? 13.659  -2.085  -10.887 1.00 16.43 ? 63  THR A OG1 1 
ATOM   553  C CG2 . THR A 1 64  ? 11.343  -2.955  -11.075 1.00 14.18 ? 63  THR A CG2 1 
ATOM   554  N N   . VAL A 1 65  ? 9.507   -0.617  -9.942  1.00 8.30  ? 64  VAL A N   1 
ATOM   555  C CA  . VAL A 1 65  ? 8.087   -0.758  -9.482  1.00 8.76  ? 64  VAL A CA  1 
ATOM   556  C C   . VAL A 1 65  ? 7.330   -1.809  -10.265 1.00 9.42  ? 64  VAL A C   1 
ATOM   557  O O   . VAL A 1 65  ? 7.356   -1.732  -11.543 1.00 12.86 ? 64  VAL A O   1 
ATOM   558  C CB  . VAL A 1 65  ? 7.370   0.577   -9.521  1.00 10.21 ? 64  VAL A CB  1 
ATOM   559  C CG1 . VAL A 1 65  ? 5.957   0.441   -9.026  1.00 11.76 ? 64  VAL A CG1 1 
ATOM   560  C CG2 . VAL A 1 65  ? 8.136   1.596   -8.663  1.00 12.25 ? 64  VAL A CG2 1 
ATOM   561  N N   . GLY A 1 66  ? 6.684   -2.740  -9.630  1.00 9.16  ? 65  GLY A N   1 
ATOM   562  C CA  . GLY A 1 66  ? 5.727   -3.639  -10.233 1.00 9.28  ? 65  GLY A CA  1 
ATOM   563  C C   . GLY A 1 66  ? 4.336   -3.408  -9.711  1.00 9.60  ? 65  GLY A C   1 
ATOM   564  O O   . GLY A 1 66  ? 4.117   -2.580  -8.832  1.00 9.03  ? 65  GLY A O   1 
ATOM   565  N N   A GLU A 1 67  ? 3.380   -4.138  -10.232 0.80 10.06 ? 66  GLU A N   1 
ATOM   566  N N   B GLU A 1 67  ? 3.400   -4.183  -10.222 0.20 9.65  ? 66  GLU A N   1 
ATOM   567  C CA  A GLU A 1 67  ? 1.976   -3.941  -9.894  0.80 11.83 ? 66  GLU A CA  1 
ATOM   568  C CA  B GLU A 1 67  ? 2.046   -4.097  -9.744  0.20 10.09 ? 66  GLU A CA  1 
ATOM   569  C C   A GLU A 1 67  ? 1.292   -5.308  -9.814  0.80 13.26 ? 66  GLU A C   1 
ATOM   570  C C   B GLU A 1 67  ? 1.320   -5.402  -9.783  0.20 11.29 ? 66  GLU A C   1 
ATOM   571  O O   A GLU A 1 67  ? 1.599   -6.229  -10.646 0.80 13.93 ? 66  GLU A O   1 
ATOM   572  O O   B GLU A 1 67  ? 1.626   -6.308  -10.599 0.20 11.39 ? 66  GLU A O   1 
ATOM   573  C CB  A GLU A 1 67  ? 1.309   -3.091  -10.984 0.80 17.06 ? 66  GLU A CB  1 
ATOM   574  C CB  B GLU A 1 67  ? 1.268   -3.074  -10.532 0.20 10.01 ? 66  GLU A CB  1 
ATOM   575  C CG  A GLU A 1 67  ? 2.110   -1.848  -11.446 0.80 21.82 ? 66  GLU A CG  1 
ATOM   576  C CG  B GLU A 1 67  ? 1.049   -3.432  -11.999 0.20 9.77  ? 66  GLU A CG  1 
ATOM   577  C CD  A GLU A 1 67  ? 1.597   -1.149  -12.699 0.80 25.63 ? 66  GLU A CD  1 
ATOM   578  C CD  B GLU A 1 67  ? -0.416  -3.636  -12.284 0.20 11.54 ? 66  GLU A CD  1 
ATOM   579  O OE1 A GLU A 1 67  ? 2.231   -0.107  -13.063 0.80 28.80 ? 66  GLU A OE1 1 
ATOM   580  O OE1 B GLU A 1 67  ? -1.084  -2.744  -12.867 0.20 9.91  ? 66  GLU A OE1 1 
ATOM   581  O OE2 A GLU A 1 67  ? 0.578   -1.622  -13.251 0.80 27.15 ? 66  GLU A OE2 1 
ATOM   582  O OE2 B GLU A 1 67  ? -0.899  -4.662  -11.803 0.20 12.44 ? 66  GLU A OE2 1 
ATOM   583  N N   . ILE A 1 68  ? 0.332   -5.489  -8.903  1.00 12.18 ? 67  ILE A N   1 
ATOM   584  C CA  . ILE A 1 68  ? -0.581  -6.648  -8.833  1.00 12.66 ? 67  ILE A CA  1 
ATOM   585  C C   . ILE A 1 68  ? -1.949  -6.065  -8.875  1.00 14.46 ? 67  ILE A C   1 
ATOM   586  O O   . ILE A 1 68  ? -2.280  -5.160  -8.103  1.00 13.05 ? 67  ILE A O   1 
ATOM   587  C CB  . ILE A 1 68  ? -0.344  -7.508  -7.607  1.00 13.11 ? 67  ILE A CB  1 
ATOM   588  C CG1 . ILE A 1 68  ? 1.096   -8.030  -7.594  1.00 14.37 ? 67  ILE A CG1 1 
ATOM   589  C CG2 . ILE A 1 68  ? -1.269  -8.685  -7.592  1.00 17.68 ? 67  ILE A CG2 1 
ATOM   590  C CD1 . ILE A 1 68  ? 1.518   -8.588  -6.297  1.00 14.10 ? 67  ILE A CD1 1 
ATOM   591  N N   A ASP A 1 69  ? -2.764  -6.582  -9.861  0.80 15.91 ? 68  ASP A N   1 
ATOM   592  N N   B ASP A 1 69  ? -2.765  -6.515  -9.852  0.20 14.53 ? 68  ASP A N   1 
ATOM   593  C CA  A ASP A 1 69  ? -4.113  -6.089  -10.081 0.80 17.75 ? 68  ASP A CA  1 
ATOM   594  C CA  B ASP A 1 69  ? -4.122  -5.983  -10.018 0.20 14.96 ? 68  ASP A CA  1 
ATOM   595  C C   A ASP A 1 69  ? -5.149  -6.973  -9.359  0.80 14.46 ? 68  ASP A C   1 
ATOM   596  C C   B ASP A 1 69  ? -5.124  -6.939  -9.372  0.20 15.03 ? 68  ASP A C   1 
ATOM   597  O O   A ASP A 1 69  ? -5.247  -8.107  -9.705  0.80 15.79 ? 68  ASP A O   1 
ATOM   598  O O   B ASP A 1 69  ? -5.243  -8.085  -9.772  0.20 15.54 ? 68  ASP A O   1 
ATOM   599  C CB  A ASP A 1 69  ? -4.320  -6.127  -11.604 0.80 22.63 ? 68  ASP A CB  1 
ATOM   600  C CB  B ASP A 1 69  ? -4.424  -5.736  -11.503 0.20 15.06 ? 68  ASP A CB  1 
ATOM   601  C CG  A ASP A 1 69  ? -5.599  -5.458  -12.042 0.80 26.63 ? 68  ASP A CG  1 
ATOM   602  C CG  B ASP A 1 69  ? -3.267  -5.020  -12.219 0.20 14.67 ? 68  ASP A CG  1 
ATOM   603  O OD1 A ASP A 1 69  ? -6.262  -4.840  -11.193 0.80 30.98 ? 68  ASP A OD1 1 
ATOM   604  O OD1 B ASP A 1 69  ? -2.922  -3.916  -11.823 0.20 15.73 ? 68  ASP A OD1 1 
ATOM   605  O OD2 A ASP A 1 69  ? -5.977  -5.604  -13.267 0.80 32.18 ? 68  ASP A OD2 1 
ATOM   606  O OD2 B ASP A 1 69  ? -2.726  -5.570  -13.177 0.20 14.91 ? 68  ASP A OD2 1 
ATOM   607  N N   . ILE A 1 70  ? -5.778  -6.436  -8.339  1.00 17.11 ? 69  ILE A N   1 
ATOM   608  C CA  . ILE A 1 70  ? -6.671  -7.202  -7.470  1.00 15.33 ? 69  ILE A CA  1 
ATOM   609  C C   . ILE A 1 70  ? -8.024  -6.487  -7.338  1.00 18.92 ? 69  ILE A C   1 
ATOM   610  O O   . ILE A 1 70  ? -8.062  -5.316  -7.122  1.00 22.43 ? 69  ILE A O   1 
ATOM   611  C CB  . ILE A 1 70  ? -6.039  -7.405  -6.083  1.00 16.44 ? 69  ILE A CB  1 
ATOM   612  C CG1 . ILE A 1 70  ? -4.778  -8.244  -6.202  1.00 18.71 ? 69  ILE A CG1 1 
ATOM   613  C CG2 . ILE A 1 70  ? -7.146  -8.069  -5.237  1.00 17.72 ? 69  ILE A CG2 1 
ATOM   614  C CD1 . ILE A 1 70  ? -3.829  -8.257  -5.029  1.00 17.04 ? 69  ILE A CD1 1 
ATOM   615  N N   . THR A 1 71  ? -9.169  -7.229  -7.412  1.00 19.48 ? 70  THR A N   1 
ATOM   616  C CA  . THR A 1 71  ? -10.533 -6.699  -7.115  1.00 20.42 ? 70  THR A CA  1 
ATOM   617  C C   . THR A 1 71  ? -11.052 -7.524  -5.989  1.00 16.34 ? 70  THR A C   1 
ATOM   618  O O   . THR A 1 71  ? -10.891 -8.723  -5.973  1.00 19.37 ? 70  THR A O   1 
ATOM   619  C CB  . THR A 1 71  ? -11.427 -6.695  -8.397  0.59 17.33 ? 70  THR A CB  1 
ATOM   620  O OG1 . THR A 1 71  ? -10.816 -5.831  -9.376  0.59 21.16 ? 70  THR A OG1 1 
ATOM   621  C CG2 . THR A 1 71  ? -12.874 -6.179  -8.101  0.59 20.12 ? 70  THR A CG2 1 
ATOM   622  N N   . LEU A 1 72  ? -11.754 -6.909  -5.055  1.00 19.21 ? 71  LEU A N   1 
ATOM   623  C CA  . LEU A 1 72  ? -12.311 -7.603  -3.908  1.00 17.94 ? 71  LEU A CA  1 
ATOM   624  C C   . LEU A 1 72  ? -13.841 -7.756  -4.124  1.00 17.80 ? 71  LEU A C   1 
ATOM   625  O O   . LEU A 1 72  ? -14.516 -6.800  -4.592  1.00 23.14 ? 71  LEU A O   1 
ATOM   626  C CB  . LEU A 1 72  ? -12.144 -6.843  -2.588  1.00 23.29 ? 71  LEU A CB  1 
ATOM   627  C CG  . LEU A 1 72  ? -10.718 -6.754  -2.003  1.00 26.33 ? 71  LEU A CG  1 
ATOM   628  C CD1 . LEU A 1 72  ? -10.690 -5.645  -0.926  1.00 32.11 ? 71  LEU A CD1 1 
ATOM   629  C CD2 . LEU A 1 72  ? -10.305 -8.003  -1.296  1.00 27.96 ? 71  LEU A CD2 1 
ATOM   630  N N   . TYR A 1 73  ? -14.289 -8.955  -3.866  1.00 15.90 ? 72  TYR A N   1 
ATOM   631  C CA  . TYR A 1 73  ? -15.707 -9.320  -3.947  1.00 15.91 ? 72  TYR A CA  1 
ATOM   632  C C   . TYR A 1 73  ? -16.205 -9.817  -2.613  1.00 19.88 ? 72  TYR A C   1 
ATOM   633  O O   . TYR A 1 73  ? -15.395 -9.972  -1.634  1.00 22.12 ? 72  TYR A O   1 
ATOM   634  C CB  . TYR A 1 73  ? -15.853 -10.365 -5.078  1.00 15.40 ? 72  TYR A CB  1 
ATOM   635  C CG  . TYR A 1 73  ? -15.564 -9.858  -6.445  1.00 14.65 ? 72  TYR A CG  1 
ATOM   636  C CD1 . TYR A 1 73  ? -16.534 -9.223  -7.182  1.00 13.68 ? 72  TYR A CD1 1 
ATOM   637  C CD2 . TYR A 1 73  ? -14.295 -10.024 -7.032  1.00 16.28 ? 72  TYR A CD2 1 
ATOM   638  C CE1 . TYR A 1 73  ? -16.309 -8.716  -8.445  1.00 16.44 ? 72  TYR A CE1 1 
ATOM   639  C CE2 . TYR A 1 73  ? -14.054 -9.527  -8.307  1.00 17.34 ? 72  TYR A CE2 1 
ATOM   640  C CZ  . TYR A 1 73  ? -15.101 -8.933  -9.002  1.00 16.81 ? 72  TYR A CZ  1 
ATOM   641  O OH  . TYR A 1 73  ? -14.828 -8.424  -10.248 1.00 21.65 ? 72  TYR A OH  1 
ATOM   642  N N   . ARG A 1 74  ? -17.498 -10.079 -2.489  1.00 17.47 ? 73  ARG A N   1 
ATOM   643  C CA  . ARG A 1 74  ? -18.059 -10.717 -1.306  1.00 19.26 ? 73  ARG A CA  1 
ATOM   644  C C   . ARG A 1 74  ? -19.018 -11.825 -1.727  1.00 17.83 ? 73  ARG A C   1 
ATOM   645  O O   . ARG A 1 74  ? -19.511 -11.780 -2.881  1.00 15.75 ? 73  ARG A O   1 
ATOM   646  C CB  . ARG A 1 74  ? -18.915 -9.744  -0.480  1.00 26.37 ? 73  ARG A CB  1 
ATOM   647  C CG  . ARG A 1 74  ? -18.385 -8.439  -0.003  1.00 33.76 ? 73  ARG A CG  1 
ATOM   648  C CD  . ARG A 1 74  ? -19.504 -7.740  0.810   1.00 39.64 ? 73  ARG A CD  1 
ATOM   649  N NE  . ARG A 1 74  ? -20.076 -8.689  1.769   1.00 45.21 ? 73  ARG A NE  1 
ATOM   650  C CZ  . ARG A 1 74  ? -19.423 -9.184  2.836   1.00 59.26 ? 73  ARG A CZ  1 
ATOM   651  N NH1 . ARG A 1 74  ? -18.175 -8.799  3.134   1.00 63.58 ? 73  ARG A NH1 1 
ATOM   652  N NH2 . ARG A 1 74  ? -20.014 -10.064 3.641   1.00 59.39 ? 73  ARG A NH2 1 
ATOM   653  N N   . ASP A 1 75  ? -19.290 -12.833 -0.916  1.00 16.10 ? 74  ASP A N   1 
ATOM   654  C CA  . ASP A 1 75  ? -20.158 -13.952 -1.262  1.00 18.32 ? 74  ASP A CA  1 
ATOM   655  C C   . ASP A 1 75  ? -21.682 -13.784 -1.026  1.00 16.58 ? 74  ASP A C   1 
ATOM   656  O O   . ASP A 1 75  ? -22.403 -14.782 -1.195  1.00 19.94 ? 74  ASP A O   1 
ATOM   657  C CB  . ASP A 1 75  ? -19.668 -15.260 -0.575  1.00 21.99 ? 74  ASP A CB  1 
ATOM   658  C CG  . ASP A 1 75  ? -19.787 -15.196 1.011   1.00 22.50 ? 74  ASP A CG  1 
ATOM   659  O OD1 . ASP A 1 75  ? -20.424 -14.233 1.561   1.00 23.90 ? 74  ASP A OD1 1 
ATOM   660  O OD2 . ASP A 1 75  ? -19.215 -16.178 1.626   1.00 25.26 ? 74  ASP A OD2 1 
ATOM   661  N N   . ASP A 1 76  ? -22.040 -12.581 -0.662  1.00 15.94 ? 75  ASP A N   1 
ATOM   662  C CA  . ASP A 1 76  ? -23.429 -12.309 -0.241  1.00 21.26 ? 75  ASP A CA  1 
ATOM   663  C C   . ASP A 1 76  ? -23.940 -10.965 -0.677  1.00 20.96 ? 75  ASP A C   1 
ATOM   664  O O   . ASP A 1 76  ? -23.295 -10.203 -1.435  1.00 21.29 ? 75  ASP A O   1 
ATOM   665  C CB  . ASP A 1 76  ? -23.480 -12.428 1.278   1.00 27.60 ? 75  ASP A CB  1 
ATOM   666  C CG  . ASP A 1 76  ? -22.698 -11.364 1.966   1.00 28.22 ? 75  ASP A CG  1 
ATOM   667  O OD1 . ASP A 1 76  ? -22.604 -10.136 1.637   1.00 31.93 ? 75  ASP A OD1 1 
ATOM   668  O OD2 . ASP A 1 76  ? -22.147 -11.768 3.020   1.00 43.17 ? 75  ASP A OD2 1 
ATOM   669  N N   . LEU A 1 77  ? -25.151 -10.626 -0.187  1.00 22.51 ? 76  LEU A N   1 
ATOM   670  C CA  . LEU A 1 77  ? -25.908 -9.502  -0.706  1.00 26.20 ? 76  LEU A CA  1 
ATOM   671  C C   . LEU A 1 77  ? -25.793 -8.355  0.261   1.00 35.89 ? 76  LEU A C   1 
ATOM   672  O O   . LEU A 1 77  ? -26.456 -7.322  0.048   1.00 41.45 ? 76  LEU A O   1 
ATOM   673  C CB  . LEU A 1 77  ? -27.423 -9.880  -0.854  1.00 25.89 ? 76  LEU A CB  1 
ATOM   674  C CG  . LEU A 1 77  ? -27.714 -11.140 -1.646  1.00 25.52 ? 76  LEU A CG  1 
ATOM   675  C CD1 . LEU A 1 77  ? -29.134 -11.698 -1.610  1.00 27.19 ? 76  LEU A CD1 1 
ATOM   676  C CD2 . LEU A 1 77  ? -27.297 -10.898 -3.083  1.00 27.52 ? 76  LEU A CD2 1 
ATOM   677  N N   . SER A 1 78  ? -24.953 -8.528  1.300   1.00 37.39 ? 77  SER A N   1 
ATOM   678  C CA  . SER A 1 78  ? -24.769 -7.517  2.352   1.00 54.73 ? 77  SER A CA  1 
ATOM   679  C C   . SER A 1 78  ? -23.915 -6.330  1.886   1.00 65.94 ? 77  SER A C   1 
ATOM   680  O O   . SER A 1 78  ? -22.691 -6.454  1.697   1.00 65.28 ? 77  SER A O   1 
ATOM   681  C CB  . SER A 1 78  ? -24.141 -8.136  3.617   1.00 54.17 ? 77  SER A CB  1 
ATOM   682  O OG  . SER A 1 78  ? -23.268 -7.199  4.256   1.00 60.37 ? 77  SER A OG  1 
ATOM   683  N N   . LYS A 1 79  ? -24.584 -5.180  1.736   1.00 82.86 ? 78  LYS A N   1 
ATOM   684  C CA  . LYS A 1 79  ? -23.953 -3.903  1.329   1.00 90.59 ? 78  LYS A CA  1 
ATOM   685  C C   . LYS A 1 79  ? -23.091 -3.242  2.406   1.00 90.57 ? 78  LYS A C   1 
ATOM   686  O O   . LYS A 1 79  ? -22.121 -2.528  2.102   1.00 94.74 ? 78  LYS A O   1 
ATOM   687  C CB  . LYS A 1 79  ? -25.022 -2.890  0.909   1.00 91.09 ? 78  LYS A CB  1 
ATOM   688  C CG  . LYS A 1 79  ? -25.051 -2.604  -0.584  1.00 91.11 ? 78  LYS A CG  1 
ATOM   689  C CD  . LYS A 1 79  ? -26.237 -1.725  -0.940  1.00 91.59 ? 78  LYS A CD  1 
ATOM   690  C CE  . LYS A 1 79  ? -26.242 -0.394  -0.179  1.00 92.42 ? 78  LYS A CE  1 
ATOM   691  N NZ  . LYS A 1 79  ? -27.596 -0.070  0.362   1.00 91.44 ? 78  LYS A NZ  1 
ATOM   692  N N   . LYS A 1 80  ? -23.472 -3.441  3.661   1.00 89.09 ? 79  LYS A N   1 
ATOM   693  C CA  . LYS A 1 80  ? -22.705 -2.870  4.768   1.00 83.36 ? 79  LYS A CA  1 
ATOM   694  C C   . LYS A 1 80  ? -21.285 -3.444  4.851   1.00 88.99 ? 79  LYS A C   1 
ATOM   695  O O   . LYS A 1 80  ? -20.299 -2.684  4.851   1.00 91.74 ? 79  LYS A O   1 
ATOM   696  C CB  . LYS A 1 80  ? -23.452 -3.036  6.111   1.00 72.86 ? 79  LYS A CB  1 
ATOM   697  C CG  . LYS A 1 80  ? -24.404 -1.860  6.421   1.00 62.35 ? 79  LYS A CG  1 
ATOM   698  C CD  . LYS A 1 80  ? -24.936 -1.951  7.851   1.00 59.47 ? 79  LYS A CD  1 
ATOM   699  C CE  . LYS A 1 80  ? -23.836 -1.602  8.880   1.00 55.97 ? 79  LYS A CE  1 
ATOM   700  N NZ  . LYS A 1 80  ? -23.332 -0.162  8.866   1.00 54.32 ? 79  LYS A NZ  1 
ATOM   701  N N   . THR A 1 81  ? -21.175 -4.773  4.910   1.00 87.96 ? 80  THR A N   1 
ATOM   702  C CA  . THR A 1 81  ? -19.859 -5.383  5.056   1.00 80.28 ? 80  THR A CA  1 
ATOM   703  C C   . THR A 1 81  ? -19.033 -5.033  3.801   1.00 80.48 ? 80  THR A C   1 
ATOM   704  O O   . THR A 1 81  ? -19.576 -4.928  2.672   1.00 77.52 ? 80  THR A O   1 
ATOM   705  C CB  . THR A 1 81  ? -19.938 -6.902  5.307   1.00 78.03 ? 80  THR A CB  1 
ATOM   706  O OG1 . THR A 1 81  ? -21.014 -7.177  6.212   1.00 69.26 ? 80  THR A OG1 1 
ATOM   707  C CG2 . THR A 1 81  ? -18.604 -7.442  5.897   1.00 78.60 ? 80  THR A CG2 1 
ATOM   708  N N   . SER A 1 82  ? -17.741 -4.788  4.032   1.00 68.27 ? 81  SER A N   1 
ATOM   709  C CA  . SER A 1 82  ? -16.826 -4.391  2.975   1.00 59.03 ? 81  SER A CA  1 
ATOM   710  C C   . SER A 1 82  ? -16.366 -5.634  2.228   1.00 52.96 ? 81  SER A C   1 
ATOM   711  O O   . SER A 1 82  ? -16.345 -6.754  2.782   1.00 56.10 ? 81  SER A O   1 
ATOM   712  C CB  . SER A 1 82  ? -15.627 -3.645  3.555   1.00 54.99 ? 81  SER A CB  1 
ATOM   713  O OG  . SER A 1 82  ? -16.075 -2.500  4.228   1.00 56.08 ? 81  SER A OG  1 
ATOM   714  N N   . ASN A 1 83  ? -16.000 -5.425  0.967   1.00 44.41 ? 82  ASN A N   1 
ATOM   715  C CA  . ASN A 1 83  ? -15.528 -6.505  0.116   1.00 39.75 ? 82  ASN A CA  1 
ATOM   716  C C   . ASN A 1 83  ? -14.290 -7.220  0.693   1.00 38.87 ? 82  ASN A C   1 
ATOM   717  O O   . ASN A 1 83  ? -13.282 -6.546  0.983   1.00 47.92 ? 82  ASN A O   1 
ATOM   718  C CB  . ASN A 1 83  ? -15.229 -5.924  -1.260  1.00 44.17 ? 82  ASN A CB  1 
ATOM   719  C CG  . ASN A 1 83  ? -16.444 -5.257  -1.876  1.00 47.32 ? 82  ASN A CG  1 
ATOM   720  O OD1 . ASN A 1 83  ? -16.473 -4.034  -2.105  1.00 58.62 ? 82  ASN A OD1 1 
ATOM   721  N ND2 . ASN A 1 83  ? -17.468 -6.043  -2.104  1.00 45.31 ? 82  ASN A ND2 1 
ATOM   722  N N   . ASP A 1 84  ? -14.364 -8.549  0.840   1.00 40.02 ? 83  ASP A N   1 
ATOM   723  C CA  . ASP A 1 84  ? -13.325 -9.345  1.505   1.00 40.52 ? 83  ASP A CA  1 
ATOM   724  C C   . ASP A 1 84  ? -12.828 -10.649 0.847   1.00 41.98 ? 83  ASP A C   1 
ATOM   725  O O   . ASP A 1 84  ? -12.275 -11.527 1.538   1.00 48.14 ? 83  ASP A O   1 
ATOM   726  C CB  . ASP A 1 84  ? -13.786 -9.669  2.946   1.00 40.63 ? 83  ASP A CB  1 
ATOM   727  C CG  . ASP A 1 84  ? -15.101 -10.503 3.024   1.00 44.03 ? 83  ASP A CG  1 
ATOM   728  O OD1 . ASP A 1 84  ? -15.424 -11.353 2.142   1.00 34.62 ? 83  ASP A OD1 1 
ATOM   729  O OD2 . ASP A 1 84  ? -15.825 -10.307 4.049   1.00 42.43 ? 83  ASP A OD2 1 
ATOM   730  N N   . GLU A 1 85  ? -13.002 -10.809 -0.466  1.00 26.54 ? 84  GLU A N   1 
ATOM   731  C CA  . GLU A 1 85  ? -12.450 -11.968 -1.159  1.00 29.33 ? 84  GLU A CA  1 
ATOM   732  C C   . GLU A 1 85  ? -11.693 -11.431 -2.334  1.00 20.28 ? 84  GLU A C   1 
ATOM   733  O O   . GLU A 1 85  ? -12.260 -10.842 -3.267  1.00 20.80 ? 84  GLU A O   1 
ATOM   734  C CB  . GLU A 1 85  ? -13.540 -12.834 -1.754  1.00 26.94 ? 84  GLU A CB  1 
ATOM   735  C CG  . GLU A 1 85  ? -14.473 -13.446 -0.739  1.00 31.33 ? 84  GLU A CG  1 
ATOM   736  C CD  . GLU A 1 85  ? -15.760 -13.985 -1.370  1.00 32.30 ? 84  GLU A CD  1 
ATOM   737  O OE1 . GLU A 1 85  ? -16.138 -13.550 -2.491  1.00 29.88 ? 84  GLU A OE1 1 
ATOM   738  O OE2 . GLU A 1 85  ? -16.336 -14.884 -0.773  1.00 31.03 ? 84  GLU A OE2 1 
ATOM   739  N N   . PRO A 1 86  ? -10.364 -11.600 -2.328  1.00 19.71 ? 85  PRO A N   1 
ATOM   740  C CA  . PRO A 1 86  ? -9.552  -10.992 -3.388  1.00 17.20 ? 85  PRO A CA  1 
ATOM   741  C C   . PRO A 1 86  ? -9.526  -11.895 -4.643  1.00 16.99 ? 85  PRO A C   1 
ATOM   742  O O   . PRO A 1 86  ? -9.398  -13.148 -4.533  1.00 21.60 ? 85  PRO A O   1 
ATOM   743  C CB  . PRO A 1 86  ? -8.123  -10.922 -2.744  1.00 17.62 ? 85  PRO A CB  1 
ATOM   744  C CG  . PRO A 1 86  ? -8.133  -12.067 -1.787  1.00 21.04 ? 85  PRO A CG  1 
ATOM   745  C CD  . PRO A 1 86  ? -9.537  -12.174 -1.223  1.00 19.32 ? 85  PRO A CD  1 
ATOM   746  N N   . LEU A 1 87  ? -9.624  -11.278 -5.815  1.00 14.34 ? 86  LEU A N   1 
ATOM   747  C CA  . LEU A 1 87  ? -9.412  -11.942 -7.124  1.00 14.73 ? 86  LEU A CA  1 
ATOM   748  C C   . LEU A 1 87  ? -8.212  -11.226 -7.776  1.00 14.43 ? 86  LEU A C   1 
ATOM   749  O O   . LEU A 1 87  ? -8.287  -10.000 -7.953  1.00 15.15 ? 86  LEU A O   1 
ATOM   750  C CB  . LEU A 1 87  ? -10.684 -11.771 -7.990  1.00 15.24 ? 86  LEU A CB  1 
ATOM   751  C CG  . LEU A 1 87  ? -10.623 -12.473 -9.356  1.00 17.56 ? 86  LEU A CG  1 
ATOM   752  C CD1 . LEU A 1 87  ? -10.749 -13.945 -9.182  1.00 19.77 ? 86  LEU A CD1 1 
ATOM   753  C CD2 . LEU A 1 87  ? -11.776 -11.959 -10.244 1.00 20.72 ? 86  LEU A CD2 1 
ATOM   754  N N   . VAL A 1 88  ? -7.183  -12.020 -8.003  1.00 15.08 ? 87  VAL A N   1 
ATOM   755  C CA  . VAL A 1 88  ? -5.993  -11.520 -8.737  1.00 16.35 ? 87  VAL A CA  1 
ATOM   756  C C   . VAL A 1 88  ? -6.275  -11.558 -10.212 1.00 17.05 ? 87  VAL A C   1 
ATOM   757  O O   . VAL A 1 88  ? -6.340  -12.682 -10.799 1.00 20.07 ? 87  VAL A O   1 
ATOM   758  C CB  . VAL A 1 88  ? -4.736  -12.298 -8.306  1.00 17.57 ? 87  VAL A CB  1 
ATOM   759  C CG1 . VAL A 1 88  ? -3.498  -11.879 -9.096  1.00 20.10 ? 87  VAL A CG1 1 
ATOM   760  C CG2 . VAL A 1 88  ? -4.453  -12.070 -6.804  1.00 17.35 ? 87  VAL A CG2 1 
ATOM   761  N N   . LYS A 1 89  ? -6.357  -10.375 -10.773 1.00 18.02 ? 88  LYS A N   1 
ATOM   762  C CA  . LYS A 1 89  ? -6.637  -10.249 -12.238 1.00 19.78 ? 88  LYS A CA  1 
ATOM   763  C C   . LYS A 1 89  ? -5.372  -10.451 -13.064 1.00 25.94 ? 88  LYS A C   1 
ATOM   764  O O   . LYS A 1 89  ? -5.470  -10.734 -14.261 1.00 25.70 ? 88  LYS A O   1 
ATOM   765  C CB  . LYS A 1 89  ? -7.344  -8.970  -12.555 0.46 16.93 ? 88  LYS A CB  1 
ATOM   766  C CG  . LYS A 1 89  ? -8.694  -8.894  -11.896 0.46 18.41 ? 88  LYS A CG  1 
ATOM   767  C CD  . LYS A 1 89  ? -9.379  -7.626  -12.244 0.46 23.49 ? 88  LYS A CD  1 
ATOM   768  C CE  . LYS A 1 89  ? -8.779  -6.499  -11.501 0.46 24.71 ? 88  LYS A CE  1 
ATOM   769  N NZ  . LYS A 1 89  ? -9.243  -5.214  -12.083 0.46 28.22 ? 88  LYS A NZ  1 
ATOM   770  N N   . GLY A 1 90  ? -4.192  -10.231 -12.458 1.00 23.80 ? 89  GLY A N   1 
ATOM   771  C CA  . GLY A 1 90  ? -2.956  -10.338 -13.154 1.00 25.12 ? 89  GLY A CA  1 
ATOM   772  C C   . GLY A 1 90  ? -1.922  -9.514  -12.399 1.00 22.63 ? 89  GLY A C   1 
ATOM   773  O O   . GLY A 1 90  ? -2.176  -8.845  -11.379 1.00 20.57 ? 89  GLY A O   1 
ATOM   774  N N   . ALA A 1 91  ? -0.730  -9.569  -12.942 1.00 20.72 ? 90  ALA A N   1 
ATOM   775  C CA  . ALA A 1 91  ? 0.446   -8.918  -12.332 1.00 19.62 ? 90  ALA A CA  1 
ATOM   776  C C   . ALA A 1 91  ? 1.410   -8.543  -13.379 1.00 22.62 ? 90  ALA A C   1 
ATOM   777  O O   . ALA A 1 91  ? 1.555   -9.256  -14.402 1.00 24.35 ? 90  ALA A O   1 
ATOM   778  C CB  . ALA A 1 91  ? 1.086   -9.875  -11.431 1.00 21.37 ? 90  ALA A CB  1 
ATOM   779  N N   . ASP A 1 92  ? 2.143   -7.468  -13.143 1.00 17.55 ? 91  ASP A N   1 
ATOM   780  C CA  . ASP A 1 92  ? 3.201   -7.110  -14.075 1.00 15.67 ? 91  ASP A CA  1 
ATOM   781  C C   . ASP A 1 92  ? 4.378   -6.648  -13.244 1.00 13.45 ? 91  ASP A C   1 
ATOM   782  O O   . ASP A 1 92  ? 4.362   -5.499  -12.700 1.00 13.18 ? 91  ASP A O   1 
ATOM   783  C CB  . ASP A 1 92  ? 2.752   -5.964  -14.864 1.00 17.36 ? 91  ASP A CB  1 
ATOM   784  C CG  . ASP A 1 92  ? 3.768   -5.482  -15.895 1.00 20.03 ? 91  ASP A CG  1 
ATOM   785  O OD1 . ASP A 1 92  ? 4.830   -6.079  -16.025 1.00 20.85 ? 91  ASP A OD1 1 
ATOM   786  O OD2 . ASP A 1 92  ? 3.505   -4.381  -16.373 1.00 26.34 ? 91  ASP A OD2 1 
ATOM   787  N N   . ILE A 1 93  ? 5.317   -7.521  -13.147 1.00 14.52 ? 92  ILE A N   1 
ATOM   788  C CA  . ILE A 1 93  ? 6.542   -7.127  -12.432 1.00 14.91 ? 92  ILE A CA  1 
ATOM   789  C C   . ILE A 1 93  ? 7.689   -7.176  -13.448 1.00 14.01 ? 92  ILE A C   1 
ATOM   790  O O   . ILE A 1 93  ? 7.901   -8.297  -14.061 1.00 14.79 ? 92  ILE A O   1 
ATOM   791  C CB  . ILE A 1 93  ? 6.756   -8.023  -11.271 1.00 18.62 ? 92  ILE A CB  1 
ATOM   792  C CG1 . ILE A 1 93  ? 5.529   -7.758  -10.361 1.00 24.22 ? 92  ILE A CG1 1 
ATOM   793  C CG2 . ILE A 1 93  ? 8.023   -7.594  -10.519 1.00 19.09 ? 92  ILE A CG2 1 
ATOM   794  C CD1 . ILE A 1 93  ? 5.132   -8.889  -9.504  1.00 30.01 ? 92  ILE A CD1 1 
ATOM   795  N N   . PRO A 1 94  ? 8.314   -6.098  -13.720 1.00 12.78 ? 93  PRO A N   1 
ATOM   796  C CA  . PRO A 1 94  ? 9.155   -6.028  -14.947 1.00 14.80 ? 93  PRO A CA  1 
ATOM   797  C C   . PRO A 1 94  ? 10.522  -6.581  -14.803 1.00 12.87 ? 93  PRO A C   1 
ATOM   798  O O   . PRO A 1 94  ? 11.296  -6.474  -15.781 1.00 14.26 ? 93  PRO A O   1 
ATOM   799  C CB  . PRO A 1 94  ? 9.245   -4.522  -15.248 1.00 15.89 ? 93  PRO A CB  1 
ATOM   800  C CG  . PRO A 1 94  ? 9.143   -3.899  -13.847 1.00 16.73 ? 93  PRO A CG  1 
ATOM   801  C CD  . PRO A 1 94  ? 8.148   -4.737  -13.117 1.00 15.04 ? 93  PRO A CD  1 
ATOM   802  N N   . VAL A 1 95  ? 10.892  -7.145  -13.641 1.00 11.19 ? 94  VAL A N   1 
ATOM   803  C CA  . VAL A 1 95  ? 12.219  -7.764  -13.417 1.00 12.56 ? 94  VAL A CA  1 
ATOM   804  C C   . VAL A 1 95  ? 12.026  -9.035  -12.645 1.00 11.73 ? 94  VAL A C   1 
ATOM   805  O O   . VAL A 1 95  ? 10.969  -9.218  -11.986 1.00 11.85 ? 94  VAL A O   1 
ATOM   806  C CB  . VAL A 1 95  ? 13.230  -6.848  -12.668 1.00 12.74 ? 94  VAL A CB  1 
ATOM   807  C CG1 . VAL A 1 95  ? 13.477  -5.558  -13.418 1.00 14.41 ? 94  VAL A CG1 1 
ATOM   808  C CG2 . VAL A 1 95  ? 12.758  -6.612  -11.228 1.00 13.02 ? 94  VAL A CG2 1 
ATOM   809  N N   . ASP A 1 96  ? 13.002  -9.946  -12.648 1.00 11.63 ? 95  ASP A N   1 
ATOM   810  C CA  . ASP A 1 96  ? 12.984  -11.121 -11.822 1.00 11.75 ? 95  ASP A CA  1 
ATOM   811  C C   . ASP A 1 96  ? 13.111  -10.702 -10.298 1.00 10.79 ? 95  ASP A C   1 
ATOM   812  O O   . ASP A 1 96  ? 13.965  -9.954  -9.982  1.00 13.55 ? 95  ASP A O   1 
ATOM   813  C CB  . ASP A 1 96  ? 14.249  -11.963 -12.174 1.00 14.34 ? 95  ASP A CB  1 
ATOM   814  C CG  . ASP A 1 96  ? 14.349  -13.322 -11.480 1.00 15.09 ? 95  ASP A CG  1 
ATOM   815  O OD1 . ASP A 1 96  ? 13.421  -13.789 -10.831 1.00 17.28 ? 95  ASP A OD1 1 
ATOM   816  O OD2 . ASP A 1 96  ? 15.303  -14.068 -11.940 1.00 20.05 ? 95  ASP A OD2 1 
ATOM   817  N N   . ILE A 1 97  ? 12.271  -11.313 -9.485  1.00 10.59 ? 96  ILE A N   1 
ATOM   818  C CA  . ILE A 1 97  ? 12.242  -11.075 -8.038  1.00 11.48 ? 96  ILE A CA  1 
ATOM   819  C C   . ILE A 1 97  ? 12.974  -12.134 -7.289  1.00 10.82 ? 96  ILE A C   1 
ATOM   820  O O   . ILE A 1 97  ? 13.116  -11.999 -6.067  1.00 11.85 ? 96  ILE A O   1 
ATOM   821  C CB  . ILE A 1 97  ? 10.817  -10.874 -7.516  1.00 11.49 ? 96  ILE A CB  1 
ATOM   822  C CG1 . ILE A 1 97  ? 9.920   -12.077 -7.620  1.00 12.78 ? 96  ILE A CG1 1 
ATOM   823  C CG2 . ILE A 1 97  ? 10.205  -9.649  -8.176  1.00 13.21 ? 96  ILE A CG2 1 
ATOM   824  C CD1 . ILE A 1 97  ? 8.580   -11.936 -6.885  1.00 13.56 ? 96  ILE A CD1 1 
ATOM   825  N N   . THR A 1 98  ? 13.463  -13.227 -7.918  1.00 11.70 ? 97  THR A N   1 
ATOM   826  C CA  . THR A 1 98  ? 14.064  -14.286 -7.129  1.00 13.10 ? 97  THR A CA  1 
ATOM   827  C C   . THR A 1 98  ? 15.318  -13.814 -6.479  1.00 12.44 ? 97  THR A C   1 
ATOM   828  O O   . THR A 1 98  ? 16.179  -13.148 -7.111  1.00 13.37 ? 97  THR A O   1 
ATOM   829  C CB  . THR A 1 98  ? 14.274  -15.486 -8.076  1.00 13.92 ? 97  THR A CB  1 
ATOM   830  O OG1 . THR A 1 98  ? 13.008  -16.015 -8.400  1.00 14.80 ? 97  THR A OG1 1 
ATOM   831  C CG2 . THR A 1 98  ? 15.142  -16.581 -7.438  1.00 15.24 ? 97  THR A CG2 1 
ATOM   832  N N   . ASP A 1 99  ? 15.472  -14.130 -5.201  1.00 12.64 ? 98  ASP A N   1 
ATOM   833  C CA  . ASP A 1 99  ? 16.567  -13.744 -4.345  1.00 14.70 ? 98  ASP A CA  1 
ATOM   834  C C   . ASP A 1 99  ? 16.674  -12.229 -4.119  1.00 13.79 ? 98  ASP A C   1 
ATOM   835  O O   . ASP A 1 99  ? 17.673  -11.757 -3.705  1.00 18.35 ? 98  ASP A O   1 
ATOM   836  C CB  . ASP A 1 99  ? 17.902  -14.314 -4.875  1.00 17.05 ? 98  ASP A CB  1 
ATOM   837  C CG  . ASP A 1 99  ? 17.912  -15.818 -4.856  1.00 23.15 ? 98  ASP A CG  1 
ATOM   838  O OD1 . ASP A 1 99  ? 17.246  -16.441 -4.071  1.00 25.55 ? 98  ASP A OD1 1 
ATOM   839  O OD2 . ASP A 1 99  ? 18.624  -16.458 -5.686  1.00 33.07 ? 98  ASP A OD2 1 
ATOM   840  N N   . GLN A 1 100 ? 15.617  -11.465 -4.445  1.00 12.26 ? 99  GLN A N   1 
ATOM   841  C CA  . GLN A 1 100 ? 15.565  -10.041 -4.220  1.00 11.94 ? 99  GLN A CA  1 
ATOM   842  C C   . GLN A 1 100 ? 14.568  -9.755  -3.070  1.00 10.17 ? 99  GLN A C   1 
ATOM   843  O O   . GLN A 1 100 ? 13.654  -10.567 -2.800  1.00 11.07 ? 99  GLN A O   1 
ATOM   844  C CB  . GLN A 1 100 ? 15.057  -9.310  -5.457  1.00 12.86 ? 99  GLN A CB  1 
ATOM   845  C CG  . GLN A 1 100 ? 15.938  -9.652  -6.724  1.00 15.96 ? 99  GLN A CG  1 
ATOM   846  C CD  . GLN A 1 100 ? 17.349  -9.008  -6.556  1.00 21.82 ? 99  GLN A CD  1 
ATOM   847  O OE1 . GLN A 1 100 ? 18.061  -9.249  -5.601  1.00 42.58 ? 99  GLN A OE1 1 
ATOM   848  N NE2 . GLN A 1 100 ? 17.668  -8.122  -7.418  1.00 35.44 ? 99  GLN A NE2 1 
ATOM   849  N N   . LYS A 1 101 ? 14.721  -8.624  -2.423  1.00 10.25 ? 100 LYS A N   1 
ATOM   850  C CA  . LYS A 1 101 ? 13.739  -8.125  -1.462  1.00 9.52  ? 100 LYS A CA  1 
ATOM   851  C C   . LYS A 1 101 ? 12.610  -7.403  -2.174  1.00 10.10 ? 100 LYS A C   1 
ATOM   852  O O   . LYS A 1 101 ? 12.855  -6.570  -3.063  1.00 11.65 ? 100 LYS A O   1 
ATOM   853  C CB  . LYS A 1 101 ? 14.469  -7.167  -0.512  0.58 8.78  ? 100 LYS A CB  1 
ATOM   854  C CG  . LYS A 1 101 ? 15.473  -7.840  0.364   0.58 12.30 ? 100 LYS A CG  1 
ATOM   855  C CD  . LYS A 1 101 ? 16.103  -6.849  1.330   0.58 14.30 ? 100 LYS A CD  1 
ATOM   856  C CE  . LYS A 1 101 ? 15.481  -6.951  2.676   0.58 14.20 ? 100 LYS A CE  1 
ATOM   857  N NZ  . LYS A 1 101 ? 16.159  -6.058  3.635   0.58 16.12 ? 100 LYS A NZ  1 
ATOM   858  N N   . VAL A 1 102 ? 11.375  -7.743  -1.872  1.00 8.60  ? 101 VAL A N   1 
ATOM   859  C CA  . VAL A 1 102 ? 10.185  -7.071  -2.399  1.00 8.58  ? 101 VAL A CA  1 
ATOM   860  C C   . VAL A 1 102 ? 9.472   -6.384  -1.291  1.00 8.26  ? 101 VAL A C   1 
ATOM   861  O O   . VAL A 1 102 ? 9.247   -6.979  -0.207  1.00 9.86  ? 101 VAL A O   1 
ATOM   862  C CB  . VAL A 1 102 ? 9.285   -8.053  -3.134  1.00 9.21  ? 101 VAL A CB  1 
ATOM   863  C CG1 . VAL A 1 102 ? 8.053   -7.355  -3.643  1.00 9.17  ? 101 VAL A CG1 1 
ATOM   864  C CG2 . VAL A 1 102 ? 10.059  -8.751  -4.252  1.00 10.51 ? 101 VAL A CG2 1 
ATOM   865  N N   . ILE A 1 103 ? 8.987   -5.162  -1.516  1.00 7.74  ? 102 ILE A N   1 
ATOM   866  C CA  . ILE A 1 103 ? 8.093   -4.494  -0.568  1.00 8.13  ? 102 ILE A CA  1 
ATOM   867  C C   . ILE A 1 103 ? 6.752   -4.258  -1.238  1.00 6.91  ? 102 ILE A C   1 
ATOM   868  O O   . ILE A 1 103 ? 6.676   -3.490  -2.227  1.00 7.86  ? 102 ILE A O   1 
ATOM   869  C CB  . ILE A 1 103 ? 8.670   -3.171  -0.023  1.00 9.04  ? 102 ILE A CB  1 
ATOM   870  C CG1 . ILE A 1 103 ? 10.117  -3.310  0.442   1.00 9.67  ? 102 ILE A CG1 1 
ATOM   871  C CG2 . ILE A 1 103 ? 7.730   -2.666  1.117   1.00 9.91  ? 102 ILE A CG2 1 
ATOM   872  C CD1 . ILE A 1 103 ? 10.729  -2.083  1.080   1.00 10.92 ? 102 ILE A CD1 1 
ATOM   873  N N   . LEU A 1 104 ? 5.700   -4.873  -0.715  1.00 7.42  ? 103 LEU A N   1 
ATOM   874  C CA  . LEU A 1 104 ? 4.326   -4.586  -1.140  1.00 7.69  ? 103 LEU A CA  1 
ATOM   875  C C   . LEU A 1 104 ? 3.889   -3.240  -0.611  1.00 7.25  ? 103 LEU A C   1 
ATOM   876  O O   . LEU A 1 104 ? 4.231   -2.909  0.544   1.00 8.30  ? 103 LEU A O   1 
ATOM   877  C CB  . LEU A 1 104 ? 3.417   -5.663  -0.616  1.00 7.76  ? 103 LEU A CB  1 
ATOM   878  C CG  . LEU A 1 104 ? 3.486   -7.070  -1.265  1.00 8.65  ? 103 LEU A CG  1 
ATOM   879  C CD1 . LEU A 1 104 ? 2.715   -8.086  -0.445  1.00 10.02 ? 103 LEU A CD1 1 
ATOM   880  C CD2 . LEU A 1 104 ? 2.908   -6.988  -2.693  1.00 10.27 ? 103 LEU A CD2 1 
ATOM   881  N N   . VAL A 1 105 ? 3.204   -2.462  -1.440  1.00 7.48  ? 104 VAL A N   1 
ATOM   882  C CA  . VAL A 1 105 ? 2.690   -1.125  -1.045  1.00 7.53  ? 104 VAL A CA  1 
ATOM   883  C C   . VAL A 1 105 ? 1.202   -1.119  -1.183  1.00 8.18  ? 104 VAL A C   1 
ATOM   884  O O   . VAL A 1 105 ? 0.641   -1.366  -2.256  1.00 8.38  ? 104 VAL A O   1 
ATOM   885  C CB  . VAL A 1 105 ? 3.377   -0.061  -1.905  1.00 8.17  ? 104 VAL A CB  1 
ATOM   886  C CG1 . VAL A 1 105 ? 2.849   1.334   -1.483  1.00 9.06  ? 104 VAL A CG1 1 
ATOM   887  C CG2 . VAL A 1 105 ? 4.915   -0.110  -1.842  1.00 8.72  ? 104 VAL A CG2 1 
ATOM   888  N N   . ASP A 1 106 ? 0.537   -0.853  -0.055  1.00 8.04  ? 105 ASP A N   1 
ATOM   889  C CA  . ASP A 1 106 ? -0.935  -0.833  0.091   1.00 8.69  ? 105 ASP A CA  1 
ATOM   890  C C   . ASP A 1 106 ? -1.382  0.503   0.624   1.00 9.91  ? 105 ASP A C   1 
ATOM   891  O O   . ASP A 1 106 ? -0.695  1.097   1.433   1.00 11.68 ? 105 ASP A O   1 
ATOM   892  C CB  . ASP A 1 106 ? -1.348  -2.006  1.072   1.00 9.32  ? 105 ASP A CB  1 
ATOM   893  C CG  . ASP A 1 106 ? -2.773  -2.361  1.163   1.00 10.65 ? 105 ASP A CG  1 
ATOM   894  O OD1 . ASP A 1 106 ? -3.603  -1.834  0.463   1.00 11.40 ? 105 ASP A OD1 1 
ATOM   895  O OD2 . ASP A 1 106 ? -3.106  -3.231  2.092   1.00 11.09 ? 105 ASP A OD2 1 
ATOM   896  N N   . ASP A 1 107 ? -2.476  1.025   0.151   1.00 8.24  ? 106 ASP A N   1 
ATOM   897  C CA  . ASP A 1 107 ? -2.948  2.305   0.686   1.00 9.44  ? 106 ASP A CA  1 
ATOM   898  C C   . ASP A 1 107 ? -3.493  2.243   2.094   1.00 8.81  ? 106 ASP A C   1 
ATOM   899  O O   . ASP A 1 107 ? -3.034  3.011   2.933   1.00 9.45  ? 106 ASP A O   1 
ATOM   900  C CB  . ASP A 1 107 ? -3.960  3.026   -0.312  1.00 10.24 ? 106 ASP A CB  1 
ATOM   901  C CG  . ASP A 1 107 ? -5.189  2.266   -0.604  1.00 11.74 ? 106 ASP A CG  1 
ATOM   902  O OD1 . ASP A 1 107 ? -5.403  1.088   -0.289  1.00 13.84 ? 106 ASP A OD1 1 
ATOM   903  O OD2 . ASP A 1 107 ? -6.134  3.001   -1.149  1.00 14.91 ? 106 ASP A OD2 1 
ATOM   904  N N   . VAL A 1 108 ? -4.387  1.303   2.344   1.00 8.86  ? 107 VAL A N   1 
ATOM   905  C CA  . VAL A 1 108 ? -5.086  1.108   3.643   1.00 9.34  ? 107 VAL A CA  1 
ATOM   906  C C   . VAL A 1 108 ? -5.018  -0.336  4.062   1.00 9.80  ? 107 VAL A C   1 
ATOM   907  O O   . VAL A 1 108 ? -5.561  -1.188  3.314   1.00 11.15 ? 107 VAL A O   1 
ATOM   908  C CB  . VAL A 1 108 ? -6.494  1.581   3.626   0.68 7.47  ? 107 VAL A CB  1 
ATOM   909  C CG1 . VAL A 1 108 ? -7.146  1.478   5.050   0.68 8.02  ? 107 VAL A CG1 1 
ATOM   910  C CG2 . VAL A 1 108 ? -6.584  3.060   3.176   0.68 7.56  ? 107 VAL A CG2 1 
ATOM   911  N N   . LEU A 1 109 ? -4.344  -0.639  5.141   1.00 8.09  ? 108 LEU A N   1 
ATOM   912  C CA  . LEU A 1 109 ? -4.358  -1.994  5.730   1.00 8.24  ? 108 LEU A CA  1 
ATOM   913  C C   . LEU A 1 109 ? -5.561  -2.161  6.607   1.00 8.28  ? 108 LEU A C   1 
ATOM   914  O O   . LEU A 1 109 ? -5.728  -1.422  7.610   1.00 9.60  ? 108 LEU A O   1 
ATOM   915  C CB  . LEU A 1 109 ? -3.075  -2.299  6.424   1.00 9.07  ? 108 LEU A CB  1 
ATOM   916  C CG  . LEU A 1 109 ? -2.892  -3.700  6.928   1.00 10.10 ? 108 LEU A CG  1 
ATOM   917  C CD1 . LEU A 1 109 ? -2.835  -4.683  5.772   1.00 9.86  ? 108 LEU A CD1 1 
ATOM   918  C CD2 . LEU A 1 109 ? -1.564  -3.854  7.692   1.00 10.41 ? 108 LEU A CD2 1 
ATOM   919  N N   . TYR A 1 110 ? -6.384  -3.113  6.299   1.00 8.20  ? 109 TYR A N   1 
ATOM   920  C CA  . TYR A 1 110 ? -7.682  -3.367  6.947   1.00 9.60  ? 109 TYR A CA  1 
ATOM   921  C C   . TYR A 1 110 ? -7.677  -4.912  7.318   1.00 8.80  ? 109 TYR A C   1 
ATOM   922  O O   . TYR A 1 110 ? -7.042  -5.281  8.305   1.00 9.01  ? 109 TYR A O   1 
ATOM   923  C CB  . TYR A 1 110 ? -8.849  -2.923  6.085   1.00 9.59  ? 109 TYR A CB  1 
ATOM   924  C CG  . TYR A 1 110 ? -10.233 -3.083  6.613   1.00 11.50 ? 109 TYR A CG  1 
ATOM   925  C CD1 . TYR A 1 110 ? -10.535 -3.276  7.905   1.00 12.92 ? 109 TYR A CD1 1 
ATOM   926  C CD2 . TYR A 1 110 ? -11.308 -3.023  5.701   1.00 13.77 ? 109 TYR A CD2 1 
ATOM   927  C CE1 . TYR A 1 110 ? -11.876 -3.390  8.388   1.00 15.08 ? 109 TYR A CE1 1 
ATOM   928  C CE2 . TYR A 1 110 ? -12.638 -3.164  6.165   1.00 14.90 ? 109 TYR A CE2 1 
ATOM   929  C CZ  . TYR A 1 110 ? -12.845 -3.322  7.505   1.00 15.00 ? 109 TYR A CZ  1 
ATOM   930  O OH  . TYR A 1 110 ? -14.190 -3.491  8.066   1.00 21.17 ? 109 TYR A OH  1 
ATOM   931  N N   . THR A 1 111 ? -8.338  -5.738  6.518   1.00 8.17  ? 110 THR A N   1 
ATOM   932  C CA  . THR A 1 111 ? -8.437  -7.166  6.871   1.00 9.25  ? 110 THR A CA  1 
ATOM   933  C C   . THR A 1 111 ? -7.137  -7.885  6.637   1.00 8.97  ? 110 THR A C   1 
ATOM   934  O O   . THR A 1 111 ? -6.928  -8.959  7.266   1.00 9.69  ? 110 THR A O   1 
ATOM   935  C CB  . THR A 1 111 ? -9.498  -7.889  6.042   1.00 10.02 ? 110 THR A CB  1 
ATOM   936  O OG1 . THR A 1 111 ? -9.130  -7.977  4.668   1.00 10.51 ? 110 THR A OG1 1 
ATOM   937  C CG2 . THR A 1 111 ? -10.899 -7.230  6.262   1.00 10.89 ? 110 THR A CG2 1 
ATOM   938  N N   . GLY A 1 112 ? -6.236  -7.401  5.765   1.00 8.23  ? 111 GLY A N   1 
ATOM   939  C CA  . GLY A 1 112 ? -5.074  -8.136  5.369   1.00 8.35  ? 111 GLY A CA  1 
ATOM   940  C C   . GLY A 1 112 ? -5.245  -9.035  4.190   1.00 7.74  ? 111 GLY A C   1 
ATOM   941  O O   . GLY A 1 112 ? -4.268  -9.601  3.714   1.00 8.35  ? 111 GLY A O   1 
ATOM   942  N N   . ARG A 1 113 ? -6.478  -9.220  3.719   1.00 8.71  ? 112 ARG A N   1 
ATOM   943  C CA  . ARG A 1 113 ? -6.757  -10.193 2.628   1.00 9.35  ? 112 ARG A CA  1 
ATOM   944  C C   . ARG A 1 113 ? -6.146  -9.818  1.286   1.00 9.98  ? 112 ARG A C   1 
ATOM   945  O O   . ARG A 1 113 ? -5.728  -10.672 0.553   1.00 10.50 ? 112 ARG A O   1 
ATOM   946  C CB  . ARG A 1 113 ? -8.229  -10.492 2.555   1.00 10.30 ? 112 ARG A CB  1 
ATOM   947  C CG  . ARG A 1 113 ? -8.739  -11.189 3.826   1.00 10.67 ? 112 ARG A CG  1 
ATOM   948  C CD  . ARG A 1 113 ? -10.227 -11.393 3.777   1.00 15.23 ? 112 ARG A CD  1 
ATOM   949  N NE  . ARG A 1 113 ? -10.817 -12.016 4.989   1.00 15.54 ? 112 ARG A NE  1 
ATOM   950  C CZ  . ARG A 1 113 ? -10.963 -13.246 5.221   1.00 20.04 ? 112 ARG A CZ  1 
ATOM   951  N NH1 . ARG A 1 113 ? -10.459 -14.124 4.395   1.00 21.39 ? 112 ARG A NH1 1 
ATOM   952  N NH2 . ARG A 1 113 ? -11.730 -13.570 6.292   1.00 18.98 ? 112 ARG A NH2 1 
ATOM   953  N N   . THR A 1 114 ? -6.119  -8.506  0.950   1.00 9.44  ? 113 THR A N   1 
ATOM   954  C CA  . THR A 1 114 ? -5.463  -8.099  -0.241  1.00 9.61  ? 113 THR A CA  1 
ATOM   955  C C   . THR A 1 114 ? -3.969  -8.375  -0.194  1.00 9.61  ? 113 THR A C   1 
ATOM   956  O O   . THR A 1 114 ? -3.331  -8.878  -1.175  1.00 10.23 ? 113 THR A O   1 
ATOM   957  C CB  . THR A 1 114 ? -5.732  -6.617  -0.593  1.00 11.10 ? 113 THR A CB  1 
ATOM   958  O OG1 . THR A 1 114 ? -7.103  -6.306  -0.489  1.00 11.47 ? 113 THR A OG1 1 
ATOM   959  C CG2 . THR A 1 114 ? -5.289  -6.275  -2.016  1.00 11.70 ? 113 THR A CG2 1 
ATOM   960  N N   . VAL A 1 115 ? -3.335  -8.117  0.967   1.00 8.83  ? 114 VAL A N   1 
ATOM   961  C CA  . VAL A 1 115 ? -1.938  -8.449  1.131   1.00 10.61 ? 114 VAL A CA  1 
ATOM   962  C C   . VAL A 1 115 ? -1.702  -9.932  0.942   1.00 9.93  ? 114 VAL A C   1 
ATOM   963  O O   . VAL A 1 115 ? -0.683  -10.287 0.328   1.00 9.98  ? 114 VAL A O   1 
ATOM   964  C CB  . VAL A 1 115 ? -1.411  -7.938  2.532   1.00 9.54  ? 114 VAL A CB  1 
ATOM   965  C CG1 . VAL A 1 115 ? 0.010   -8.432  2.817   1.00 10.46 ? 114 VAL A CG1 1 
ATOM   966  C CG2 . VAL A 1 115 ? -1.506  -6.422  2.586   1.00 9.85  ? 114 VAL A CG2 1 
ATOM   967  N N   . ARG A 1 116 ? -2.572  -10.762 1.542   1.00 9.66  ? 115 ARG A N   1 
ATOM   968  C CA  . ARG A 1 116 ? -2.339  -12.200 1.401   1.00 9.60  ? 115 ARG A CA  1 
ATOM   969  C C   . ARG A 1 116 ? -2.317  -12.601 -0.084  1.00 9.83  ? 115 ARG A C   1 
ATOM   970  O O   . ARG A 1 116 ? -1.451  -13.348 -0.537  1.00 11.04 ? 115 ARG A O   1 
ATOM   971  C CB  . ARG A 1 116 ? -3.383  -12.966 2.159   1.00 11.19 ? 115 ARG A CB  1 
ATOM   972  C CG  . ARG A 1 116 ? -3.136  -14.460 2.116   1.00 14.31 ? 115 ARG A CG  1 
ATOM   973  C CD  . ARG A 1 116 ? -4.308  -15.321 2.623   1.00 18.23 ? 115 ARG A CD  1 
ATOM   974  N NE  . ARG A 1 116 ? -5.356  -15.241 1.619   1.00 22.51 ? 115 ARG A NE  1 
ATOM   975  C CZ  . ARG A 1 116 ? -5.319  -15.814 0.418   1.00 29.54 ? 115 ARG A CZ  1 
ATOM   976  N NH1 . ARG A 1 116 ? -4.345  -16.720 0.158   1.00 33.53 ? 115 ARG A NH1 1 
ATOM   977  N NH2 . ARG A 1 116 ? -6.274  -15.517 -0.481  1.00 26.90 ? 115 ARG A NH2 1 
ATOM   978  N N   . ALA A 1 117 ? -3.268  -12.081 -0.847  1.00 9.70  ? 116 ALA A N   1 
ATOM   979  C CA  . ALA A 1 117 ? -3.281  -12.381 -2.307  1.00 10.81 ? 116 ALA A CA  1 
ATOM   980  C C   . ALA A 1 117 ? -2.101  -11.828 -3.000  1.00 11.50 ? 116 ALA A C   1 
ATOM   981  O O   . ALA A 1 117 ? -1.502  -12.479 -3.921  1.00 11.80 ? 116 ALA A O   1 
ATOM   982  C CB  . ALA A 1 117 ? -4.562  -11.893 -2.943  1.00 12.78 ? 116 ALA A CB  1 
ATOM   983  N N   . GLY A 1 118 ? -1.594  -10.637 -2.622  1.00 9.98  ? 117 GLY A N   1 
ATOM   984  C CA  . GLY A 1 118 ? -0.335  -10.081 -3.150  1.00 10.86 ? 117 GLY A CA  1 
ATOM   985  C C   . GLY A 1 118 ? 0.845   -10.958 -2.841  1.00 12.00 ? 117 GLY A C   1 
ATOM   986  O O   . GLY A 1 118 ? 1.667   -11.182 -3.797  1.00 12.00 ? 117 GLY A O   1 
ATOM   987  N N   . MET A 1 119 ? 1.011   -11.481 -1.662  1.00 11.84 ? 118 MET A N   1 
ATOM   988  C CA  . MET A 1 119 ? 2.136   -12.377 -1.402  1.00 12.07 ? 118 MET A CA  1 
ATOM   989  C C   . MET A 1 119 ? 2.018   -13.614 -2.245  1.00 13.81 ? 118 MET A C   1 
ATOM   990  O O   . MET A 1 119 ? 3.039   -14.131 -2.723  1.00 14.11 ? 118 MET A O   1 
ATOM   991  C CB  . MET A 1 119 ? 2.108   -12.860 0.033   1.00 15.78 ? 118 MET A CB  1 
ATOM   992  C CG  . MET A 1 119 ? 2.530   -11.816 1.005   1.00 17.47 ? 118 MET A CG  1 
ATOM   993  S SD  . MET A 1 119 ? 2.818   -12.587 2.662   1.00 19.98 ? 118 MET A SD  1 
ATOM   994  C CE  . MET A 1 119 ? 1.130   -12.646 3.153   1.00 19.26 ? 118 MET A CE  1 
ATOM   995  N N   . ASP A 1 120 ? 0.811   -14.166 -2.393  1.00 12.84 ? 119 ASP A N   1 
ATOM   996  C CA  . ASP A 1 120 ? 0.650   -15.356 -3.171  1.00 15.34 ? 119 ASP A CA  1 
ATOM   997  C C   . ASP A 1 120 ? 1.054   -15.103 -4.619  1.00 14.14 ? 119 ASP A C   1 
ATOM   998  O O   . ASP A 1 120 ? 1.712   -15.949 -5.305  1.00 15.97 ? 119 ASP A O   1 
ATOM   999  C CB  . ASP A 1 120 ? -0.808  -15.821 -3.202  1.00 15.39 ? 119 ASP A CB  1 
ATOM   1000 C CG  . ASP A 1 120 ? -1.246  -16.499 -1.994  1.00 18.48 ? 119 ASP A CG  1 
ATOM   1001 O OD1 . ASP A 1 120 ? -0.438  -16.843 -1.100  1.00 21.08 ? 119 ASP A OD1 1 
ATOM   1002 O OD2 . ASP A 1 120 ? -2.511  -16.575 -1.894  1.00 23.85 ? 119 ASP A OD2 1 
ATOM   1003 N N   . ALA A 1 121 ? 0.690   -13.979 -5.227  1.00 12.23 ? 120 ALA A N   1 
ATOM   1004 C CA  . ALA A 1 121 ? 1.017   -13.615 -6.558  1.00 13.25 ? 120 ALA A CA  1 
ATOM   1005 C C   . ALA A 1 121 ? 2.512   -13.453 -6.670  1.00 13.95 ? 120 ALA A C   1 
ATOM   1006 O O   . ALA A 1 121 ? 3.104   -13.880 -7.718  1.00 14.80 ? 120 ALA A O   1 
ATOM   1007 C CB  . ALA A 1 121 ? 0.374   -12.324 -6.981  1.00 13.80 ? 120 ALA A CB  1 
ATOM   1008 N N   . LEU A 1 122 ? 3.192   -12.918 -5.684  1.00 12.50 ? 121 LEU A N   1 
ATOM   1009 C CA  . LEU A 1 122 ? 4.648   -12.845 -5.763  1.00 12.87 ? 121 LEU A CA  1 
ATOM   1010 C C   . LEU A 1 122 ? 5.324   -14.196 -5.789  1.00 14.59 ? 121 LEU A C   1 
ATOM   1011 O O   . LEU A 1 122 ? 6.234   -14.424 -6.602  1.00 14.83 ? 121 LEU A O   1 
ATOM   1012 C CB  . LEU A 1 122 ? 5.171   -11.976 -4.652  1.00 11.36 ? 121 LEU A CB  1 
ATOM   1013 C CG  . LEU A 1 122 ? 4.835   -10.516 -4.710  1.00 10.77 ? 121 LEU A CG  1 
ATOM   1014 C CD1 . LEU A 1 122 ? 5.276   -9.849  -3.410  1.00 13.16 ? 121 LEU A CD1 1 
ATOM   1015 C CD2 . LEU A 1 122 ? 5.520   -9.776  -5.855  1.00 12.60 ? 121 LEU A CD2 1 
ATOM   1016 N N   . VAL A 1 123 ? 4.941   -15.069 -4.884  1.00 14.53 ? 122 VAL A N   1 
ATOM   1017 C CA  . VAL A 1 123 ? 5.575   -16.424 -4.820  1.00 16.19 ? 122 VAL A CA  1 
ATOM   1018 C C   . VAL A 1 123 ? 5.151   -17.271 -6.024  1.00 17.16 ? 122 VAL A C   1 
ATOM   1019 O O   . VAL A 1 123 ? 5.934   -18.204 -6.384  1.00 20.09 ? 122 VAL A O   1 
ATOM   1020 C CB  . VAL A 1 123 ? 5.384   -17.069 -3.456  0.57 13.98 ? 122 VAL A CB  1 
ATOM   1021 C CG1 . VAL A 1 123 ? 6.022   -16.309 -2.351  0.57 15.32 ? 122 VAL A CG1 1 
ATOM   1022 C CG2 . VAL A 1 123 ? 3.983   -17.454 -3.135  0.57 15.58 ? 122 VAL A CG2 1 
ATOM   1023 N N   . ASP A 1 124 ? 4.160   -16.906 -6.797  1.00 16.97 ? 123 ASP A N   1 
ATOM   1024 C CA  . ASP A 1 124 ? 3.782   -17.570 -8.051  1.00 20.29 ? 123 ASP A CA  1 
ATOM   1025 C C   . ASP A 1 124 ? 4.732   -17.200 -9.181  1.00 19.74 ? 123 ASP A C   1 
ATOM   1026 O O   . ASP A 1 124 ? 4.970   -18.036 -10.081 1.00 23.31 ? 123 ASP A O   1 
ATOM   1027 C CB  . ASP A 1 124 ? 2.356   -17.276 -8.451  1.00 24.62 ? 123 ASP A CB  1 
ATOM   1028 C CG  . ASP A 1 124 ? 1.283   -17.992 -7.590  1.00 32.42 ? 123 ASP A CG  1 
ATOM   1029 O OD1 . ASP A 1 124 ? 1.601   -18.774 -6.633  1.00 42.76 ? 123 ASP A OD1 1 
ATOM   1030 O OD2 . ASP A 1 124 ? 0.084   -17.706 -7.866  1.00 38.92 ? 123 ASP A OD2 1 
ATOM   1031 N N   . VAL A 1 125 ? 5.370   -16.038 -9.170  1.00 16.67 ? 124 VAL A N   1 
ATOM   1032 C CA  . VAL A 1 125 ? 6.300   -15.630 -10.224 1.00 17.87 ? 124 VAL A CA  1 
ATOM   1033 C C   . VAL A 1 125 ? 7.763   -15.630 -9.831  1.00 15.99 ? 124 VAL A C   1 
ATOM   1034 O O   . VAL A 1 125 ? 8.644   -15.435 -10.724 1.00 16.17 ? 124 VAL A O   1 
ATOM   1035 C CB  . VAL A 1 125 ? 5.983   -14.236 -10.841 1.00 21.99 ? 124 VAL A CB  1 
ATOM   1036 C CG1 . VAL A 1 125 ? 4.597   -14.184 -11.460 1.00 29.01 ? 124 VAL A CG1 1 
ATOM   1037 C CG2 . VAL A 1 125 ? 6.122   -13.122 -9.853  1.00 19.42 ? 124 VAL A CG2 1 
ATOM   1038 N N   . GLY A 1 126 ? 8.122   -15.861 -8.574  1.00 14.50 ? 125 GLY A N   1 
ATOM   1039 C CA  . GLY A 1 126 ? 9.491   -15.924 -8.241  1.00 15.47 ? 125 GLY A CA  1 
ATOM   1040 C C   . GLY A 1 126 ? 9.701   -16.335 -6.802  1.00 13.20 ? 125 GLY A C   1 
ATOM   1041 O O   . GLY A 1 126 ? 8.652   -16.626 -6.122  1.00 15.74 ? 125 GLY A O   1 
ATOM   1042 N N   . ARG A 1 127 ? 10.950  -16.314 -6.319  1.00 12.68 ? 126 ARG A N   1 
ATOM   1043 C CA  . ARG A 1 127 ? 11.240  -16.708 -4.958  1.00 13.41 ? 126 ARG A CA  1 
ATOM   1044 C C   . ARG A 1 127 ? 12.039  -15.605 -4.311  1.00 11.66 ? 126 ARG A C   1 
ATOM   1045 O O   . ARG A 1 127 ? 13.230  -15.628 -4.154  1.00 12.96 ? 126 ARG A O   1 
ATOM   1046 C CB  . ARG A 1 127 ? 12.006  -18.042 -4.934  0.61 13.27 ? 126 ARG A CB  1 
ATOM   1047 C CG  . ARG A 1 127 ? 11.281  -19.222 -5.548  0.61 14.90 ? 126 ARG A CG  1 
ATOM   1048 C CD  . ARG A 1 127 ? 12.165  -20.508 -5.444  0.61 17.63 ? 126 ARG A CD  1 
ATOM   1049 N NE  . ARG A 1 127 ? 13.419  -20.465 -6.159  0.61 17.27 ? 126 ARG A NE  1 
ATOM   1050 C CZ  . ARG A 1 127 ? 13.556  -20.479 -7.468  0.61 21.75 ? 126 ARG A CZ  1 
ATOM   1051 N NH1 . ARG A 1 127 ? 12.489  -20.619 -8.230  0.61 23.90 ? 126 ARG A NH1 1 
ATOM   1052 N NH2 . ARG A 1 127 ? 14.774  -20.440 -8.000  0.61 21.06 ? 126 ARG A NH2 1 
ATOM   1053 N N   . PRO A 1 128 ? 11.311  -14.516 -3.909  1.00 12.47 ? 127 PRO A N   1 
ATOM   1054 C CA  . PRO A 1 128 ? 11.999  -13.408 -3.258  1.00 12.69 ? 127 PRO A CA  1 
ATOM   1055 C C   . PRO A 1 128 ? 12.702  -13.787 -1.953  1.00 10.67 ? 127 PRO A C   1 
ATOM   1056 O O   . PRO A 1 128 ? 12.274  -14.738 -1.264  1.00 11.86 ? 127 PRO A O   1 
ATOM   1057 C CB  . PRO A 1 128 ? 10.834  -12.388 -3.027  1.00 13.37 ? 127 PRO A CB  1 
ATOM   1058 C CG  . PRO A 1 128 ? 9.654   -13.183 -3.080  1.00 13.74 ? 127 PRO A CG  1 
ATOM   1059 C CD  . PRO A 1 128 ? 9.864   -14.316 -4.005  1.00 13.08 ? 127 PRO A CD  1 
ATOM   1060 N N   . SER A 1 129 ? 13.815  -13.143 -1.619  1.00 9.65  ? 128 SER A N   1 
ATOM   1061 C CA  . SER A 1 129 ? 14.520  -13.436 -0.413  1.00 10.99 ? 128 SER A CA  1 
ATOM   1062 C C   . SER A 1 129 ? 13.638  -13.029 0.795   1.00 10.78 ? 128 SER A C   1 
ATOM   1063 O O   . SER A 1 129 ? 13.716  -13.697 1.867   1.00 12.06 ? 128 SER A O   1 
ATOM   1064 C CB  . SER A 1 129 ? 15.858  -12.740 -0.356  0.79 11.01 ? 128 SER A CB  1 
ATOM   1065 O OG  . SER A 1 129 ? 15.749  -11.352 -0.509  0.79 13.00 ? 128 SER A OG  1 
ATOM   1066 N N   . SER A 1 130 ? 12.830  -11.996 0.685   1.00 9.37  ? 129 SER A N   1 
ATOM   1067 C CA  . SER A 1 130 ? 11.825  -11.635 1.737   1.00 8.17  ? 129 SER A CA  1 
ATOM   1068 C C   . SER A 1 130 ? 10.824  -10.727 1.101   1.00 7.91  ? 129 SER A C   1 
ATOM   1069 O O   . SER A 1 130 ? 11.061  -10.146 0.010   1.00 8.66  ? 129 SER A O   1 
ATOM   1070 C CB  . SER A 1 130 ? 12.453  -10.975 2.954   1.00 10.91 ? 129 SER A CB  1 
ATOM   1071 O OG  . SER A 1 130 ? 13.098  -9.789  2.581   1.00 12.44 ? 129 SER A OG  1 
ATOM   1072 N N   . ILE A 1 131 ? 9.671   -10.630 1.742   1.00 7.10  ? 130 ILE A N   1 
ATOM   1073 C CA  . ILE A 1 131 ? 8.574   -9.689  1.378   1.00 7.22  ? 130 ILE A CA  1 
ATOM   1074 C C   . ILE A 1 131 ? 8.282   -8.848  2.577   1.00 7.59  ? 130 ILE A C   1 
ATOM   1075 O O   . ILE A 1 131 ? 7.998   -9.396  3.683   1.00 8.98  ? 130 ILE A O   1 
ATOM   1076 C CB  . ILE A 1 131 ? 7.327   -10.428 0.881   1.00 7.72  ? 130 ILE A CB  1 
ATOM   1077 C CG1 . ILE A 1 131 ? 7.637   -11.371 -0.307  1.00 8.51  ? 130 ILE A CG1 1 
ATOM   1078 C CG2 . ILE A 1 131 ? 6.257   -9.409  0.473   1.00 9.78  ? 130 ILE A CG2 1 
ATOM   1079 C CD1 . ILE A 1 131 ? 6.540   -12.281 -0.694  1.00 8.92  ? 130 ILE A CD1 1 
ATOM   1080 N N   . GLN A 1 132 ? 8.328   -7.515  2.427   1.00 7.99  ? 131 GLN A N   1 
ATOM   1081 C CA  . GLN A 1 132 ? 7.898   -6.583  3.450   1.00 7.60  ? 131 GLN A CA  1 
ATOM   1082 C C   . GLN A 1 132 ? 6.617   -5.891  3.011   1.00 7.52  ? 131 GLN A C   1 
ATOM   1083 O O   . GLN A 1 132 ? 6.177   -6.043  1.874   1.00 7.69  ? 131 GLN A O   1 
ATOM   1084 C CB  . GLN A 1 132 ? 8.987   -5.580  3.696   1.00 9.68  ? 131 GLN A CB  1 
ATOM   1085 C CG  . GLN A 1 132 ? 10.336  -6.119  4.316   1.00 11.33 ? 131 GLN A CG  1 
ATOM   1086 C CD  . GLN A 1 132 ? 11.468  -5.122  4.283   1.00 14.69 ? 131 GLN A CD  1 
ATOM   1087 O OE1 . GLN A 1 132 ? 11.409  -3.916  3.866   1.00 21.31 ? 131 GLN A OE1 1 
ATOM   1088 N NE2 . GLN A 1 132 ? 12.688  -5.590  4.765   1.00 22.10 ? 131 GLN A NE2 1 
ATOM   1089 N N   . LEU A 1 133 ? 6.013   -5.102  3.912   1.00 7.13  ? 132 LEU A N   1 
ATOM   1090 C CA  . LEU A 1 133 ? 4.745   -4.454  3.666   1.00 7.05  ? 132 LEU A CA  1 
ATOM   1091 C C   . LEU A 1 133 ? 4.793   -3.002  4.119   1.00 6.60  ? 132 LEU A C   1 
ATOM   1092 O O   . LEU A 1 133 ? 5.082   -2.728  5.325   1.00 7.65  ? 132 LEU A O   1 
ATOM   1093 C CB  . LEU A 1 133 ? 3.597   -5.184  4.362   1.00 7.81  ? 132 LEU A CB  1 
ATOM   1094 C CG  . LEU A 1 133 ? 2.207   -4.540  4.293   1.00 8.29  ? 132 LEU A CG  1 
ATOM   1095 C CD1 . LEU A 1 133 ? 1.727   -4.421  2.834   1.00 7.81  ? 132 LEU A CD1 1 
ATOM   1096 C CD2 . LEU A 1 133 ? 1.224   -5.270  5.173   1.00 9.15  ? 132 LEU A CD2 1 
ATOM   1097 N N   . ALA A 1 134 ? 4.516   -2.100  3.220   1.00 6.88  ? 133 ALA A N   1 
ATOM   1098 C CA  . ALA A 1 134 ? 4.419   -0.639  3.547   1.00 7.24  ? 133 ALA A CA  1 
ATOM   1099 C C   . ALA A 1 134 ? 2.994   -0.179  3.279   1.00 7.41  ? 133 ALA A C   1 
ATOM   1100 O O   . ALA A 1 134 ? 2.423   -0.508  2.189   1.00 7.56  ? 133 ALA A O   1 
ATOM   1101 C CB  . ALA A 1 134 ? 5.362   0.180   2.692   1.00 7.75  ? 133 ALA A CB  1 
ATOM   1102 N N   . VAL A 1 135 ? 2.397   0.543   4.242   1.00 7.91  ? 134 VAL A N   1 
ATOM   1103 C CA  . VAL A 1 135 ? 1.030   1.041   4.100   1.00 8.46  ? 134 VAL A CA  1 
ATOM   1104 C C   . VAL A 1 135 ? 0.938   2.498   4.478   1.00 7.39  ? 134 VAL A C   1 
ATOM   1105 O O   . VAL A 1 135 ? 1.614   2.942   5.401   1.00 8.22  ? 134 VAL A O   1 
ATOM   1106 C CB  . VAL A 1 135 ? 0.038   0.167   4.936   1.00 7.94  ? 134 VAL A CB  1 
ATOM   1107 C CG1 . VAL A 1 135 ? 0.224   -1.311  4.612   1.00 8.92  ? 134 VAL A CG1 1 
ATOM   1108 C CG2 . VAL A 1 135 ? 0.120   0.431   6.396   1.00 8.76  ? 134 VAL A CG2 1 
ATOM   1109 N N   . LEU A 1 136 ? 0.113   3.232   3.772   1.00 7.55  ? 135 LEU A N   1 
ATOM   1110 C CA  . LEU A 1 136 ? -0.127  4.611   4.146   1.00 8.20  ? 135 LEU A CA  1 
ATOM   1111 C C   . LEU A 1 136 ? -0.880  4.739   5.441   1.00 8.22  ? 135 LEU A C   1 
ATOM   1112 O O   . LEU A 1 136 ? -0.494  5.523   6.316   1.00 9.34  ? 135 LEU A O   1 
ATOM   1113 C CB  . LEU A 1 136 ? -0.728  5.384   2.998   1.00 8.70  ? 135 LEU A CB  1 
ATOM   1114 C CG  . LEU A 1 136 ? -0.933  6.917   3.233   1.00 9.19  ? 135 LEU A CG  1 
ATOM   1115 C CD1 . LEU A 1 136 ? 0.375   7.659   3.381   1.00 10.37 ? 135 LEU A CD1 1 
ATOM   1116 C CD2 . LEU A 1 136 ? -1.719  7.526   2.049   1.00 11.19 ? 135 LEU A CD2 1 
ATOM   1117 N N   . VAL A 1 137 ? -1.972  4.009   5.598   1.00 8.31  ? 136 VAL A N   1 
ATOM   1118 C CA  . VAL A 1 137 ? -2.804  3.984   6.779   1.00 9.02  ? 136 VAL A CA  1 
ATOM   1119 C C   . VAL A 1 137 ? -3.030  2.513   7.261   1.00 8.71  ? 136 VAL A C   1 
ATOM   1120 O O   . VAL A 1 137 ? -3.262  1.657   6.423   1.00 9.79  ? 136 VAL A O   1 
ATOM   1121 C CB  . VAL A 1 137 ? -4.176  4.618   6.544   0.53 6.23  ? 136 VAL A CB  1 
ATOM   1122 C CG1 . VAL A 1 137 ? -5.141  4.491   7.770   0.53 5.86  ? 136 VAL A CG1 1 
ATOM   1123 C CG2 . VAL A 1 137 ? -3.983  6.106   6.169   0.53 6.51  ? 136 VAL A CG2 1 
ATOM   1124 N N   . ASP A 1 138 ? -2.893  2.268   8.547   1.00 8.72  ? 137 ASP A N   1 
ATOM   1125 C CA  . ASP A 1 138 ? -3.344  1.029   9.166   1.00 9.08  ? 137 ASP A CA  1 
ATOM   1126 C C   . ASP A 1 138 ? -4.606  1.338   9.990   1.00 9.52  ? 137 ASP A C   1 
ATOM   1127 O O   . ASP A 1 138 ? -4.481  2.117   10.979  1.00 10.97 ? 137 ASP A O   1 
ATOM   1128 C CB  . ASP A 1 138 ? -2.238  0.430   10.021  1.00 9.68  ? 137 ASP A CB  1 
ATOM   1129 C CG  . ASP A 1 138 ? -2.599  -0.900  10.696  1.00 10.62 ? 137 ASP A CG  1 
ATOM   1130 O OD1 . ASP A 1 138 ? -3.742  -1.304  10.669  1.00 11.67 ? 137 ASP A OD1 1 
ATOM   1131 O OD2 . ASP A 1 138 ? -1.631  -1.507  11.302  1.00 15.02 ? 137 ASP A OD2 1 
ATOM   1132 N N   . ARG A 1 139 ? -5.740  0.790   9.611   1.00 9.73  ? 138 ARG A N   1 
ATOM   1133 C CA  . ARG A 1 139 ? -6.996  1.040   10.357  1.00 10.76 ? 138 ARG A CA  1 
ATOM   1134 C C   . ARG A 1 139 ? -7.440  -0.110  11.216  1.00 10.63 ? 138 ARG A C   1 
ATOM   1135 O O   . ARG A 1 139 ? -8.572  -0.061  11.783  1.00 12.35 ? 138 ARG A O   1 
ATOM   1136 C CB  . ARG A 1 139 ? -8.095  1.396   9.387   1.00 12.39 ? 138 ARG A CB  1 
ATOM   1137 C CG  . ARG A 1 139 ? -8.592  0.200   8.518   1.00 13.58 ? 138 ARG A CG  1 
ATOM   1138 C CD  . ARG A 1 139 ? -9.872  0.422   7.831   1.00 15.36 ? 138 ARG A CD  1 
ATOM   1139 N NE  . ARG A 1 139 ? -10.929 0.430   8.857   1.00 16.79 ? 138 ARG A NE  1 
ATOM   1140 C CZ  . ARG A 1 139 ? -12.186 0.369   8.527   1.00 19.63 ? 138 ARG A CZ  1 
ATOM   1141 N NH1 . ARG A 1 139 ? -12.520 0.423   7.277   1.00 21.75 ? 138 ARG A NH1 1 
ATOM   1142 N NH2 . ARG A 1 139 ? -13.059 0.316   9.548   1.00 23.99 ? 138 ARG A NH2 1 
ATOM   1143 N N   . GLY A 1 140 ? -6.558  -1.055  11.458  1.00 10.97 ? 139 GLY A N   1 
ATOM   1144 C CA  . GLY A 1 140 ? -6.831  -2.211  12.323  1.00 11.31 ? 139 GLY A CA  1 
ATOM   1145 C C   . GLY A 1 140 ? -7.823  -3.156  11.722  1.00 10.05 ? 139 GLY A C   1 
ATOM   1146 O O   . GLY A 1 140 ? -8.113  -3.195  10.529  1.00 10.72 ? 139 GLY A O   1 
ATOM   1147 N N   . HIS A 1 141 ? -8.413  -4.011  12.623  1.00 10.67 ? 140 HIS A N   1 
ATOM   1148 C CA  . HIS A 1 141 ? -9.387  -5.029  12.241  1.00 11.85 ? 140 HIS A CA  1 
ATOM   1149 C C   . HIS A 1 141 ? -8.869  -6.101  11.227  1.00 9.87  ? 140 HIS A C   1 
ATOM   1150 O O   . HIS A 1 141 ? -9.576  -6.515  10.340  1.00 10.69 ? 140 HIS A O   1 
ATOM   1151 C CB  . HIS A 1 141 ? -10.656 -4.426  11.729  1.00 13.78 ? 140 HIS A CB  1 
ATOM   1152 C CG  . HIS A 1 141 ? -11.303 -3.544  12.748  1.00 16.31 ? 140 HIS A CG  1 
ATOM   1153 N ND1 . HIS A 1 141 ? -12.115 -4.042  13.774  1.00 20.30 ? 140 HIS A ND1 1 
ATOM   1154 C CD2 . HIS A 1 141 ? -11.228 -2.214  12.936  1.00 19.83 ? 140 HIS A CD2 1 
ATOM   1155 C CE1 . HIS A 1 141 ? -12.535 -3.010  14.514  1.00 19.30 ? 140 HIS A CE1 1 
ATOM   1156 N NE2 . HIS A 1 141 ? -11.969 -1.913  14.050  1.00 22.59 ? 140 HIS A NE2 1 
ATOM   1157 N N   . ARG A 1 142 ? -7.659  -6.536  11.510  1.00 10.86 ? 141 ARG A N   1 
ATOM   1158 C CA  . ARG A 1 142 ? -7.098  -7.666  10.737  1.00 10.55 ? 141 ARG A CA  1 
ATOM   1159 C C   . ARG A 1 142 ? -7.963  -8.889  10.828  1.00 9.88  ? 141 ARG A C   1 
ATOM   1160 O O   . ARG A 1 142 ? -8.513  -9.187  11.967  1.00 12.72 ? 141 ARG A O   1 
ATOM   1161 C CB  . ARG A 1 142 ? -5.605  -7.928  11.171  1.00 14.18 ? 141 ARG A CB  1 
ATOM   1162 C CG  . ARG A 1 142 ? -4.721  -8.169  9.868   1.00 13.78 ? 141 ARG A CG  1 
ATOM   1163 C CD  . ARG A 1 142 ? -4.260  -6.946  9.132   1.00 16.42 ? 141 ARG A CD  1 
ATOM   1164 N NE  . ARG A 1 142 ? -3.455  -6.066  9.924   1.00 15.46 ? 141 ARG A NE  1 
ATOM   1165 C CZ  . ARG A 1 142 ? -3.818  -4.776  10.308  1.00 12.96 ? 141 ARG A CZ  1 
ATOM   1166 N NH1 . ARG A 1 142 ? -4.855  -4.137  9.929   1.00 11.87 ? 141 ARG A NH1 1 
ATOM   1167 N NH2 . ARG A 1 142 ? -2.914  -4.222  11.017  1.00 14.43 ? 141 ARG A NH2 1 
ATOM   1168 N N   . GLU A 1 143 ? -8.032  -9.697  9.782   1.00 9.04  ? 142 GLU A N   1 
ATOM   1169 C CA  . GLU A 1 143 ? -8.688  -10.990 9.796   1.00 9.26  ? 142 GLU A CA  1 
ATOM   1170 C C   . GLU A 1 143 ? -7.697  -12.100 9.482   1.00 9.17  ? 142 GLU A C   1 
ATOM   1171 O O   . GLU A 1 143 ? -8.103  -13.247 9.261   1.00 8.67  ? 142 GLU A O   1 
ATOM   1172 C CB  . GLU A 1 143 ? -9.830  -11.008 8.798   1.00 9.84  ? 142 GLU A CB  1 
ATOM   1173 C CG  . GLU A 1 143 ? -10.947 -10.033 9.192   1.00 12.31 ? 142 GLU A CG  1 
ATOM   1174 C CD  . GLU A 1 143 ? -12.112 -9.950  8.218   1.00 15.97 ? 142 GLU A CD  1 
ATOM   1175 O OE1 . GLU A 1 143 ? -12.127 -10.536 7.198   1.00 15.39 ? 142 GLU A OE1 1 
ATOM   1176 O OE2 . GLU A 1 143 ? -13.063 -9.176  8.526   1.00 21.54 ? 142 GLU A OE2 1 
ATOM   1177 N N   . LEU A 1 144 ? -6.407  -11.747 9.329   1.00 9.31  ? 143 LEU A N   1 
ATOM   1178 C CA  . LEU A 1 144 ? -5.315  -12.668 9.031   1.00 9.01  ? 143 LEU A CA  1 
ATOM   1179 C C   . LEU A 1 144 ? -4.143  -12.253 9.895   1.00 8.79  ? 143 LEU A C   1 
ATOM   1180 O O   . LEU A 1 144 ? -4.082  -11.076 10.291  1.00 10.45 ? 143 LEU A O   1 
ATOM   1181 C CB  . LEU A 1 144 ? -4.945  -12.572 7.547   1.00 8.56  ? 143 LEU A CB  1 
ATOM   1182 C CG  . LEU A 1 144 ? -5.945  -13.024 6.531   1.00 9.41  ? 143 LEU A CG  1 
ATOM   1183 C CD1 . LEU A 1 144 ? -5.421  -12.726 5.136   1.00 10.74 ? 143 LEU A CD1 1 
ATOM   1184 C CD2 . LEU A 1 144 ? -6.292  -14.498 6.696   1.00 10.38 ? 143 LEU A CD2 1 
ATOM   1185 N N   . PRO A 1 145 ? -3.129  -13.095 10.104  1.00 8.62  ? 144 PRO A N   1 
ATOM   1186 C CA  . PRO A 1 145 ? -2.004  -12.705 10.991  1.00 8.78  ? 144 PRO A CA  1 
ATOM   1187 C C   . PRO A 1 145 ? -0.895  -11.907 10.244  1.00 9.08  ? 144 PRO A C   1 
ATOM   1188 O O   . PRO A 1 145 ? 0.259   -12.339 10.118  1.00 10.48 ? 144 PRO A O   1 
ATOM   1189 C CB  . PRO A 1 145 ? -1.534  -14.099 11.489  1.00 9.55  ? 144 PRO A CB  1 
ATOM   1190 C CG  . PRO A 1 145 ? -1.768  -14.990 10.328  1.00 9.78  ? 144 PRO A CG  1 
ATOM   1191 C CD  . PRO A 1 145 ? -3.113  -14.527 9.814   1.00 9.36  ? 144 PRO A CD  1 
ATOM   1192 N N   . ILE A 1 146 ? -1.301  -10.706 9.764   1.00 8.52  ? 145 ILE A N   1 
ATOM   1193 C CA  . ILE A 1 146 ? -0.474  -9.849  8.907   1.00 7.99  ? 145 ILE A CA  1 
ATOM   1194 C C   . ILE A 1 146 ? -0.237  -8.548  9.630   1.00 9.10  ? 145 ILE A C   1 
ATOM   1195 O O   . ILE A 1 146 ? -1.143  -7.982  10.270  1.00 11.99 ? 145 ILE A O   1 
ATOM   1196 C CB  . ILE A 1 146 ? -1.181  -9.651  7.523   0.54 6.42  ? 145 ILE A CB  1 
ATOM   1197 C CG1 . ILE A 1 146 ? -1.082  -11.026 6.740   0.54 7.68  ? 145 ILE A CG1 1 
ATOM   1198 C CG2 . ILE A 1 146 ? -0.541  -8.512  6.735   0.54 6.17  ? 145 ILE A CG2 1 
ATOM   1199 C CD1 . ILE A 1 146 ? -1.821  -11.234 5.483   0.54 8.62  ? 145 ILE A CD1 1 
ATOM   1200 N N   . ARG A 1 147 ? 0.961   -8.050  9.510   1.00 9.81  ? 146 ARG A N   1 
ATOM   1201 C CA  . ARG A 1 147 ? 1.325   -6.735  10.083  1.00 11.24 ? 146 ARG A CA  1 
ATOM   1202 C C   . ARG A 1 147 ? 2.216   -5.959  9.122   1.00 10.41 ? 146 ARG A C   1 
ATOM   1203 O O   . ARG A 1 147 ? 3.005   -6.567  8.406   1.00 11.64 ? 146 ARG A O   1 
ATOM   1204 C CB  . ARG A 1 147 ? 2.111   -6.937  11.356  1.00 16.27 ? 146 ARG A CB  1 
ATOM   1205 C CG  . ARG A 1 147 ? 3.331   -7.803  11.060  1.00 25.39 ? 146 ARG A CG  1 
ATOM   1206 C CD  . ARG A 1 147 ? 4.555   -7.689  11.951  1.00 36.78 ? 146 ARG A CD  1 
ATOM   1207 N NE  . ARG A 1 147 ? 5.694   -8.457  11.387  1.00 36.43 ? 146 ARG A NE  1 
ATOM   1208 C CZ  . ARG A 1 147 ? 6.292   -8.201  10.217  1.00 38.79 ? 146 ARG A CZ  1 
ATOM   1209 N NH1 . ARG A 1 147 ? 5.801   -7.268  9.379   1.00 25.35 ? 146 ARG A NH1 1 
ATOM   1210 N NH2 . ARG A 1 147 ? 7.370   -8.910  9.849   1.00 42.48 ? 146 ARG A NH2 1 
ATOM   1211 N N   . ALA A 1 148 ? 2.071   -4.662  9.072   1.00 8.68  ? 147 ALA A N   1 
ATOM   1212 C CA  . ALA A 1 148 ? 2.930   -3.840  8.222   1.00 9.35  ? 147 ALA A CA  1 
ATOM   1213 C C   . ALA A 1 148 ? 4.281   -3.588  8.817   1.00 9.06  ? 147 ALA A C   1 
ATOM   1214 O O   . ALA A 1 148 ? 4.442   -3.433  10.073  1.00 11.66 ? 147 ALA A O   1 
ATOM   1215 C CB  . ALA A 1 148 ? 2.285   -2.472  7.997   1.00 9.91  ? 147 ALA A CB  1 
ATOM   1216 N N   . ASP A 1 149 ? 5.297   -3.483  7.985   1.00 8.55  ? 148 ASP A N   1 
ATOM   1217 C CA  . ASP A 1 149 ? 6.659   -3.078  8.361   1.00 9.32  ? 148 ASP A CA  1 
ATOM   1218 C C   . ASP A 1 149 ? 6.867   -1.600  8.384   1.00 9.58  ? 148 ASP A C   1 
ATOM   1219 O O   . ASP A 1 149 ? 7.748   -1.074  9.141   1.00 10.12 ? 148 ASP A O   1 
ATOM   1220 C CB  . ASP A 1 149 ? 7.656   -3.762  7.392   1.00 10.32 ? 148 ASP A CB  1 
ATOM   1221 C CG  . ASP A 1 149 ? 7.569   -5.229  7.378   1.00 11.32 ? 148 ASP A CG  1 
ATOM   1222 O OD1 . ASP A 1 149 ? 7.891   -5.836  8.462   1.00 14.72 ? 148 ASP A OD1 1 
ATOM   1223 O OD2 . ASP A 1 149 ? 7.108   -5.878  6.459   1.00 9.73  ? 148 ASP A OD2 1 
ATOM   1224 N N   . TYR A 1 150 ? 6.093   -0.863  7.561   1.00 7.94  ? 149 TYR A N   1 
ATOM   1225 C CA  . TYR A 1 150 ? 6.192   0.613   7.462   1.00 7.68  ? 149 TYR A CA  1 
ATOM   1226 C C   . TYR A 1 150 ? 4.765   1.093   7.456   1.00 7.86  ? 149 TYR A C   1 
ATOM   1227 O O   . TYR A 1 150 ? 3.945   0.564   6.696   1.00 8.25  ? 149 TYR A O   1 
ATOM   1228 C CB  . TYR A 1 150 ? 6.915   1.064   6.195   1.00 8.80  ? 149 TYR A CB  1 
ATOM   1229 C CG  . TYR A 1 150 ? 8.169   0.372   5.913   1.00 8.70  ? 149 TYR A CG  1 
ATOM   1230 C CD1 . TYR A 1 150 ? 8.226   -0.830  5.150   1.00 8.80  ? 149 TYR A CD1 1 
ATOM   1231 C CD2 . TYR A 1 150 ? 9.383   0.883   6.333   1.00 11.61 ? 149 TYR A CD2 1 
ATOM   1232 C CE1 . TYR A 1 150 ? 9.405   -1.491  4.942   1.00 9.34  ? 149 TYR A CE1 1 
ATOM   1233 C CE2 . TYR A 1 150 ? 10.616  0.207   6.072   1.00 11.70 ? 149 TYR A CE2 1 
ATOM   1234 C CZ  . TYR A 1 150 ? 10.568  -0.989  5.418   1.00 9.82  ? 149 TYR A CZ  1 
ATOM   1235 O OH  . TYR A 1 150 ? 11.772  -1.670  5.148   1.00 11.35 ? 149 TYR A OH  1 
ATOM   1236 N N   . ILE A 1 151 ? 4.468   2.122   8.294   1.00 8.39  ? 150 ILE A N   1 
ATOM   1237 C CA  . ILE A 1 151 ? 3.123   2.660   8.456   1.00 8.93  ? 150 ILE A CA  1 
ATOM   1238 C C   . ILE A 1 151 ? 3.134   4.200   8.384   1.00 8.40  ? 150 ILE A C   1 
ATOM   1239 O O   . ILE A 1 151 ? 3.871   4.782   9.195   1.00 10.53 ? 150 ILE A O   1 
ATOM   1240 C CB  . ILE A 1 151 ? 2.469   2.159   9.745   1.00 9.31  ? 150 ILE A CB  1 
ATOM   1241 C CG1 . ILE A 1 151 ? 2.388   0.633   9.794   1.00 9.87  ? 150 ILE A CG1 1 
ATOM   1242 C CG2 . ILE A 1 151 ? 1.076   2.751   9.892   1.00 10.21 ? 150 ILE A CG2 1 
ATOM   1243 C CD1 . ILE A 1 151 ? 1.914   0.067   11.140  1.00 12.37 ? 150 ILE A CD1 1 
ATOM   1244 N N   . GLY A 1 152 ? 2.381   4.783   7.540   1.00 8.19  ? 151 GLY A N   1 
ATOM   1245 C CA  . GLY A 1 152 ? 2.261   6.278   7.487   1.00 9.36  ? 151 GLY A CA  1 
ATOM   1246 C C   . GLY A 1 152 ? 1.532   6.763   8.729   1.00 10.43 ? 151 GLY A C   1 
ATOM   1247 O O   . GLY A 1 152 ? 2.131   7.581   9.503   1.00 11.87 ? 151 GLY A O   1 
ATOM   1248 N N   . LYS A 1 153 ? 0.365   6.267   9.021   1.00 10.02 ? 152 LYS A N   1 
ATOM   1249 C CA  . LYS A 1 153 ? -0.392  6.586   10.191  1.00 9.90  ? 152 LYS A CA  1 
ATOM   1250 C C   . LYS A 1 153 ? -1.299  5.461   10.602  1.00 9.82  ? 152 LYS A C   1 
ATOM   1251 O O   . LYS A 1 153 ? -1.998  4.842   9.787   1.00 10.13 ? 152 LYS A O   1 
ATOM   1252 C CB  . LYS A 1 153 ? -1.247  7.839   9.895   0.55 7.68  ? 152 LYS A CB  1 
ATOM   1253 C CG  . LYS A 1 153 ? -2.002  8.395   11.119  0.55 8.35  ? 152 LYS A CG  1 
ATOM   1254 C CD  . LYS A 1 153 ? -2.537  9.793   10.795  0.55 8.25  ? 152 LYS A CD  1 
ATOM   1255 C CE  . LYS A 1 153 ? -3.270  10.349  12.007  0.55 9.41  ? 152 LYS A CE  1 
ATOM   1256 N NZ  . LYS A 1 153 ? -3.935  11.696  11.656  0.55 7.97  ? 152 LYS A NZ  1 
ATOM   1257 N N   A ASN A 1 154 ? -1.292  5.191   11.896  0.70 10.64 ? 153 ASN A N   1 
ATOM   1258 N N   B ASN A 1 154 ? -1.269  5.152   11.885  0.30 11.56 ? 153 ASN A N   1 
ATOM   1259 C CA  A ASN A 1 154 ? -2.231  4.263   12.549  0.70 12.36 ? 153 ASN A CA  1 
ATOM   1260 C CA  B ASN A 1 154 ? -2.253  4.270   12.481  0.30 13.26 ? 153 ASN A CA  1 
ATOM   1261 C C   A ASN A 1 154 ? -3.465  4.964   13.069  0.70 14.79 ? 153 ASN A C   1 
ATOM   1262 C C   B ASN A 1 154 ? -3.503  5.087   12.884  0.30 14.27 ? 153 ASN A C   1 
ATOM   1263 O O   A ASN A 1 154 ? -3.299  5.999   13.795  0.70 15.01 ? 153 ASN A O   1 
ATOM   1264 O O   B ASN A 1 154 ? -3.428  6.287   13.238  0.30 13.37 ? 153 ASN A O   1 
ATOM   1265 C CB  A ASN A 1 154 ? -1.650  3.700   13.780  0.70 15.70 ? 153 ASN A CB  1 
ATOM   1266 C CB  B ASN A 1 154 ? -1.621  3.538   13.657  0.30 15.16 ? 153 ASN A CB  1 
ATOM   1267 C CG  A ASN A 1 154 ? -0.595  2.768   13.553  0.70 15.98 ? 153 ASN A CG  1 
ATOM   1268 C CG  B ASN A 1 154 ? -1.774  2.025   13.576  0.30 17.62 ? 153 ASN A CG  1 
ATOM   1269 O OD1 A ASN A 1 154 ? -0.848  1.632   13.143  0.70 24.87 ? 153 ASN A OD1 1 
ATOM   1270 O OD1 B ASN A 1 154 ? -2.841  1.474   13.703  0.30 17.14 ? 153 ASN A OD1 1 
ATOM   1271 N ND2 A ASN A 1 154 ? 0.631   3.199   13.817  0.70 17.92 ? 153 ASN A ND2 1 
ATOM   1272 N ND2 B ASN A 1 154 ? -0.666  1.363   13.286  0.30 19.47 ? 153 ASN A ND2 1 
ATOM   1273 N N   . ILE A 1 155 ? -4.666  4.494   12.777  1.00 13.91 ? 154 ILE A N   1 
ATOM   1274 C CA  . ILE A 1 155 ? -5.885  5.139   13.359  1.00 16.31 ? 154 ILE A CA  1 
ATOM   1275 C C   . ILE A 1 155 ? -6.775  4.051   13.921  1.00 17.40 ? 154 ILE A C   1 
ATOM   1276 O O   . ILE A 1 155 ? -6.948  2.997   13.288  1.00 14.54 ? 154 ILE A O   1 
ATOM   1277 C CB  . ILE A 1 155 ? -6.693  5.932   12.319  1.00 18.82 ? 154 ILE A CB  1 
ATOM   1278 C CG1 . ILE A 1 155 ? -6.924  5.165   11.068  1.00 20.48 ? 154 ILE A CG1 1 
ATOM   1279 C CG2 . ILE A 1 155 ? -5.960  7.258   11.981  1.00 20.58 ? 154 ILE A CG2 1 
ATOM   1280 C CD1 . ILE A 1 155 ? -8.114  5.698   10.290  1.00 28.10 ? 154 ILE A CD1 1 
ATOM   1281 N N   . PRO A 1 156 ? -7.434  4.294   15.051  1.00 18.72 ? 155 PRO A N   1 
ATOM   1282 C CA  . PRO A 1 156 ? -8.572  3.458   15.477  1.00 17.15 ? 155 PRO A CA  1 
ATOM   1283 C C   . PRO A 1 156 ? -9.799  3.624   14.662  1.00 17.79 ? 155 PRO A C   1 
ATOM   1284 O O   . PRO A 1 156 ? -10.166 4.773   14.263  1.00 20.31 ? 155 PRO A O   1 
ATOM   1285 C CB  . PRO A 1 156 ? -8.801  3.935   16.920  1.00 19.91 ? 155 PRO A CB  1 
ATOM   1286 C CG  . PRO A 1 156 ? -8.555  5.374   16.845  1.00 23.20 ? 155 PRO A CG  1 
ATOM   1287 C CD  . PRO A 1 156 ? -7.459  5.593   15.799  1.00 20.31 ? 155 PRO A CD  1 
ATOM   1288 N N   . THR A 1 157 ? -10.519 2.508   14.369  1.00 15.79 ? 156 THR A N   1 
ATOM   1289 C CA  . THR A 1 157 ? -11.690 2.572   13.620  1.00 16.54 ? 156 THR A CA  1 
ATOM   1290 C C   . THR A 1 157 ? -12.656 1.520   14.205  1.00 18.13 ? 156 THR A C   1 
ATOM   1291 O O   . THR A 1 157 ? -12.226 0.636   14.954  1.00 19.33 ? 156 THR A O   1 
ATOM   1292 C CB  . THR A 1 157 ? -11.509 2.373   12.142  1.00 18.25 ? 156 THR A CB  1 
ATOM   1293 O OG1 . THR A 1 157 ? -11.073 1.005   11.929  1.00 15.93 ? 156 THR A OG1 1 
ATOM   1294 C CG2 . THR A 1 157 ? -10.506 3.292   11.509  1.00 16.62 ? 156 THR A CG2 1 
ATOM   1295 N N   . SER A 1 158 ? -13.929 1.768   13.905  1.00 21.39 ? 157 SER A N   1 
ATOM   1296 C CA  . SER A 1 158 ? -14.956 0.734   14.089  1.00 22.76 ? 157 SER A CA  1 
ATOM   1297 C C   . SER A 1 158 ? -15.171 0.046   12.802  1.00 24.34 ? 157 SER A C   1 
ATOM   1298 O O   . SER A 1 158 ? -14.871 0.583   11.772  1.00 24.28 ? 157 SER A O   1 
ATOM   1299 C CB  . SER A 1 158 ? -16.306 1.415   14.432  1.00 29.51 ? 157 SER A CB  1 
ATOM   1300 O OG  . SER A 1 158 ? -16.101 1.983   15.685  1.00 43.84 ? 157 SER A OG  1 
ATOM   1301 N N   . LYS A 1 159 ? -15.855 -1.104  12.817  1.00 25.24 ? 158 LYS A N   1 
ATOM   1302 C CA  . LYS A 1 159 ? -16.261 -1.727  11.545  1.00 27.39 ? 158 LYS A CA  1 
ATOM   1303 C C   . LYS A 1 159 ? -17.364 -0.901  10.756  1.00 26.45 ? 158 LYS A C   1 
ATOM   1304 O O   . LYS A 1 159 ? -17.524 -1.028  9.546   1.00 35.22 ? 158 LYS A O   1 
ATOM   1305 C CB  . LYS A 1 159 ? -16.740 -3.160  11.845  1.00 36.59 ? 158 LYS A CB  1 
ATOM   1306 C CG  . LYS A 1 159 ? -15.826 -3.923  12.808  1.00 42.25 ? 158 LYS A CG  1 
ATOM   1307 C CD  . LYS A 1 159 ? -16.248 -5.376  12.994  1.00 53.53 ? 158 LYS A CD  1 
ATOM   1308 C CE  . LYS A 1 159 ? -16.639 -5.673  14.438  1.00 55.87 ? 158 LYS A CE  1 
ATOM   1309 N NZ  . LYS A 1 159 ? -15.457 -5.574  15.355  1.00 58.08 ? 158 LYS A NZ  1 
ATOM   1310 N N   . SER A 1 160 ? -18.060 0.012   11.463  1.00 27.71 ? 159 SER A N   1 
ATOM   1311 C CA  . SER A 1 160 ? -19.067 0.896   10.825  1.00 29.68 ? 159 SER A CA  1 
ATOM   1312 C C   . SER A 1 160 ? -18.458 2.033   9.964   1.00 29.47 ? 159 SER A C   1 
ATOM   1313 O O   . SER A 1 160 ? -19.180 2.861   9.416   1.00 29.41 ? 159 SER A O   1 
ATOM   1314 C CB  . SER A 1 160 ? -19.972 1.550   11.866  1.00 27.11 ? 159 SER A CB  1 
ATOM   1315 O OG  . SER A 1 160 ? -19.236 2.382   12.808  1.00 35.14 ? 159 SER A OG  1 
ATOM   1316 N N   . GLU A 1 161 ? -17.139 2.088   9.904   1.00 25.40 ? 160 GLU A N   1 
ATOM   1317 C CA  . GLU A 1 161 ? -16.471 3.185   9.220   1.00 24.29 ? 160 GLU A CA  1 
ATOM   1318 C C   . GLU A 1 161 ? -15.691 2.732   8.006   1.00 22.70 ? 160 GLU A C   1 
ATOM   1319 O O   . GLU A 1 161 ? -15.290 1.545   7.918   1.00 23.36 ? 160 GLU A O   1 
ATOM   1320 C CB  . GLU A 1 161 ? -15.505 3.851   10.169  1.00 19.48 ? 160 GLU A CB  1 
ATOM   1321 C CG  . GLU A 1 161 ? -16.217 4.660   11.231  1.00 20.66 ? 160 GLU A CG  1 
ATOM   1322 C CD  . GLU A 1 161 ? -15.455 4.859   12.408  1.00 23.02 ? 160 GLU A CD  1 
ATOM   1323 O OE1 . GLU A 1 161 ? -14.300 4.402   12.672  1.00 22.22 ? 160 GLU A OE1 1 
ATOM   1324 O OE2 . GLU A 1 161 ? -16.021 5.594   13.234  1.00 28.42 ? 160 GLU A OE2 1 
ATOM   1325 N N   . LYS A 1 162 ? -15.568 3.665   7.074   1.00 23.07 ? 161 LYS A N   1 
ATOM   1326 C CA  . LYS A 1 162 ? -14.779 3.472   5.865   1.00 24.32 ? 161 LYS A CA  1 
ATOM   1327 C C   . LYS A 1 162 ? -13.646 4.509   5.810   1.00 20.58 ? 161 LYS A C   1 
ATOM   1328 O O   . LYS A 1 162 ? -13.768 5.635   6.304   1.00 20.33 ? 161 LYS A O   1 
ATOM   1329 C CB  . LYS A 1 162 ? -15.615 3.394   4.620   1.00 29.73 ? 161 LYS A CB  1 
ATOM   1330 C CG  . LYS A 1 162 ? -16.010 4.679   3.938   1.00 40.99 ? 161 LYS A CG  1 
ATOM   1331 C CD  . LYS A 1 162 ? -16.327 4.460   2.461   1.00 47.88 ? 161 LYS A CD  1 
ATOM   1332 C CE  . LYS A 1 162 ? -16.257 5.774   1.699   1.00 54.95 ? 161 LYS A CE  1 
ATOM   1333 N NZ  . LYS A 1 162 ? -17.539 6.514   1.824   1.00 60.20 ? 161 LYS A NZ  1 
ATOM   1334 N N   . VAL A 1 163 ? -12.476 4.076   5.292   1.00 18.73 ? 162 VAL A N   1 
ATOM   1335 C CA  . VAL A 1 163 ? -11.327 5.018   5.066   1.00 17.36 ? 162 VAL A CA  1 
ATOM   1336 C C   . VAL A 1 163 ? -11.215 5.198   3.575   1.00 20.16 ? 162 VAL A C   1 
ATOM   1337 O O   . VAL A 1 163 ? -11.162 4.223   2.851   1.00 24.41 ? 162 VAL A O   1 
ATOM   1338 C CB  . VAL A 1 163 ? -10.073 4.492   5.650   1.00 17.95 ? 162 VAL A CB  1 
ATOM   1339 C CG1 . VAL A 1 163 ? -8.869  5.417   5.320   1.00 18.08 ? 162 VAL A CG1 1 
ATOM   1340 C CG2 . VAL A 1 163 ? -10.269 4.275   7.155   1.00 18.12 ? 162 VAL A CG2 1 
ATOM   1341 N N   . MET A 1 164 ? -11.261 6.440   3.143   1.00 19.64 ? 163 MET A N   1 
ATOM   1342 C CA  . MET A 1 164 ? -11.200 6.830   1.682   1.00 23.40 ? 163 MET A CA  1 
ATOM   1343 C C   . MET A 1 164 ? -9.841  7.546   1.471   1.00 18.26 ? 163 MET A C   1 
ATOM   1344 O O   . MET A 1 164 ? -9.588  8.561   2.008   1.00 16.29 ? 163 MET A O   1 
ATOM   1345 C CB  . MET A 1 164 ? -12.355 7.762   1.300   0.54 24.41 ? 163 MET A CB  1 
ATOM   1346 C CG  . MET A 1 164 ? -12.292 8.445   -0.060  0.54 30.83 ? 163 MET A CG  1 
ATOM   1347 S SD  . MET A 1 164 ? -13.360 9.894   -0.295  0.54 40.77 ? 163 MET A SD  1 
ATOM   1348 C CE  . MET A 1 164 ? -13.505 9.828   -2.084  0.54 40.04 ? 163 MET A CE  1 
ATOM   1349 N N   . VAL A 1 165 ? -8.962  6.969   0.650   1.00 20.71 ? 164 VAL A N   1 
ATOM   1350 C CA  . VAL A 1 165 ? -7.774  7.642   0.070   1.00 17.66 ? 164 VAL A CA  1 
ATOM   1351 C C   . VAL A 1 165 ? -8.086  8.230   -1.337  1.00 16.40 ? 164 VAL A C   1 
ATOM   1352 O O   . VAL A 1 165 ? -8.697  7.631   -2.224  1.00 19.45 ? 164 VAL A O   1 
ATOM   1353 C CB  . VAL A 1 165 ? -6.519  6.679   0.014   1.00 18.91 ? 164 VAL A CB  1 
ATOM   1354 C CG1 . VAL A 1 165 ? -5.306  7.270   -0.588  1.00 18.49 ? 164 VAL A CG1 1 
ATOM   1355 C CG2 . VAL A 1 165 ? -6.191  6.157   1.402   1.00 18.88 ? 164 VAL A CG2 1 
ATOM   1356 N N   . GLN A 1 166 ? -7.750  9.506   -1.421  1.00 14.09 ? 165 GLN A N   1 
ATOM   1357 C CA  . GLN A 1 166 ? -7.777  10.261  -2.672  1.00 13.41 ? 165 GLN A CA  1 
ATOM   1358 C C   . GLN A 1 166 ? -6.327  10.619  -2.990  1.00 9.81  ? 165 GLN A C   1 
ATOM   1359 O O   . GLN A 1 166 ? -5.609  11.099  -2.210  1.00 11.21 ? 165 GLN A O   1 
ATOM   1360 C CB  . GLN A 1 166 ? -8.606  11.528  -2.598  1.00 15.47 ? 165 GLN A CB  1 
ATOM   1361 C CG  . GLN A 1 166 ? -10.106 11.309  -2.303  1.00 18.96 ? 165 GLN A CG  1 
ATOM   1362 C CD  . GLN A 1 166 ? -10.907 12.525  -2.820  1.00 27.29 ? 165 GLN A CD  1 
ATOM   1363 O OE1 . GLN A 1 166 ? -10.616 13.649  -2.425  1.00 29.98 ? 165 GLN A OE1 1 
ATOM   1364 N NE2 . GLN A 1 166 ? -11.688 12.310  -3.857  1.00 30.11 ? 165 GLN A NE2 1 
ATOM   1365 N N   . LEU A 1 167 ? -6.005  10.329  -4.253  1.00 11.27 ? 166 LEU A N   1 
ATOM   1366 C CA  . LEU A 1 167 ? -4.728  10.689  -4.860  1.00 10.22 ? 166 LEU A CA  1 
ATOM   1367 C C   . LEU A 1 167 ? -4.888  11.452  -6.172  1.00 9.69  ? 166 LEU A C   1 
ATOM   1368 O O   . LEU A 1 167 ? -5.776  11.142  -6.954  1.00 11.11 ? 166 LEU A O   1 
ATOM   1369 C CB  . LEU A 1 167 ? -3.825  9.480   -5.114  1.00 11.77 ? 166 LEU A CB  1 
ATOM   1370 C CG  . LEU A 1 167 ? -3.419  8.671   -3.845  1.00 11.40 ? 166 LEU A CG  1 
ATOM   1371 C CD1 . LEU A 1 167 ? -2.652  7.387   -4.324  1.00 12.10 ? 166 LEU A CD1 1 
ATOM   1372 C CD2 . LEU A 1 167 ? -2.655  9.450   -2.850  1.00 13.00 ? 166 LEU A CD2 1 
ATOM   1373 N N   . ASP A 1 168 ? -4.002  12.432  -6.398  1.00 9.71  ? 167 ASP A N   1 
ATOM   1374 C CA  . ASP A 1 168 ? -4.068  13.245  -7.645  1.00 9.93  ? 167 ASP A CA  1 
ATOM   1375 C C   . ASP A 1 168 ? -4.294  12.438  -8.883  1.00 9.42  ? 167 ASP A C   1 
ATOM   1376 O O   . ASP A 1 168 ? -5.099  12.797  -9.831  1.00 10.72 ? 167 ASP A O   1 
ATOM   1377 C CB  . ASP A 1 168 ? -2.850  14.119  -7.771  1.00 10.49 ? 167 ASP A CB  1 
ATOM   1378 C CG  . ASP A 1 168 ? -2.774  15.256  -6.788  1.00 10.38 ? 167 ASP A CG  1 
ATOM   1379 O OD1 . ASP A 1 168 ? -3.893  15.838  -6.569  1.00 13.45 ? 167 ASP A OD1 1 
ATOM   1380 O OD2 . ASP A 1 168 ? -1.725  15.600  -6.310  1.00 11.52 ? 167 ASP A OD2 1 
ATOM   1381 N N   . GLU A 1 169 ? -3.575  11.321  -9.025  1.00 10.23 ? 168 GLU A N   1 
ATOM   1382 C CA  . GLU A 1 169 ? -3.540  10.493  -10.239 1.00 10.51 ? 168 GLU A CA  1 
ATOM   1383 C C   . GLU A 1 169 ? -4.855  9.857   -10.598 1.00 12.80 ? 168 GLU A C   1 
ATOM   1384 O O   . GLU A 1 169 ? -5.031  9.515   -11.761 1.00 16.06 ? 168 GLU A O   1 
ATOM   1385 C CB  . GLU A 1 169 ? -2.476  9.331   -10.110 1.00 10.87 ? 168 GLU A CB  1 
ATOM   1386 C CG  . GLU A 1 169 ? -1.060  9.713   -9.850  1.00 10.50 ? 168 GLU A CG  1 
ATOM   1387 C CD  . GLU A 1 169 ? -0.687  9.925   -8.389  1.00 10.75 ? 168 GLU A CD  1 
ATOM   1388 O OE1 . GLU A 1 169 ? -1.576  10.197  -7.540  1.00 10.72 ? 168 GLU A OE1 1 
ATOM   1389 O OE2 . GLU A 1 169 ? 0.500   9.788   -7.997  1.00 10.48 ? 168 GLU A OE2 1 
ATOM   1390 N N   . VAL A 1 170 ? -5.716  9.657   -9.584  1.00 13.36 ? 169 VAL A N   1 
ATOM   1391 C CA  . VAL A 1 170 ? -6.985  9.001   -9.696  1.00 16.63 ? 169 VAL A CA  1 
ATOM   1392 C C   . VAL A 1 170 ? -8.202  9.938   -9.436  1.00 12.88 ? 169 VAL A C   1 
ATOM   1393 O O   . VAL A 1 170 ? -9.242  9.800   -10.158 1.00 15.48 ? 169 VAL A O   1 
ATOM   1394 C CB  . VAL A 1 170 ? -7.002  7.729   -8.695  1.00 19.79 ? 169 VAL A CB  1 
ATOM   1395 C CG1 . VAL A 1 170 ? -8.311  6.936   -8.975  1.00 24.78 ? 169 VAL A CG1 1 
ATOM   1396 C CG2 . VAL A 1 170 ? -5.782  6.871   -8.816  1.00 25.16 ? 169 VAL A CG2 1 
ATOM   1397 N N   . ASP A 1 171 ? -8.088  10.725  -8.433  1.00 12.41 ? 170 ASP A N   1 
ATOM   1398 C CA  . ASP A 1 171 ? -9.121  11.509  -7.827  1.00 13.71 ? 170 ASP A CA  1 
ATOM   1399 C C   . ASP A 1 171 ? -8.941  12.999  -7.978  1.00 12.43 ? 170 ASP A C   1 
ATOM   1400 O O   . ASP A 1 171 ? -9.740  13.785  -7.443  1.00 13.44 ? 170 ASP A O   1 
ATOM   1401 C CB  . ASP A 1 171 ? -9.224  11.135  -6.313  1.00 14.97 ? 170 ASP A CB  1 
ATOM   1402 C CG  . ASP A 1 171 ? -9.331  9.578   -6.084  1.00 14.90 ? 170 ASP A CG  1 
ATOM   1403 O OD1 . ASP A 1 171 ? -10.381 9.000   -6.525  1.00 19.39 ? 170 ASP A OD1 1 
ATOM   1404 O OD2 . ASP A 1 171 ? -8.288  9.051   -5.550  1.00 14.79 ? 170 ASP A OD2 1 
ATOM   1405 N N   . GLN A 1 172 ? -7.796  13.395  -8.494  1.00 11.13 ? 171 GLN A N   1 
ATOM   1406 C CA  . GLN A 1 172 ? -7.486  14.844  -8.773  1.00 10.89 ? 171 GLN A CA  1 
ATOM   1407 C C   . GLN A 1 172 ? -7.324  15.620  -7.466  1.00 11.95 ? 171 GLN A C   1 
ATOM   1408 O O   . GLN A 1 172 ? -7.401  16.859  -7.476  1.00 13.59 ? 171 GLN A O   1 
ATOM   1409 C CB  . GLN A 1 172 ? -8.513  15.496  -9.740  1.00 10.96 ? 171 GLN A CB  1 
ATOM   1410 C CG  . GLN A 1 172 ? -8.528  14.844  -11.100 1.00 13.69 ? 171 GLN A CG  1 
ATOM   1411 C CD  . GLN A 1 172 ? -9.117  13.431  -11.187 1.00 14.68 ? 171 GLN A CD  1 
ATOM   1412 O OE1 . GLN A 1 172 ? -8.506  12.557  -11.804 1.00 18.13 ? 171 GLN A OE1 1 
ATOM   1413 N NE2 . GLN A 1 172 ? -10.288 13.266  -10.636 1.00 14.59 ? 171 GLN A NE2 1 
ATOM   1414 N N   A ASN A 1 173 ? -7.116  14.942  -6.332  0.70 11.62 ? 172 ASN A N   1 
ATOM   1415 N N   B ASN A 1 173 ? -7.030  14.912  -6.373  0.30 11.30 ? 172 ASN A N   1 
ATOM   1416 C CA  A ASN A 1 173 ? -6.735  15.579  -5.090  0.70 12.42 ? 172 ASN A CA  1 
ATOM   1417 C CA  B ASN A 1 173 ? -6.871  15.507  -5.068  0.30 11.08 ? 172 ASN A CA  1 
ATOM   1418 C C   A ASN A 1 173 ? -6.067  14.571  -4.172  0.70 10.98 ? 172 ASN A C   1 
ATOM   1419 C C   B ASN A 1 173 ? -6.099  14.546  -4.165  0.30 11.08 ? 172 ASN A C   1 
ATOM   1420 O O   A ASN A 1 173 ? -6.275  13.387  -4.389  0.70 11.63 ? 172 ASN A O   1 
ATOM   1421 O O   B ASN A 1 173 ? -6.272  13.341  -4.344  0.30 12.01 ? 172 ASN A O   1 
ATOM   1422 C CB  A ASN A 1 173 ? -7.895  16.281  -4.322  0.70 15.23 ? 172 ASN A CB  1 
ATOM   1423 C CB  B ASN A 1 173 ? -8.254  15.811  -4.456  0.30 10.88 ? 172 ASN A CB  1 
ATOM   1424 C CG  A ASN A 1 173 ? -8.931  15.347  -3.808  0.70 15.51 ? 172 ASN A CG  1 
ATOM   1425 C CG  B ASN A 1 173 ? -8.164  16.607  -3.171  0.30 11.12 ? 172 ASN A CG  1 
ATOM   1426 O OD1 A ASN A 1 173 ? -9.540  14.588  -4.604  0.70 20.78 ? 172 ASN A OD1 1 
ATOM   1427 O OD1 B ASN A 1 173 ? -7.395  17.542  -3.060  0.30 11.14 ? 172 ASN A OD1 1 
ATOM   1428 N ND2 A ASN A 1 173 ? -9.158  15.354  -2.491  0.70 17.78 ? 172 ASN A ND2 1 
ATOM   1429 N ND2 B ASN A 1 173 ? -8.907  16.207  -2.182  0.30 10.97 ? 172 ASN A ND2 1 
ATOM   1430 N N   . ASP A 1 174 ? -5.277  15.063  -3.246  1.00 11.45 ? 173 ASP A N   1 
ATOM   1431 C CA  . ASP A 1 174 ? -4.574  14.200  -2.241  1.00 12.17 ? 173 ASP A CA  1 
ATOM   1432 C C   . ASP A 1 174 ? -5.184  14.418  -0.858  1.00 12.70 ? 173 ASP A C   1 
ATOM   1433 O O   . ASP A 1 174 ? -5.046  15.501  -0.299  1.00 14.43 ? 173 ASP A O   1 
ATOM   1434 C CB  . ASP A 1 174 ? -3.084  14.608  -2.165  1.00 12.32 ? 173 ASP A CB  1 
ATOM   1435 C CG  . ASP A 1 174 ? -2.159  14.002  -3.282  1.00 10.65 ? 173 ASP A CG  1 
ATOM   1436 O OD1 . ASP A 1 174 ? -2.705  13.291  -4.117  1.00 11.21 ? 173 ASP A OD1 1 
ATOM   1437 O OD2 . ASP A 1 174 ? -0.966  14.369  -3.208  1.00 11.93 ? 173 ASP A OD2 1 
ATOM   1438 N N   . LEU A 1 175 ? -5.824  13.365  -0.368  1.00 13.37 ? 174 LEU A N   1 
ATOM   1439 C CA  . LEU A 1 175 ? -6.472  13.446  0.963   1.00 14.94 ? 174 LEU A CA  1 
ATOM   1440 C C   . LEU A 1 175 ? -6.755  12.046  1.423   1.00 13.85 ? 174 LEU A C   1 
ATOM   1441 O O   . LEU A 1 175 ? -7.070  11.161  0.697   1.00 17.17 ? 174 LEU A O   1 
ATOM   1442 C CB  . LEU A 1 175 ? -7.807  14.224  0.837   1.00 19.09 ? 174 LEU A CB  1 
ATOM   1443 C CG  . LEU A 1 175 ? -8.428  14.827  2.126   1.00 22.36 ? 174 LEU A CG  1 
ATOM   1444 C CD1 . LEU A 1 175 ? -7.563  15.933  2.689   1.00 25.68 ? 174 LEU A CD1 1 
ATOM   1445 C CD2 . LEU A 1 175 ? -9.831  15.276  1.765   1.00 25.48 ? 174 LEU A CD2 1 
ATOM   1446 N N   . VAL A 1 176 ? -6.726  11.848  2.786   1.00 13.51 ? 175 VAL A N   1 
ATOM   1447 C CA  . VAL A 1 176 ? -7.278  10.665  3.373   1.00 13.01 ? 175 VAL A CA  1 
ATOM   1448 C C   . VAL A 1 176 ? -8.299  11.077  4.476   1.00 11.51 ? 175 VAL A C   1 
ATOM   1449 O O   . VAL A 1 176 ? -7.972  11.924  5.321   1.00 12.05 ? 175 VAL A O   1 
ATOM   1450 C CB  . VAL A 1 176 ? -6.176  9.740   4.054   1.00 13.64 ? 175 VAL A CB  1 
ATOM   1451 C CG1 . VAL A 1 176 ? -6.834  8.451   4.472   1.00 14.46 ? 175 VAL A CG1 1 
ATOM   1452 C CG2 . VAL A 1 176 ? -5.038  9.488   3.018   1.00 14.38 ? 175 VAL A CG2 1 
ATOM   1453 N N   . ALA A 1 177 ? -9.433  10.443  4.396   1.00 12.57 ? 176 ALA A N   1 
ATOM   1454 C CA  . ALA A 1 177 ? -10.525 10.712  5.353   1.00 13.29 ? 176 ALA A CA  1 
ATOM   1455 C C   . ALA A 1 177 ? -11.161 9.466   5.800   1.00 14.66 ? 176 ALA A C   1 
ATOM   1456 O O   . ALA A 1 177 ? -11.175 8.442   5.160   1.00 16.51 ? 176 ALA A O   1 
ATOM   1457 C CB  . ALA A 1 177 ? -11.566 11.647  4.681   1.00 14.32 ? 176 ALA A CB  1 
ATOM   1458 N N   . ILE A 1 178 ? -11.746 9.569   6.996   1.00 14.62 ? 177 ILE A N   1 
ATOM   1459 C CA  . ILE A 1 178 ? -12.579 8.505   7.591   1.00 15.79 ? 177 ILE A CA  1 
ATOM   1460 C C   . ILE A 1 178 ? -14.033 8.957   7.528   1.00 17.18 ? 177 ILE A C   1 
ATOM   1461 O O   . ILE A 1 178 ? -14.336 10.120  7.730   1.00 15.93 ? 177 ILE A O   1 
ATOM   1462 C CB  . ILE A 1 178 ? -12.122 8.156   9.007   1.00 15.89 ? 177 ILE A CB  1 
ATOM   1463 C CG1 . ILE A 1 178 ? -12.886 6.924   9.532   1.00 19.07 ? 177 ILE A CG1 1 
ATOM   1464 C CG2 . ILE A 1 178 ? -12.178 9.380   10.005  1.00 16.25 ? 177 ILE A CG2 1 
ATOM   1465 C CD1 . ILE A 1 178 ? -12.200 6.374   10.736  1.00 20.63 ? 177 ILE A CD1 1 
ATOM   1466 N N   . TYR A 1 179 ? -14.927 8.012   7.249   1.00 19.30 ? 178 TYR A N   1 
ATOM   1467 C CA  . TYR A 1 179 ? -16.373 8.276   7.070   1.00 22.85 ? 178 TYR A CA  1 
ATOM   1468 C C   . TYR A 1 179 ? -17.178 7.273   7.853   1.00 23.33 ? 178 TYR A C   1 
ATOM   1469 O O   . TYR A 1 179 ? -16.806 6.133   8.035   1.00 22.09 ? 178 TYR A O   1 
ATOM   1470 C CB  . TYR A 1 179 ? -16.801 8.147   5.605   1.00 25.46 ? 178 TYR A CB  1 
ATOM   1471 C CG  . TYR A 1 179 ? -16.044 8.942   4.586   1.00 31.20 ? 178 TYR A CG  1 
ATOM   1472 C CD1 . TYR A 1 179 ? -14.729 8.626   4.293   1.00 35.03 ? 178 TYR A CD1 1 
ATOM   1473 C CD2 . TYR A 1 179 ? -16.626 10.055  3.935   1.00 37.58 ? 178 TYR A CD2 1 
ATOM   1474 C CE1 . TYR A 1 179 ? -13.993 9.369   3.379   1.00 40.15 ? 178 TYR A CE1 1 
ATOM   1475 C CE2 . TYR A 1 179 ? -15.887 10.805  2.990   1.00 41.11 ? 178 TYR A CE2 1 
ATOM   1476 C CZ  . TYR A 1 179 ? -14.563 10.442  2.710   1.00 41.28 ? 178 TYR A CZ  1 
ATOM   1477 O OH  . TYR A 1 179 ? -13.736 11.142  1.813   1.00 43.72 ? 178 TYR A OH  1 
ATOM   1478 N N   . GLU A 1 180 ? -18.315 7.762   8.345   1.00 20.79 ? 179 GLU A N   1 
ATOM   1479 C CA  . GLU A 1 180 ? -19.258 6.881   8.990   1.00 25.36 ? 179 GLU A CA  1 
ATOM   1480 C C   . GLU A 1 180 ? -20.222 6.214   8.012   1.00 28.68 ? 179 GLU A C   1 
ATOM   1481 O O   . GLU A 1 180 ? -20.846 6.953   7.250   1.00 31.28 ? 179 GLU A O   1 
ATOM   1482 C CB  . GLU A 1 180 ? -19.998 7.755   10.030  1.00 26.49 ? 179 GLU A CB  1 
ATOM   1483 C CG  . GLU A 1 180 ? -19.513 7.332   11.321  1.00 32.03 ? 179 GLU A CG  1 
ATOM   1484 C CD  . GLU A 1 180 ? -20.070 5.958   11.632  1.00 30.10 ? 179 GLU A CD  1 
ATOM   1485 O OE1 . GLU A 1 180 ? -21.206 5.587   11.215  1.00 42.27 ? 179 GLU A OE1 1 
ATOM   1486 O OE2 . GLU A 1 180 ? -19.376 5.267   12.317  1.00 29.49 ? 179 GLU A OE2 1 
ATOM   1487 N N   . ASN A 1 181 ? -20.294 4.859   7.984   1.00 31.54 ? 180 ASN A N   1 
ATOM   1488 C CA  . ASN A 1 181 ? -21.205 4.062   7.106   1.00 36.83 ? 180 ASN A CA  1 
ATOM   1489 C C   . ASN A 1 181 ? -22.417 3.631   7.901   1.00 37.76 ? 180 ASN A C   1 
ATOM   1490 O O   . ASN A 1 181 ? -23.377 4.355   7.989   1.00 46.60 ? 180 ASN A O   1 
ATOM   1491 C CB  . ASN A 1 181 ? -20.548 2.781   6.561   1.00 42.46 ? 180 ASN A CB  1 
HETATM 1492 S S   . SO4 B 2 .   ? -5.946  -5.307  2.860   1.00 9.21  ? 201 SO4 A S   1 
HETATM 1493 O O1  . SO4 B 2 .   ? -4.985  -6.355  2.755   1.00 11.05 ? 201 SO4 A O1  1 
HETATM 1494 O O2  . SO4 B 2 .   ? -5.471  -4.121  2.137   1.00 10.52 ? 201 SO4 A O2  1 
HETATM 1495 O O3  . SO4 B 2 .   ? -7.186  -5.774  2.190   1.00 13.30 ? 201 SO4 A O3  1 
HETATM 1496 O O4  . SO4 B 2 .   ? -6.277  -4.984  4.210   1.00 9.10  ? 201 SO4 A O4  1 
HETATM 1497 O O   . HOH C 3 .   ? -8.489  17.817  -0.790  1.00 36.53 ? 301 HOH A O   1 
HETATM 1498 O O   . HOH C 3 .   ? -3.579  18.047  -4.249  1.00 10.96 ? 302 HOH A O   1 
HETATM 1499 O O   . HOH C 3 .   ? -22.547 14.586  11.450  1.00 39.84 ? 303 HOH A O   1 
HETATM 1500 O O   . HOH C 3 .   ? 0.205   15.916  -4.918  0.50 8.91  ? 304 HOH A O   1 
HETATM 1501 O O   . HOH C 3 .   ? -23.076 -7.812  -1.437  1.00 36.52 ? 305 HOH A O   1 
HETATM 1502 O O   . HOH C 3 .   ? 22.020  3.689   7.252   1.00 35.02 ? 306 HOH A O   1 
HETATM 1503 O O   . HOH C 3 .   ? 14.372  -20.969 -10.419 1.00 55.34 ? 307 HOH A O   1 
HETATM 1504 O O   . HOH C 3 .   ? -14.318 5.987   15.082  1.00 29.42 ? 308 HOH A O   1 
HETATM 1505 O O   . HOH C 3 .   ? 1.467   -11.056 -16.224 1.00 34.46 ? 309 HOH A O   1 
HETATM 1506 O O   . HOH C 3 .   ? 5.797   10.390  11.313  1.00 39.31 ? 310 HOH A O   1 
HETATM 1507 O O   . HOH C 3 .   ? -4.786  21.085  6.744   1.00 29.36 ? 311 HOH A O   1 
HETATM 1508 O O   . HOH C 3 .   ? -0.004  -15.525 1.087   1.00 23.01 ? 312 HOH A O   1 
HETATM 1509 O O   . HOH C 3 .   ? 15.149  -16.674 -11.614 1.00 37.31 ? 313 HOH A O   1 
HETATM 1510 O O   . HOH C 3 .   ? 10.952  5.325   -10.770 1.00 35.58 ? 314 HOH A O   1 
HETATM 1511 O O   . HOH C 3 .   ? -8.922  -16.226 4.950   1.00 32.00 ? 315 HOH A O   1 
HETATM 1512 O O   . HOH C 3 .   ? 20.930  1.686   8.293   1.00 34.51 ? 316 HOH A O   1 
HETATM 1513 O O   . HOH C 3 .   ? -5.764  18.075  -0.363  1.00 33.05 ? 317 HOH A O   1 
HETATM 1514 O O   . HOH C 3 .   ? -10.711 -15.388 -3.868  1.00 46.79 ? 318 HOH A O   1 
HETATM 1515 O O   . HOH C 3 .   ? 2.330   8.023   -8.848  1.00 11.62 ? 319 HOH A O   1 
HETATM 1516 O O   . HOH C 3 .   ? 0.732   14.629  -1.144  1.00 13.70 ? 320 HOH A O   1 
HETATM 1517 O O   . HOH C 3 .   ? -3.418  10.272  -13.770 1.00 31.34 ? 321 HOH A O   1 
HETATM 1518 O O   . HOH C 3 .   ? 17.620  -13.215 -13.009 1.00 21.35 ? 322 HOH A O   1 
HETATM 1519 O O   . HOH C 3 .   ? -15.863 -15.386 1.837   1.00 36.00 ? 323 HOH A O   1 
HETATM 1520 O O   . HOH C 3 .   ? -11.785 -16.473 4.171   1.00 19.98 ? 324 HOH A O   1 
HETATM 1521 O O   . HOH C 3 .   ? -10.136 -8.205  13.921  1.00 34.62 ? 325 HOH A O   1 
HETATM 1522 O O   . HOH C 3 .   ? -7.554  19.387  -6.472  1.00 22.20 ? 326 HOH A O   1 
HETATM 1523 O O   . HOH C 3 .   ? 2.137   8.797   11.941  1.00 41.40 ? 327 HOH A O   1 
HETATM 1524 O O   . HOH C 3 .   ? -12.107 15.231  -10.103 1.00 22.53 ? 328 HOH A O   1 
HETATM 1525 O O   . HOH C 3 .   ? 8.953   15.575  0.958   1.00 28.81 ? 329 HOH A O   1 
HETATM 1526 O O   . HOH C 3 .   ? -12.428 13.283  -7.117  1.00 29.38 ? 330 HOH A O   1 
HETATM 1527 O O   . HOH C 3 .   ? 10.634  -13.524 -10.778 1.00 17.47 ? 331 HOH A O   1 
HETATM 1528 O O   . HOH C 3 .   ? 12.444  -4.933  -17.798 1.00 33.85 ? 332 HOH A O   1 
HETATM 1529 O O   . HOH C 3 .   ? 1.051   -3.075  -16.102 1.00 38.50 ? 333 HOH A O   1 
HETATM 1530 O O   . HOH C 3 .   ? 8.493   6.235   -9.948  1.00 19.41 ? 334 HOH A O   1 
HETATM 1531 O O   . HOH C 3 .   ? 8.829   13.402  6.486   1.00 16.12 ? 335 HOH A O   1 
HETATM 1532 O O   . HOH C 3 .   ? 17.549  7.578   4.561   1.00 16.75 ? 336 HOH A O   1 
HETATM 1533 O O   . HOH C 3 .   ? 9.072   -11.257 -11.525 1.00 19.98 ? 337 HOH A O   1 
HETATM 1534 O O   . HOH C 3 .   ? -5.772  13.188  -12.575 1.00 16.15 ? 338 HOH A O   1 
HETATM 1535 O O   . HOH C 3 .   ? 14.149  13.700  2.111   1.00 14.72 ? 339 HOH A O   1 
HETATM 1536 O O   . HOH C 3 .   ? 11.438  7.320   10.496  1.00 40.22 ? 340 HOH A O   1 
HETATM 1537 O O   . HOH C 3 .   ? 21.820  10.459  0.480   1.00 26.86 ? 341 HOH A O   1 
HETATM 1538 O O   . HOH C 3 .   ? 12.849  -8.460  5.145   1.00 17.67 ? 342 HOH A O   1 
HETATM 1539 O O   . HOH C 3 .   ? 15.034  -16.864 -2.202  1.00 32.31 ? 343 HOH A O   1 
HETATM 1540 O O   . HOH C 3 .   ? -0.993  -5.843  12.527  1.00 26.98 ? 344 HOH A O   1 
HETATM 1541 O O   . HOH C 3 .   ? -1.520  6.948   -14.916 1.00 47.06 ? 345 HOH A O   1 
HETATM 1542 O O   . HOH C 3 .   ? 5.954   20.761  0.074   1.00 21.21 ? 346 HOH A O   1 
HETATM 1543 O O   . HOH C 3 .   ? 15.682  -15.933 2.069   1.00 32.96 ? 347 HOH A O   1 
HETATM 1544 O O   . HOH C 3 .   ? 21.846  4.012   1.452   1.00 41.28 ? 348 HOH A O   1 
HETATM 1545 O O   . HOH C 3 .   ? -22.527 20.012  10.364  1.00 42.69 ? 349 HOH A O   1 
HETATM 1546 O O   . HOH C 3 .   ? -12.810 16.626  0.246   1.00 45.08 ? 350 HOH A O   1 
HETATM 1547 O O   . HOH C 3 .   ? -23.497 16.634  9.986   1.00 48.81 ? 351 HOH A O   1 
HETATM 1548 O O   . HOH C 3 .   ? 5.310   -10.401 -14.144 1.00 23.08 ? 352 HOH A O   1 
HETATM 1549 O O   . HOH C 3 .   ? -16.065 -5.328  -6.775  1.00 35.75 ? 353 HOH A O   1 
HETATM 1550 O O   . HOH C 3 .   ? 14.199  -7.117  -16.523 1.00 30.84 ? 354 HOH A O   1 
HETATM 1551 O O   . HOH C 3 .   ? -0.990  -9.931  -16.001 1.00 38.36 ? 355 HOH A O   1 
HETATM 1552 O O   . HOH C 3 .   ? -9.674  10.129  -13.301 1.00 33.24 ? 356 HOH A O   1 
HETATM 1553 O O   . HOH C 3 .   ? 11.624  7.554   -12.483 1.00 57.08 ? 357 HOH A O   1 
HETATM 1554 O O   . HOH C 3 .   ? 15.773  -12.819 4.021   1.00 40.09 ? 358 HOH A O   1 
HETATM 1555 O O   . HOH C 3 .   ? 5.002   -2.748  -14.021 1.00 35.93 ? 359 HOH A O   1 
HETATM 1556 O O   . HOH C 3 .   ? 5.290   -9.163  -16.396 1.00 25.06 ? 360 HOH A O   1 
HETATM 1557 O O   . HOH C 3 .   ? -18.772 -12.919 4.069   1.00 46.24 ? 361 HOH A O   1 
HETATM 1558 O O   . HOH C 3 .   ? 21.402  6.491   10.047  1.00 36.51 ? 362 HOH A O   1 
HETATM 1559 O O   . HOH C 3 .   ? 15.188  -9.415  -14.916 1.00 5.76  ? 363 HOH A O   1 
HETATM 1560 O O   . HOH C 3 .   ? -11.960 17.077  9.491   1.00 19.73 ? 364 HOH A O   1 
HETATM 1561 O O   . HOH C 3 .   ? 1.692   6.977   -13.558 1.00 29.04 ? 365 HOH A O   1 
HETATM 1562 O O   . HOH C 3 .   ? -5.987  10.805  13.974  1.00 8.77  ? 366 HOH A O   1 
HETATM 1563 O O   . HOH C 3 .   ? -20.612 -6.761  -2.366  1.00 47.57 ? 367 HOH A O   1 
HETATM 1564 O O   . HOH C 3 .   ? -2.265  20.569  -5.386  1.00 9.03  ? 368 HOH A O   1 
HETATM 1565 O O   . HOH C 3 .   ? 21.049  3.460   5.099   1.00 45.59 ? 369 HOH A O   1 
HETATM 1566 O O   . HOH C 3 .   ? -5.521  -5.494  13.751  1.00 22.95 ? 370 HOH A O   1 
HETATM 1567 O O   . HOH C 3 .   ? -2.240  -15.461 -7.109  1.00 22.21 ? 371 HOH A O   1 
HETATM 1568 O O   . HOH C 3 .   ? -13.233 3.665   16.575  1.00 35.51 ? 372 HOH A O   1 
HETATM 1569 O O   . HOH C 3 .   ? -4.867  19.603  2.074   1.00 17.94 ? 373 HOH A O   1 
HETATM 1570 O O   . HOH C 3 .   ? -5.405  20.110  -1.556  1.00 45.55 ? 374 HOH A O   1 
HETATM 1571 O O   . HOH C 3 .   ? -1.074  -14.824 -9.497  1.00 47.13 ? 375 HOH A O   1 
HETATM 1572 O O   . HOH C 3 .   ? -25.596 -7.299  -3.408  1.00 40.10 ? 376 HOH A O   1 
HETATM 1573 O O   . HOH C 3 .   ? -15.164 -13.599 5.303   1.00 29.00 ? 377 HOH A O   1 
HETATM 1574 O O   . HOH C 3 .   ? -13.263 -15.034 2.318   1.00 34.28 ? 378 HOH A O   1 
HETATM 1575 O O   . HOH C 3 .   ? 7.351   -11.847 -13.500 1.00 25.15 ? 379 HOH A O   1 
HETATM 1576 O O   . HOH C 3 .   ? -11.029 14.829  -14.263 1.00 25.40 ? 380 HOH A O   1 
HETATM 1577 O O   . HOH C 3 .   ? 2.031   -7.352  -18.741 1.00 37.04 ? 381 HOH A O   1 
HETATM 1578 O O   . HOH C 3 .   ? 23.646  12.023  -0.754  1.00 34.73 ? 382 HOH A O   1 
HETATM 1579 O O   . HOH C 3 .   ? -18.662 -6.112  -6.388  1.00 40.04 ? 383 HOH A O   1 
HETATM 1580 O O   . HOH C 3 .   ? 10.707  11.552  9.976   1.00 37.74 ? 384 HOH A O   1 
HETATM 1581 O O   . HOH C 3 .   ? -14.693 -3.205  -8.399  1.00 38.76 ? 385 HOH A O   1 
HETATM 1582 O O   . HOH C 3 .   ? -9.422  -5.396  3.681   1.00 13.10 ? 386 HOH A O   1 
HETATM 1583 O O   . HOH C 3 .   ? 0.310   -3.494  11.050  1.00 12.98 ? 387 HOH A O   1 
HETATM 1584 O O   . HOH C 3 .   ? -8.340  -14.243 1.878   1.00 15.28 ? 388 HOH A O   1 
HETATM 1585 O O   . HOH C 3 .   ? -7.455  1.607   -5.238  1.00 15.52 ? 389 HOH A O   1 
HETATM 1586 O O   . HOH C 3 .   ? 6.762   3.050   9.821   1.00 14.90 ? 390 HOH A O   1 
HETATM 1587 O O   . HOH C 3 .   ? 11.788  -7.407  1.557   1.00 20.07 ? 391 HOH A O   1 
HETATM 1588 O O   . HOH C 3 .   ? 0.546   6.664   13.782  1.00 20.39 ? 392 HOH A O   1 
HETATM 1589 O O   . HOH C 3 .   ? 9.994   0.221   -12.896 1.00 21.12 ? 393 HOH A O   1 
HETATM 1590 O O   . HOH C 3 .   ? 14.918  -1.617  -7.627  1.00 21.29 ? 394 HOH A O   1 
HETATM 1591 O O   . HOH C 3 .   ? -9.051  -0.121  14.902  1.00 22.45 ? 395 HOH A O   1 
HETATM 1592 O O   . HOH C 3 .   ? -11.155 0.885   4.763   1.00 23.92 ? 396 HOH A O   1 
HETATM 1593 O O   . HOH C 3 .   ? 18.224  -10.155 -1.112  1.00 24.86 ? 397 HOH A O   1 
HETATM 1594 O O   . HOH C 3 .   ? -12.348 -7.031  10.095  1.00 21.12 ? 398 HOH A O   1 
HETATM 1595 O O   . HOH C 3 .   ? -8.722  -3.349  15.637  1.00 23.56 ? 399 HOH A O   1 
HETATM 1596 O O   . HOH C 3 .   ? -4.376  -3.932  -7.708  1.00 21.82 ? 400 HOH A O   1 
HETATM 1597 O O   . HOH C 3 .   ? -11.577 -3.716  -5.122  1.00 25.94 ? 401 HOH A O   1 
HETATM 1598 O O   . HOH C 3 .   ? 16.121  -8.318  -10.387 1.00 25.45 ? 402 HOH A O   1 
HETATM 1599 O O   . HOH C 3 .   ? 4.035   4.879   12.099  1.00 30.35 ? 403 HOH A O   1 
HETATM 1600 O O   . HOH C 3 .   ? -8.455  -1.691  2.987   1.00 30.42 ? 404 HOH A O   1 
HETATM 1601 O O   . HOH C 3 .   ? -12.047 -5.138  2.775   1.00 28.77 ? 405 HOH A O   1 
HETATM 1602 O O   . HOH C 3 .   ? -9.704  2.031   1.680   1.00 27.07 ? 406 HOH A O   1 
HETATM 1603 O O   . HOH C 3 .   ? -8.063  0.322   0.405   1.00 27.15 ? 407 HOH A O   1 
HETATM 1604 O O   . HOH C 3 .   ? 7.949   0.897   11.326  1.00 40.21 ? 408 HOH A O   1 
HETATM 1605 O O   . HOH C 3 .   ? -12.377 -6.664  14.040  1.00 44.69 ? 409 HOH A O   1 
HETATM 1606 O O   . HOH C 3 .   ? -8.632  4.032   -0.185  1.00 28.80 ? 410 HOH A O   1 
HETATM 1607 O O   . HOH C 3 .   ? 9.057   -4.703  10.717  1.00 29.71 ? 411 HOH A O   1 
HETATM 1608 O O   . HOH C 3 .   ? -5.858  0.673   14.536  1.00 29.97 ? 412 HOH A O   1 
HETATM 1609 O O   . HOH C 3 .   ? -6.315  -2.750  -9.283  1.00 30.42 ? 413 HOH A O   1 
HETATM 1610 O O   . HOH C 3 .   ? -12.100 11.213  -10.360 1.00 32.05 ? 414 HOH A O   1 
HETATM 1611 O O   . HOH C 3 .   ? 11.120  2.449   -11.629 1.00 34.47 ? 415 HOH A O   1 
HETATM 1612 O O   . HOH C 3 .   ? 17.863  -15.423 -1.159  1.00 31.44 ? 416 HOH A O   1 
HETATM 1613 O O   . HOH C 3 .   ? -0.121  -0.735  13.823  1.00 36.41 ? 417 HOH A O   1 
HETATM 1614 O O   . HOH C 3 .   ? 15.437  -3.966  -10.067 1.00 34.73 ? 418 HOH A O   1 
HETATM 1615 O O   . HOH C 3 .   ? -13.253 1.551   3.663   1.00 32.33 ? 419 HOH A O   1 
HETATM 1616 O O   . HOH C 3 .   ? 1.615   -2.994  13.614  1.00 31.04 ? 420 HOH A O   1 
HETATM 1617 O O   . HOH C 3 .   ? -4.715  3.528   16.297  1.00 40.03 ? 421 HOH A O   1 
HETATM 1618 O O   . HOH C 3 .   ? 6.521   2.706   -12.840 1.00 38.92 ? 422 HOH A O   1 
HETATM 1619 O O   . HOH C 3 .   ? -14.385 -5.078  10.236  1.00 33.03 ? 423 HOH A O   1 
HETATM 1620 O O   . HOH C 3 .   ? 16.400  0.993   10.689  1.00 37.33 ? 424 HOH A O   1 
HETATM 1621 O O   . HOH C 3 .   ? 1.384   -13.663 -10.212 1.00 37.61 ? 425 HOH A O   1 
HETATM 1622 O O   . HOH C 3 .   ? -19.338 -0.678  13.743  1.00 42.71 ? 426 HOH A O   1 
HETATM 1623 O O   . HOH C 3 .   ? 3.557   2.531   13.582  1.00 35.73 ? 427 HOH A O   1 
HETATM 1624 O O   . HOH C 3 .   ? 16.931  -6.115  -11.282 1.00 36.88 ? 428 HOH A O   1 
HETATM 1625 O O   . HOH C 3 .   ? 18.263  -10.193 -10.374 1.00 44.16 ? 429 HOH A O   1 
HETATM 1626 O O   . HOH C 3 .   ? -8.163  2.097   -1.944  1.00 40.02 ? 430 HOH A O   1 
HETATM 1627 O O   . HOH C 3 .   ? 18.243  3.081   -4.647  1.00 47.46 ? 431 HOH A O   1 
HETATM 1628 O O   . HOH C 3 .   ? 15.231  -6.755  6.356   1.00 36.11 ? 432 HOH A O   1 
HETATM 1629 O O   . HOH C 3 .   ? 19.333  -13.261 -1.336  1.00 43.90 ? 433 HOH A O   1 
HETATM 1630 O O   . HOH C 3 .   ? -4.360  -3.675  14.771  1.00 40.06 ? 434 HOH A O   1 
HETATM 1631 O O   . HOH C 3 .   ? 17.198  -0.049  -6.581  1.00 42.20 ? 435 HOH A O   1 
HETATM 1632 O O   . HOH C 3 .   ? 5.424   20.292  8.232   1.00 39.07 ? 436 HOH A O   1 
HETATM 1633 O O   . HOH C 3 .   ? -8.000  -1.783  -7.059  1.00 43.72 ? 437 HOH A O   1 
HETATM 1634 O O   . HOH C 3 .   ? -10.457 0.251   17.482  1.00 48.69 ? 438 HOH A O   1 
HETATM 1635 O O   . HOH C 3 .   ? 6.511   -5.144  11.797  1.00 46.51 ? 439 HOH A O   1 
HETATM 1636 O O   . HOH C 3 .   ? -10.484 11.570  1.327   1.00 32.25 ? 440 HOH A O   1 
HETATM 1637 O O   . HOH C 3 .   ? 12.910  -1.334  -13.527 1.00 45.63 ? 441 HOH A O   1 
HETATM 1638 O O   . HOH C 3 .   ? 15.889  -10.523 2.336   1.00 18.80 ? 442 HOH A O   1 
HETATM 1639 O O   . HOH C 3 .   ? 19.152  -5.294  3.165   1.00 29.90 ? 443 HOH A O   1 
HETATM 1640 O O   . HOH C 3 .   ? -15.876 -2.226  15.774  1.00 34.72 ? 444 HOH A O   1 
HETATM 1641 O O   . HOH C 3 .   ? -8.213  -3.473  -4.974  1.00 39.59 ? 445 HOH A O   1 
HETATM 1642 O O   . HOH C 3 .   ? -12.316 9.542   -7.934  1.00 38.74 ? 446 HOH A O   1 
HETATM 1643 O O   . HOH C 3 .   ? -4.122  6.400   -16.193 1.00 53.07 ? 447 HOH A O   1 
HETATM 1644 O O   . HOH C 3 .   ? 7.623   12.978  9.718   1.00 57.53 ? 448 HOH A O   1 
HETATM 1645 O O   . HOH C 3 .   ? -0.805  2.858   -12.902 1.00 34.54 ? 449 HOH A O   1 
HETATM 1646 O O   . HOH C 3 .   ? -4.646  -0.170  -11.457 1.00 42.85 ? 450 HOH A O   1 
HETATM 1647 O O   . HOH C 3 .   ? -13.863 11.638  -8.909  1.00 37.40 ? 451 HOH A O   1 
HETATM 1648 O O   . HOH C 3 .   ? -15.014 -0.317  5.412   1.00 42.14 ? 452 HOH A O   1 
HETATM 1649 O O   . HOH C 3 .   ? -20.600 14.787  7.101   1.00 35.50 ? 453 HOH A O   1 
# 
loop_
_pdbx_poly_seq_scheme.asym_id 
_pdbx_poly_seq_scheme.entity_id 
_pdbx_poly_seq_scheme.seq_id 
_pdbx_poly_seq_scheme.mon_id 
_pdbx_poly_seq_scheme.ndb_seq_num 
_pdbx_poly_seq_scheme.pdb_seq_num 
_pdbx_poly_seq_scheme.auth_seq_num 
_pdbx_poly_seq_scheme.pdb_mon_id 
_pdbx_poly_seq_scheme.auth_mon_id 
_pdbx_poly_seq_scheme.pdb_strand_id 
_pdbx_poly_seq_scheme.pdb_ins_code 
_pdbx_poly_seq_scheme.hetero 
A 1 1   GLY 1   0   ?   ?   ?   A . n 
A 1 2   SER 2   1   1   SER SER A . n 
A 1 3   ASN 3   2   2   ASN ASN A . n 
A 1 4   GLN 4   3   3   GLN GLN A . n 
A 1 5   LYS 5   4   4   LYS LYS A . n 
A 1 6   ALA 6   5   5   ALA ALA A . n 
A 1 7   VAL 7   6   6   VAL VAL A . n 
A 1 8   ILE 8   7   7   ILE ILE A . n 
A 1 9   LEU 9   8   8   LEU LEU A . n 
A 1 10  ASP 10  9   9   ASP ASP A . n 
A 1 11  GLU 11  10  10  GLU GLU A . n 
A 1 12  GLN 12  11  11  GLN GLN A . n 
A 1 13  ALA 13  12  12  ALA ALA A . n 
A 1 14  ILE 14  13  13  ILE ILE A . n 
A 1 15  ARG 15  14  14  ARG ARG A . n 
A 1 16  ARG 16  15  15  ARG ARG A . n 
A 1 17  ALA 17  16  16  ALA ALA A . n 
A 1 18  LEU 18  17  17  LEU LEU A . n 
A 1 19  THR 19  18  18  THR THR A . n 
A 1 20  ARG 20  19  19  ARG ARG A . n 
A 1 21  ILE 21  20  20  ILE ILE A . n 
A 1 22  ALA 22  21  21  ALA ALA A . n 
A 1 23  HIS 23  22  22  HIS HIS A . n 
A 1 24  GLU 24  23  23  GLU GLU A . n 
A 1 25  MET 25  24  24  MET MET A . n 
A 1 26  ILE 26  25  25  ILE ILE A . n 
A 1 27  GLU 27  26  26  GLU GLU A . n 
A 1 28  ARG 28  27  27  ARG ARG A . n 
A 1 29  ASN 29  28  28  ASN ASN A . n 
A 1 30  LYS 30  29  29  LYS LYS A . n 
A 1 31  GLY 31  30  30  GLY GLY A . n 
A 1 32  MET 32  31  31  MET MET A . n 
A 1 33  ASN 33  32  32  ASN ASN A . n 
A 1 34  ASN 34  33  33  ASN ASN A . n 
A 1 35  CYS 35  34  34  CYS CYS A . n 
A 1 36  ILE 36  35  35  ILE ILE A . n 
A 1 37  LEU 37  36  36  LEU LEU A . n 
A 1 38  VAL 38  37  37  VAL VAL A . n 
A 1 39  GLY 39  38  38  GLY GLY A . n 
A 1 40  ILE 40  39  39  ILE ILE A . n 
A 1 41  LYS 41  40  40  LYS LYS A . n 
A 1 42  THR 42  41  41  THR THR A . n 
A 1 43  ARG 43  42  42  ARG ARG A . n 
A 1 44  GLY 44  43  43  GLY GLY A . n 
A 1 45  ILE 45  44  44  ILE ILE A . n 
A 1 46  TYR 46  45  45  TYR TYR A . n 
A 1 47  LEU 47  46  46  LEU LEU A . n 
A 1 48  ALA 48  47  47  ALA ALA A . n 
A 1 49  LYS 49  48  48  LYS LYS A . n 
A 1 50  ARG 50  49  49  ARG ARG A . n 
A 1 51  LEU 51  50  50  LEU LEU A . n 
A 1 52  ALA 52  51  51  ALA ALA A . n 
A 1 53  GLU 53  52  52  GLU GLU A . n 
A 1 54  ARG 54  53  53  ARG ARG A . n 
A 1 55  ILE 55  54  54  ILE ILE A . n 
A 1 56  GLU 56  55  55  GLU GLU A . n 
A 1 57  GLN 57  56  56  GLN GLN A . n 
A 1 58  ILE 58  57  57  ILE ILE A . n 
A 1 59  GLU 59  58  58  GLU GLU A . n 
A 1 60  GLY 60  59  59  GLY GLY A . n 
A 1 61  ASN 61  60  60  ASN ASN A . n 
A 1 62  PRO 62  61  61  PRO PRO A . n 
A 1 63  VAL 63  62  62  VAL VAL A . n 
A 1 64  THR 64  63  63  THR THR A . n 
A 1 65  VAL 65  64  64  VAL VAL A . n 
A 1 66  GLY 66  65  65  GLY GLY A . n 
A 1 67  GLU 67  66  66  GLU GLU A . n 
A 1 68  ILE 68  67  67  ILE ILE A . n 
A 1 69  ASP 69  68  68  ASP ASP A . n 
A 1 70  ILE 70  69  69  ILE ILE A . n 
A 1 71  THR 71  70  70  THR THR A . n 
A 1 72  LEU 72  71  71  LEU LEU A . n 
A 1 73  TYR 73  72  72  TYR TYR A . n 
A 1 74  ARG 74  73  73  ARG ARG A . n 
A 1 75  ASP 75  74  74  ASP ASP A . n 
A 1 76  ASP 76  75  75  ASP ASP A . n 
A 1 77  LEU 77  76  76  LEU LEU A . n 
A 1 78  SER 78  77  77  SER SER A . n 
A 1 79  LYS 79  78  78  LYS LYS A . n 
A 1 80  LYS 80  79  79  LYS LYS A . n 
A 1 81  THR 81  80  80  THR THR A . n 
A 1 82  SER 82  81  81  SER SER A . n 
A 1 83  ASN 83  82  82  ASN ASN A . n 
A 1 84  ASP 84  83  83  ASP ASP A . n 
A 1 85  GLU 85  84  84  GLU GLU A . n 
A 1 86  PRO 86  85  85  PRO PRO A . n 
A 1 87  LEU 87  86  86  LEU LEU A . n 
A 1 88  VAL 88  87  87  VAL VAL A . n 
A 1 89  LYS 89  88  88  LYS LYS A . n 
A 1 90  GLY 90  89  89  GLY GLY A . n 
A 1 91  ALA 91  90  90  ALA ALA A . n 
A 1 92  ASP 92  91  91  ASP ASP A . n 
A 1 93  ILE 93  92  92  ILE ILE A . n 
A 1 94  PRO 94  93  93  PRO PRO A . n 
A 1 95  VAL 95  94  94  VAL VAL A . n 
A 1 96  ASP 96  95  95  ASP ASP A . n 
A 1 97  ILE 97  96  96  ILE ILE A . n 
A 1 98  THR 98  97  97  THR THR A . n 
A 1 99  ASP 99  98  98  ASP ASP A . n 
A 1 100 GLN 100 99  99  GLN GLN A . n 
A 1 101 LYS 101 100 100 LYS LYS A . n 
A 1 102 VAL 102 101 101 VAL VAL A . n 
A 1 103 ILE 103 102 102 ILE ILE A . n 
A 1 104 LEU 104 103 103 LEU LEU A . n 
A 1 105 VAL 105 104 104 VAL VAL A . n 
A 1 106 ASP 106 105 105 ASP ASP A . n 
A 1 107 ASP 107 106 106 ASP ASP A . n 
A 1 108 VAL 108 107 107 VAL VAL A . n 
A 1 109 LEU 109 108 108 LEU LEU A . n 
A 1 110 TYR 110 109 109 TYR TYR A . n 
A 1 111 THR 111 110 110 THR THR A . n 
A 1 112 GLY 112 111 111 GLY GLY A . n 
A 1 113 ARG 113 112 112 ARG ARG A . n 
A 1 114 THR 114 113 113 THR THR A . n 
A 1 115 VAL 115 114 114 VAL VAL A . n 
A 1 116 ARG 116 115 115 ARG ARG A . n 
A 1 117 ALA 117 116 116 ALA ALA A . n 
A 1 118 GLY 118 117 117 GLY GLY A . n 
A 1 119 MET 119 118 118 MET MET A . n 
A 1 120 ASP 120 119 119 ASP ASP A . n 
A 1 121 ALA 121 120 120 ALA ALA A . n 
A 1 122 LEU 122 121 121 LEU LEU A . n 
A 1 123 VAL 123 122 122 VAL VAL A . n 
A 1 124 ASP 124 123 123 ASP ASP A . n 
A 1 125 VAL 125 124 124 VAL VAL A . n 
A 1 126 GLY 126 125 125 GLY GLY A . n 
A 1 127 ARG 127 126 126 ARG ARG A . n 
A 1 128 PRO 128 127 127 PRO PRO A . n 
A 1 129 SER 129 128 128 SER SER A . n 
A 1 130 SER 130 129 129 SER SER A . n 
A 1 131 ILE 131 130 130 ILE ILE A . n 
A 1 132 GLN 132 131 131 GLN GLN A . n 
A 1 133 LEU 133 132 132 LEU LEU A . n 
A 1 134 ALA 134 133 133 ALA ALA A . n 
A 1 135 VAL 135 134 134 VAL VAL A . n 
A 1 136 LEU 136 135 135 LEU LEU A . n 
A 1 137 VAL 137 136 136 VAL VAL A . n 
A 1 138 ASP 138 137 137 ASP ASP A . n 
A 1 139 ARG 139 138 138 ARG ARG A . n 
A 1 140 GLY 140 139 139 GLY GLY A . n 
A 1 141 HIS 141 140 140 HIS HIS A . n 
A 1 142 ARG 142 141 141 ARG ARG A . n 
A 1 143 GLU 143 142 142 GLU GLU A . n 
A 1 144 LEU 144 143 143 LEU LEU A . n 
A 1 145 PRO 145 144 144 PRO PRO A . n 
A 1 146 ILE 146 145 145 ILE ILE A . n 
A 1 147 ARG 147 146 146 ARG ARG A . n 
A 1 148 ALA 148 147 147 ALA ALA A . n 
A 1 149 ASP 149 148 148 ASP ASP A . n 
A 1 150 TYR 150 149 149 TYR TYR A . n 
A 1 151 ILE 151 150 150 ILE ILE A . n 
A 1 152 GLY 152 151 151 GLY GLY A . n 
A 1 153 LYS 153 152 152 LYS LYS A . n 
A 1 154 ASN 154 153 153 ASN ASN A . n 
A 1 155 ILE 155 154 154 ILE ILE A . n 
A 1 156 PRO 156 155 155 PRO PRO A . n 
A 1 157 THR 157 156 156 THR THR A . n 
A 1 158 SER 158 157 157 SER SER A . n 
A 1 159 LYS 159 158 158 LYS LYS A . n 
A 1 160 SER 160 159 159 SER SER A . n 
A 1 161 GLU 161 160 160 GLU GLU A . n 
A 1 162 LYS 162 161 161 LYS LYS A . n 
A 1 163 VAL 163 162 162 VAL VAL A . n 
A 1 164 MET 164 163 163 MET MET A . n 
A 1 165 VAL 165 164 164 VAL VAL A . n 
A 1 166 GLN 166 165 165 GLN GLN A . n 
A 1 167 LEU 167 166 166 LEU LEU A . n 
A 1 168 ASP 168 167 167 ASP ASP A . n 
A 1 169 GLU 169 168 168 GLU GLU A . n 
A 1 170 VAL 170 169 169 VAL VAL A . n 
A 1 171 ASP 171 170 170 ASP ASP A . n 
A 1 172 GLN 172 171 171 GLN GLN A . n 
A 1 173 ASN 173 172 172 ASN ASN A . n 
A 1 174 ASP 174 173 173 ASP ASP A . n 
A 1 175 LEU 175 174 174 LEU LEU A . n 
A 1 176 VAL 176 175 175 VAL VAL A . n 
A 1 177 ALA 177 176 176 ALA ALA A . n 
A 1 178 ILE 178 177 177 ILE ILE A . n 
A 1 179 TYR 179 178 178 TYR TYR A . n 
A 1 180 GLU 180 179 179 GLU GLU A . n 
A 1 181 ASN 181 180 180 ASN ASN A . n 
A 1 182 GLU 182 181 ?   ?   ?   A . n 
A 1 183 LYS 183 182 ?   ?   ?   A . n 
# 
loop_
_pdbx_nonpoly_scheme.asym_id 
_pdbx_nonpoly_scheme.entity_id 
_pdbx_nonpoly_scheme.mon_id 
_pdbx_nonpoly_scheme.ndb_seq_num 
_pdbx_nonpoly_scheme.pdb_seq_num 
_pdbx_nonpoly_scheme.auth_seq_num 
_pdbx_nonpoly_scheme.pdb_mon_id 
_pdbx_nonpoly_scheme.auth_mon_id 
_pdbx_nonpoly_scheme.pdb_strand_id 
_pdbx_nonpoly_scheme.pdb_ins_code 
B 2 SO4 1   201 1   SO4 SO4 A . 
C 3 HOH 1   301 131 HOH HOH A . 
C 3 HOH 2   302 180 HOH HOH A . 
C 3 HOH 3   303 117 HOH HOH A . 
C 3 HOH 4   304 3   HOH HOH A . 
C 3 HOH 5   305 144 HOH HOH A . 
C 3 HOH 6   306 84  HOH HOH A . 
C 3 HOH 7   307 170 HOH HOH A . 
C 3 HOH 8   308 56  HOH HOH A . 
C 3 HOH 9   309 120 HOH HOH A . 
C 3 HOH 10  310 124 HOH HOH A . 
C 3 HOH 11  311 46  HOH HOH A . 
C 3 HOH 12  312 33  HOH HOH A . 
C 3 HOH 13  313 92  HOH HOH A . 
C 3 HOH 14  314 68  HOH HOH A . 
C 3 HOH 15  315 94  HOH HOH A . 
C 3 HOH 16  316 62  HOH HOH A . 
C 3 HOH 17  317 137 HOH HOH A . 
C 3 HOH 18  318 135 HOH HOH A . 
C 3 HOH 19  319 6   HOH HOH A . 
C 3 HOH 20  320 7   HOH HOH A . 
C 3 HOH 21  321 67  HOH HOH A . 
C 3 HOH 22  322 31  HOH HOH A . 
C 3 HOH 23  323 104 HOH HOH A . 
C 3 HOH 24  324 30  HOH HOH A . 
C 3 HOH 25  325 154 HOH HOH A . 
C 3 HOH 26  326 147 HOH HOH A . 
C 3 HOH 27  327 119 HOH HOH A . 
C 3 HOH 28  328 57  HOH HOH A . 
C 3 HOH 29  329 77  HOH HOH A . 
C 3 HOH 30  330 52  HOH HOH A . 
C 3 HOH 31  331 16  HOH HOH A . 
C 3 HOH 32  332 66  HOH HOH A . 
C 3 HOH 33  333 102 HOH HOH A . 
C 3 HOH 34  334 18  HOH HOH A . 
C 3 HOH 35  335 15  HOH HOH A . 
C 3 HOH 36  336 11  HOH HOH A . 
C 3 HOH 37  337 26  HOH HOH A . 
C 3 HOH 38  338 20  HOH HOH A . 
C 3 HOH 39  339 10  HOH HOH A . 
C 3 HOH 40  340 133 HOH HOH A . 
C 3 HOH 41  341 71  HOH HOH A . 
C 3 HOH 42  342 36  HOH HOH A . 
C 3 HOH 43  343 80  HOH HOH A . 
C 3 HOH 44  344 61  HOH HOH A . 
C 3 HOH 45  345 138 HOH HOH A . 
C 3 HOH 46  346 22  HOH HOH A . 
C 3 HOH 47  347 105 HOH HOH A . 
C 3 HOH 48  348 109 HOH HOH A . 
C 3 HOH 49  349 75  HOH HOH A . 
C 3 HOH 50  350 177 HOH HOH A . 
C 3 HOH 51  351 111 HOH HOH A . 
C 3 HOH 52  352 48  HOH HOH A . 
C 3 HOH 53  353 110 HOH HOH A . 
C 3 HOH 54  354 85  HOH HOH A . 
C 3 HOH 55  355 100 HOH HOH A . 
C 3 HOH 56  356 88  HOH HOH A . 
C 3 HOH 57  357 113 HOH HOH A . 
C 3 HOH 58  358 128 HOH HOH A . 
C 3 HOH 59  359 125 HOH HOH A . 
C 3 HOH 60  360 39  HOH HOH A . 
C 3 HOH 61  361 126 HOH HOH A . 
C 3 HOH 62  362 97  HOH HOH A . 
C 3 HOH 63  363 1   HOH HOH A . 
C 3 HOH 64  364 23  HOH HOH A . 
C 3 HOH 65  365 60  HOH HOH A . 
C 3 HOH 66  366 2   HOH HOH A . 
C 3 HOH 67  367 143 HOH HOH A . 
C 3 HOH 68  368 4   HOH HOH A . 
C 3 HOH 69  369 159 HOH HOH A . 
C 3 HOH 70  370 29  HOH HOH A . 
C 3 HOH 71  371 38  HOH HOH A . 
C 3 HOH 72  372 90  HOH HOH A . 
C 3 HOH 73  373 32  HOH HOH A . 
C 3 HOH 74  374 173 HOH HOH A . 
C 3 HOH 75  375 116 HOH HOH A . 
C 3 HOH 76  376 86  HOH HOH A . 
C 3 HOH 77  377 54  HOH HOH A . 
C 3 HOH 78  378 83  HOH HOH A . 
C 3 HOH 79  379 50  HOH HOH A . 
C 3 HOH 80  380 53  HOH HOH A . 
C 3 HOH 81  381 176 HOH HOH A . 
C 3 HOH 82  382 132 HOH HOH A . 
C 3 HOH 83  383 114 HOH HOH A . 
C 3 HOH 84  384 106 HOH HOH A . 
C 3 HOH 85  385 121 HOH HOH A . 
C 3 HOH 86  386 5   HOH HOH A . 
C 3 HOH 87  387 8   HOH HOH A . 
C 3 HOH 88  388 12  HOH HOH A . 
C 3 HOH 89  389 13  HOH HOH A . 
C 3 HOH 90  390 14  HOH HOH A . 
C 3 HOH 91  391 17  HOH HOH A . 
C 3 HOH 92  392 19  HOH HOH A . 
C 3 HOH 93  393 21  HOH HOH A . 
C 3 HOH 94  394 24  HOH HOH A . 
C 3 HOH 95  395 25  HOH HOH A . 
C 3 HOH 96  396 27  HOH HOH A . 
C 3 HOH 97  397 28  HOH HOH A . 
C 3 HOH 98  398 34  HOH HOH A . 
C 3 HOH 99  399 35  HOH HOH A . 
C 3 HOH 100 400 41  HOH HOH A . 
C 3 HOH 101 401 42  HOH HOH A . 
C 3 HOH 102 402 44  HOH HOH A . 
C 3 HOH 103 403 45  HOH HOH A . 
C 3 HOH 104 404 47  HOH HOH A . 
C 3 HOH 105 405 49  HOH HOH A . 
C 3 HOH 106 406 51  HOH HOH A . 
C 3 HOH 107 407 55  HOH HOH A . 
C 3 HOH 108 408 58  HOH HOH A . 
C 3 HOH 109 409 59  HOH HOH A . 
C 3 HOH 110 410 63  HOH HOH A . 
C 3 HOH 111 411 64  HOH HOH A . 
C 3 HOH 112 412 69  HOH HOH A . 
C 3 HOH 113 413 70  HOH HOH A . 
C 3 HOH 114 414 73  HOH HOH A . 
C 3 HOH 115 415 74  HOH HOH A . 
C 3 HOH 116 416 76  HOH HOH A . 
C 3 HOH 117 417 79  HOH HOH A . 
C 3 HOH 118 418 81  HOH HOH A . 
C 3 HOH 119 419 82  HOH HOH A . 
C 3 HOH 120 420 87  HOH HOH A . 
C 3 HOH 121 421 89  HOH HOH A . 
C 3 HOH 122 422 91  HOH HOH A . 
C 3 HOH 123 423 93  HOH HOH A . 
C 3 HOH 124 424 95  HOH HOH A . 
C 3 HOH 125 425 96  HOH HOH A . 
C 3 HOH 126 426 98  HOH HOH A . 
C 3 HOH 127 427 99  HOH HOH A . 
C 3 HOH 128 428 101 HOH HOH A . 
C 3 HOH 129 429 103 HOH HOH A . 
C 3 HOH 130 430 108 HOH HOH A . 
C 3 HOH 131 431 112 HOH HOH A . 
C 3 HOH 132 432 115 HOH HOH A . 
C 3 HOH 133 433 118 HOH HOH A . 
C 3 HOH 134 434 122 HOH HOH A . 
C 3 HOH 135 435 123 HOH HOH A . 
C 3 HOH 136 436 129 HOH HOH A . 
C 3 HOH 137 437 134 HOH HOH A . 
C 3 HOH 138 438 136 HOH HOH A . 
C 3 HOH 139 439 139 HOH HOH A . 
C 3 HOH 140 440 142 HOH HOH A . 
C 3 HOH 141 441 145 HOH HOH A . 
C 3 HOH 142 442 146 HOH HOH A . 
C 3 HOH 143 443 150 HOH HOH A . 
C 3 HOH 144 444 151 HOH HOH A . 
C 3 HOH 145 445 158 HOH HOH A . 
C 3 HOH 146 446 163 HOH HOH A . 
C 3 HOH 147 447 164 HOH HOH A . 
C 3 HOH 148 448 165 HOH HOH A . 
C 3 HOH 149 449 166 HOH HOH A . 
C 3 HOH 150 450 167 HOH HOH A . 
C 3 HOH 151 451 172 HOH HOH A . 
C 3 HOH 152 452 178 HOH HOH A . 
C 3 HOH 153 453 179 HOH HOH A . 
# 
_pdbx_struct_assembly.id                   1 
_pdbx_struct_assembly.details              software_defined_assembly 
_pdbx_struct_assembly.method_details       PISA 
_pdbx_struct_assembly.oligomeric_details   dimeric 
_pdbx_struct_assembly.oligomeric_count     2 
# 
_pdbx_struct_assembly_gen.assembly_id       1 
_pdbx_struct_assembly_gen.oper_expression   1,2 
_pdbx_struct_assembly_gen.asym_id_list      A,B,C 
# 
loop_
_pdbx_struct_assembly_prop.biol_id 
_pdbx_struct_assembly_prop.type 
_pdbx_struct_assembly_prop.value 
_pdbx_struct_assembly_prop.details 
1 'ABSA (A^2)' 2230  ? 
1 MORE         -46   ? 
1 'SSA (A^2)'  17000 ? 
# 
loop_
_pdbx_struct_oper_list.id 
_pdbx_struct_oper_list.type 
_pdbx_struct_oper_list.name 
_pdbx_struct_oper_list.symmetry_operation 
_pdbx_struct_oper_list.matrix[1][1] 
_pdbx_struct_oper_list.matrix[1][2] 
_pdbx_struct_oper_list.matrix[1][3] 
_pdbx_struct_oper_list.vector[1] 
_pdbx_struct_oper_list.matrix[2][1] 
_pdbx_struct_oper_list.matrix[2][2] 
_pdbx_struct_oper_list.matrix[2][3] 
_pdbx_struct_oper_list.vector[2] 
_pdbx_struct_oper_list.matrix[3][1] 
_pdbx_struct_oper_list.matrix[3][2] 
_pdbx_struct_oper_list.matrix[3][3] 
_pdbx_struct_oper_list.vector[3] 
1 'identity operation'         1_555 x,y,z       1.0000000000  0.0000000000 0.0000000000 0.0000000000 0.0000000000 1.0000000000  0.0000000000 0.0000000000   0.0000000000 0.0000000000 1.0000000000 0.0000000000  
2 'crystal symmetry operation' 2_656 -x+1,y,-z+1 -0.9063041844 0.2438670033 0.3451689587 2.2644349313 0.2438670033 -0.3652745866 0.8983893149 -23.6563215697 0.3451689587 0.8983893149 0.2715787710 16.0988641426 
# 
_pdbx_struct_special_symmetry.id              1 
_pdbx_struct_special_symmetry.PDB_model_num   1 
_pdbx_struct_special_symmetry.auth_asym_id    A 
_pdbx_struct_special_symmetry.auth_comp_id    HOH 
_pdbx_struct_special_symmetry.auth_seq_id     304 
_pdbx_struct_special_symmetry.PDB_ins_code    ? 
_pdbx_struct_special_symmetry.label_asym_id   C 
_pdbx_struct_special_symmetry.label_comp_id   HOH 
_pdbx_struct_special_symmetry.label_seq_id    . 
# 
loop_
_pdbx_audit_revision_history.ordinal 
_pdbx_audit_revision_history.data_content_type 
_pdbx_audit_revision_history.major_revision 
_pdbx_audit_revision_history.minor_revision 
_pdbx_audit_revision_history.revision_date 
1 'Structure model' 1 0 2014-12-17 
2 'Structure model' 1 1 2014-12-31 
3 'Structure model' 1 2 2023-12-20 
# 
_pdbx_audit_revision_details.ordinal             1 
_pdbx_audit_revision_details.revision_ordinal    1 
_pdbx_audit_revision_details.data_content_type   'Structure model' 
_pdbx_audit_revision_details.provider            repository 
_pdbx_audit_revision_details.type                'Initial release' 
_pdbx_audit_revision_details.description         ? 
_pdbx_audit_revision_details.details             ? 
# 
loop_
_pdbx_audit_revision_group.ordinal 
_pdbx_audit_revision_group.revision_ordinal 
_pdbx_audit_revision_group.data_content_type 
_pdbx_audit_revision_group.group 
1 2 'Structure model' 'Database references'    
2 3 'Structure model' 'Data collection'        
3 3 'Structure model' 'Database references'    
4 3 'Structure model' 'Refinement description' 
# 
loop_
_pdbx_audit_revision_category.ordinal 
_pdbx_audit_revision_category.revision_ordinal 
_pdbx_audit_revision_category.data_content_type 
_pdbx_audit_revision_category.category 
1 3 'Structure model' chem_comp_atom                
2 3 'Structure model' chem_comp_bond                
3 3 'Structure model' database_2                    
4 3 'Structure model' pdbx_initial_refinement_model 
# 
loop_
_pdbx_audit_revision_item.ordinal 
_pdbx_audit_revision_item.revision_ordinal 
_pdbx_audit_revision_item.data_content_type 
_pdbx_audit_revision_item.item 
1 3 'Structure model' '_database_2.pdbx_DOI'                
2 3 'Structure model' '_database_2.pdbx_database_accession' 
# 
loop_
_software.citation_id 
_software.classification 
_software.compiler_name 
_software.compiler_version 
_software.contact_author 
_software.contact_author_email 
_software.date 
_software.description 
_software.dependencies 
_software.hardware 
_software.language 
_software.location 
_software.mods 
_software.name 
_software.os 
_software.os_version 
_software.type 
_software.version 
_software.pdbx_ordinal 
? refinement       . . . . . . . . . . . REFMAC . . . 5.8.0069 1 
? 'data reduction' ? ? ? ? ? ? ? ? ? ? ? XDS    ? ? ? .        2 
? 'data scaling'   ? ? ? ? ? ? ? ? ? ? ? XSCALE ? ? ? .        3 
? phasing          ? ? ? ? ? ? ? ? ? ? ? PHASER ? ? ? .        4 
# 
_pdbx_validate_close_contact.id               1 
_pdbx_validate_close_contact.PDB_model_num    1 
_pdbx_validate_close_contact.auth_atom_id_1   ND2 
_pdbx_validate_close_contact.auth_asym_id_1   A 
_pdbx_validate_close_contact.auth_comp_id_1   ASN 
_pdbx_validate_close_contact.auth_seq_id_1    172 
_pdbx_validate_close_contact.PDB_ins_code_1   ? 
_pdbx_validate_close_contact.label_alt_id_1   B 
_pdbx_validate_close_contact.auth_atom_id_2   O 
_pdbx_validate_close_contact.auth_asym_id_2   A 
_pdbx_validate_close_contact.auth_comp_id_2   HOH 
_pdbx_validate_close_contact.auth_seq_id_2    301 
_pdbx_validate_close_contact.PDB_ins_code_2   ? 
_pdbx_validate_close_contact.label_alt_id_2   ? 
_pdbx_validate_close_contact.dist             2.17 
# 
loop_
_pdbx_validate_symm_contact.id 
_pdbx_validate_symm_contact.PDB_model_num 
_pdbx_validate_symm_contact.auth_atom_id_1 
_pdbx_validate_symm_contact.auth_asym_id_1 
_pdbx_validate_symm_contact.auth_comp_id_1 
_pdbx_validate_symm_contact.auth_seq_id_1 
_pdbx_validate_symm_contact.PDB_ins_code_1 
_pdbx_validate_symm_contact.label_alt_id_1 
_pdbx_validate_symm_contact.site_symmetry_1 
_pdbx_validate_symm_contact.auth_atom_id_2 
_pdbx_validate_symm_contact.auth_asym_id_2 
_pdbx_validate_symm_contact.auth_comp_id_2 
_pdbx_validate_symm_contact.auth_seq_id_2 
_pdbx_validate_symm_contact.PDB_ins_code_2 
_pdbx_validate_symm_contact.label_alt_id_2 
_pdbx_validate_symm_contact.site_symmetry_2 
_pdbx_validate_symm_contact.dist 
1 1 O A HOH 359 ? ? 1_555 O A HOH 362 ? ? 4_545 1.94 
2 1 O A HOH 348 ? ? 1_555 O A HOH 381 ? ? 4_555 2.12 
# 
loop_
_pdbx_validate_rmsd_bond.id 
_pdbx_validate_rmsd_bond.PDB_model_num 
_pdbx_validate_rmsd_bond.auth_atom_id_1 
_pdbx_validate_rmsd_bond.auth_asym_id_1 
_pdbx_validate_rmsd_bond.auth_comp_id_1 
_pdbx_validate_rmsd_bond.auth_seq_id_1 
_pdbx_validate_rmsd_bond.PDB_ins_code_1 
_pdbx_validate_rmsd_bond.label_alt_id_1 
_pdbx_validate_rmsd_bond.auth_atom_id_2 
_pdbx_validate_rmsd_bond.auth_asym_id_2 
_pdbx_validate_rmsd_bond.auth_comp_id_2 
_pdbx_validate_rmsd_bond.auth_seq_id_2 
_pdbx_validate_rmsd_bond.PDB_ins_code_2 
_pdbx_validate_rmsd_bond.label_alt_id_2 
_pdbx_validate_rmsd_bond.bond_value 
_pdbx_validate_rmsd_bond.bond_target_value 
_pdbx_validate_rmsd_bond.bond_deviation 
_pdbx_validate_rmsd_bond.bond_standard_deviation 
_pdbx_validate_rmsd_bond.linker_flag 
1 1 C  A ASN 33  ? ? O   A ASN 33  ? ? 1.351 1.229 0.122  0.019 N 
2 1 CD A GLU 142 ? ? OE1 A GLU 142 ? ? 1.177 1.252 -0.075 0.011 N 
3 1 CG A GLU 160 ? ? CD  A GLU 160 ? ? 1.416 1.515 -0.099 0.015 N 
# 
loop_
_pdbx_validate_rmsd_angle.id 
_pdbx_validate_rmsd_angle.PDB_model_num 
_pdbx_validate_rmsd_angle.auth_atom_id_1 
_pdbx_validate_rmsd_angle.auth_asym_id_1 
_pdbx_validate_rmsd_angle.auth_comp_id_1 
_pdbx_validate_rmsd_angle.auth_seq_id_1 
_pdbx_validate_rmsd_angle.PDB_ins_code_1 
_pdbx_validate_rmsd_angle.label_alt_id_1 
_pdbx_validate_rmsd_angle.auth_atom_id_2 
_pdbx_validate_rmsd_angle.auth_asym_id_2 
_pdbx_validate_rmsd_angle.auth_comp_id_2 
_pdbx_validate_rmsd_angle.auth_seq_id_2 
_pdbx_validate_rmsd_angle.PDB_ins_code_2 
_pdbx_validate_rmsd_angle.label_alt_id_2 
_pdbx_validate_rmsd_angle.auth_atom_id_3 
_pdbx_validate_rmsd_angle.auth_asym_id_3 
_pdbx_validate_rmsd_angle.auth_comp_id_3 
_pdbx_validate_rmsd_angle.auth_seq_id_3 
_pdbx_validate_rmsd_angle.PDB_ins_code_3 
_pdbx_validate_rmsd_angle.label_alt_id_3 
_pdbx_validate_rmsd_angle.angle_value 
_pdbx_validate_rmsd_angle.angle_target_value 
_pdbx_validate_rmsd_angle.angle_deviation 
_pdbx_validate_rmsd_angle.angle_standard_deviation 
_pdbx_validate_rmsd_angle.linker_flag 
1  1 CB  A ASP 9   ? ? CG A ASP 9   ? ? OD1 A ASP 9   ? ? 125.08 118.30 6.78  0.90 N 
2  1 NE  A ARG 14  ? ? CZ A ARG 14  ? ? NH2 A ARG 14  ? ? 116.81 120.30 -3.49 0.50 N 
3  1 NE  A ARG 15  ? A CZ A ARG 15  ? A NH2 A ARG 15  ? A 126.95 120.30 6.65  0.50 N 
4  1 NE  A ARG 19  ? ? CZ A ARG 19  ? ? NH1 A ARG 19  ? ? 125.43 120.30 5.13  0.50 N 
5  1 NE  A ARG 19  ? ? CZ A ARG 19  ? ? NH2 A ARG 19  ? ? 112.96 120.30 -7.34 0.50 N 
6  1 OE1 A GLU 23  ? ? CD A GLU 23  ? ? OE2 A GLU 23  ? ? 115.05 123.30 -8.25 1.20 N 
7  1 NE  A ARG 27  ? B CZ A ARG 27  ? B NH2 A ARG 27  ? B 116.04 120.30 -4.26 0.50 N 
8  1 NE  A ARG 53  ? ? CZ A ARG 53  ? ? NH1 A ARG 53  ? ? 125.04 120.30 4.74  0.50 N 
9  1 NE  A ARG 53  ? ? CZ A ARG 53  ? ? NH2 A ARG 53  ? ? 117.04 120.30 -3.26 0.50 N 
10 1 CB  A ASP 75  ? ? CG A ASP 75  ? ? OD1 A ASP 75  ? ? 127.44 118.30 9.14  0.90 N 
11 1 CB  A ASP 75  ? ? CG A ASP 75  ? ? OD2 A ASP 75  ? ? 112.83 118.30 -5.47 0.90 N 
12 1 CB  A ASP 106 ? ? CG A ASP 106 ? ? OD1 A ASP 106 ? ? 125.77 118.30 7.47  0.90 N 
13 1 NE  A ARG 112 ? ? CZ A ARG 112 ? ? NH2 A ARG 112 ? ? 116.32 120.30 -3.98 0.50 N 
14 1 NE  A ARG 138 ? ? CZ A ARG 138 ? ? NH2 A ARG 138 ? ? 115.91 120.30 -4.39 0.50 N 
15 1 NE  A ARG 141 ? ? CZ A ARG 141 ? ? NH1 A ARG 141 ? ? 126.45 120.30 6.15  0.50 N 
16 1 NE  A ARG 141 ? ? CZ A ARG 141 ? ? NH2 A ARG 141 ? ? 111.73 120.30 -8.57 0.50 N 
17 1 CB  A ASP 148 ? ? CG A ASP 148 ? ? OD2 A ASP 148 ? ? 124.20 118.30 5.90  0.90 N 
# 
loop_
_pdbx_validate_torsion.id 
_pdbx_validate_torsion.PDB_model_num 
_pdbx_validate_torsion.auth_comp_id 
_pdbx_validate_torsion.auth_asym_id 
_pdbx_validate_torsion.auth_seq_id 
_pdbx_validate_torsion.PDB_ins_code 
_pdbx_validate_torsion.label_alt_id 
_pdbx_validate_torsion.phi 
_pdbx_validate_torsion.psi 
1 1 LYS A 40  ? ? 74.93   146.60  
2 1 LYS A 40  ? ? 65.85   151.18  
3 1 TYR A 109 ? ? -129.74 -100.62 
# 
loop_
_pdbx_unobs_or_zero_occ_atoms.id 
_pdbx_unobs_or_zero_occ_atoms.PDB_model_num 
_pdbx_unobs_or_zero_occ_atoms.polymer_flag 
_pdbx_unobs_or_zero_occ_atoms.occupancy_flag 
_pdbx_unobs_or_zero_occ_atoms.auth_asym_id 
_pdbx_unobs_or_zero_occ_atoms.auth_comp_id 
_pdbx_unobs_or_zero_occ_atoms.auth_seq_id 
_pdbx_unobs_or_zero_occ_atoms.PDB_ins_code 
_pdbx_unobs_or_zero_occ_atoms.auth_atom_id 
_pdbx_unobs_or_zero_occ_atoms.label_alt_id 
_pdbx_unobs_or_zero_occ_atoms.label_asym_id 
_pdbx_unobs_or_zero_occ_atoms.label_comp_id 
_pdbx_unobs_or_zero_occ_atoms.label_seq_id 
_pdbx_unobs_or_zero_occ_atoms.label_atom_id 
1 1 Y 1 A ASN 180 ? CG  ? A ASN 181 CG  
2 1 Y 1 A ASN 180 ? OD1 ? A ASN 181 OD1 
3 1 Y 1 A ASN 180 ? ND2 ? A ASN 181 ND2 
# 
loop_
_pdbx_unobs_or_zero_occ_residues.id 
_pdbx_unobs_or_zero_occ_residues.PDB_model_num 
_pdbx_unobs_or_zero_occ_residues.polymer_flag 
_pdbx_unobs_or_zero_occ_residues.occupancy_flag 
_pdbx_unobs_or_zero_occ_residues.auth_asym_id 
_pdbx_unobs_or_zero_occ_residues.auth_comp_id 
_pdbx_unobs_or_zero_occ_residues.auth_seq_id 
_pdbx_unobs_or_zero_occ_residues.PDB_ins_code 
_pdbx_unobs_or_zero_occ_residues.label_asym_id 
_pdbx_unobs_or_zero_occ_residues.label_comp_id 
_pdbx_unobs_or_zero_occ_residues.label_seq_id 
1 1 Y 1 A GLY 0   ? A GLY 1   
2 1 Y 1 A GLU 181 ? A GLU 182 
3 1 Y 1 A LYS 182 ? A LYS 183 
# 
loop_
_chem_comp_atom.comp_id 
_chem_comp_atom.atom_id 
_chem_comp_atom.type_symbol 
_chem_comp_atom.pdbx_aromatic_flag 
_chem_comp_atom.pdbx_stereo_config 
_chem_comp_atom.pdbx_ordinal 
ALA N    N N N 1   
ALA CA   C N S 2   
ALA C    C N N 3   
ALA O    O N N 4   
ALA CB   C N N 5   
ALA OXT  O N N 6   
ALA H    H N N 7   
ALA H2   H N N 8   
ALA HA   H N N 9   
ALA HB1  H N N 10  
ALA HB2  H N N 11  
ALA HB3  H N N 12  
ALA HXT  H N N 13  
ARG N    N N N 14  
ARG CA   C N S 15  
ARG C    C N N 16  
ARG O    O N N 17  
ARG CB   C N N 18  
ARG CG   C N N 19  
ARG CD   C N N 20  
ARG NE   N N N 21  
ARG CZ   C N N 22  
ARG NH1  N N N 23  
ARG NH2  N N N 24  
ARG OXT  O N N 25  
ARG H    H N N 26  
ARG H2   H N N 27  
ARG HA   H N N 28  
ARG HB2  H N N 29  
ARG HB3  H N N 30  
ARG HG2  H N N 31  
ARG HG3  H N N 32  
ARG HD2  H N N 33  
ARG HD3  H N N 34  
ARG HE   H N N 35  
ARG HH11 H N N 36  
ARG HH12 H N N 37  
ARG HH21 H N N 38  
ARG HH22 H N N 39  
ARG HXT  H N N 40  
ASN N    N N N 41  
ASN CA   C N S 42  
ASN C    C N N 43  
ASN O    O N N 44  
ASN CB   C N N 45  
ASN CG   C N N 46  
ASN OD1  O N N 47  
ASN ND2  N N N 48  
ASN OXT  O N N 49  
ASN H    H N N 50  
ASN H2   H N N 51  
ASN HA   H N N 52  
ASN HB2  H N N 53  
ASN HB3  H N N 54  
ASN HD21 H N N 55  
ASN HD22 H N N 56  
ASN HXT  H N N 57  
ASP N    N N N 58  
ASP CA   C N S 59  
ASP C    C N N 60  
ASP O    O N N 61  
ASP CB   C N N 62  
ASP CG   C N N 63  
ASP OD1  O N N 64  
ASP OD2  O N N 65  
ASP OXT  O N N 66  
ASP H    H N N 67  
ASP H2   H N N 68  
ASP HA   H N N 69  
ASP HB2  H N N 70  
ASP HB3  H N N 71  
ASP HD2  H N N 72  
ASP HXT  H N N 73  
CYS N    N N N 74  
CYS CA   C N R 75  
CYS C    C N N 76  
CYS O    O N N 77  
CYS CB   C N N 78  
CYS SG   S N N 79  
CYS OXT  O N N 80  
CYS H    H N N 81  
CYS H2   H N N 82  
CYS HA   H N N 83  
CYS HB2  H N N 84  
CYS HB3  H N N 85  
CYS HG   H N N 86  
CYS HXT  H N N 87  
GLN N    N N N 88  
GLN CA   C N S 89  
GLN C    C N N 90  
GLN O    O N N 91  
GLN CB   C N N 92  
GLN CG   C N N 93  
GLN CD   C N N 94  
GLN OE1  O N N 95  
GLN NE2  N N N 96  
GLN OXT  O N N 97  
GLN H    H N N 98  
GLN H2   H N N 99  
GLN HA   H N N 100 
GLN HB2  H N N 101 
GLN HB3  H N N 102 
GLN HG2  H N N 103 
GLN HG3  H N N 104 
GLN HE21 H N N 105 
GLN HE22 H N N 106 
GLN HXT  H N N 107 
GLU N    N N N 108 
GLU CA   C N S 109 
GLU C    C N N 110 
GLU O    O N N 111 
GLU CB   C N N 112 
GLU CG   C N N 113 
GLU CD   C N N 114 
GLU OE1  O N N 115 
GLU OE2  O N N 116 
GLU OXT  O N N 117 
GLU H    H N N 118 
GLU H2   H N N 119 
GLU HA   H N N 120 
GLU HB2  H N N 121 
GLU HB3  H N N 122 
GLU HG2  H N N 123 
GLU HG3  H N N 124 
GLU HE2  H N N 125 
GLU HXT  H N N 126 
GLY N    N N N 127 
GLY CA   C N N 128 
GLY C    C N N 129 
GLY O    O N N 130 
GLY OXT  O N N 131 
GLY H    H N N 132 
GLY H2   H N N 133 
GLY HA2  H N N 134 
GLY HA3  H N N 135 
GLY HXT  H N N 136 
HIS N    N N N 137 
HIS CA   C N S 138 
HIS C    C N N 139 
HIS O    O N N 140 
HIS CB   C N N 141 
HIS CG   C Y N 142 
HIS ND1  N Y N 143 
HIS CD2  C Y N 144 
HIS CE1  C Y N 145 
HIS NE2  N Y N 146 
HIS OXT  O N N 147 
HIS H    H N N 148 
HIS H2   H N N 149 
HIS HA   H N N 150 
HIS HB2  H N N 151 
HIS HB3  H N N 152 
HIS HD1  H N N 153 
HIS HD2  H N N 154 
HIS HE1  H N N 155 
HIS HE2  H N N 156 
HIS HXT  H N N 157 
HOH O    O N N 158 
HOH H1   H N N 159 
HOH H2   H N N 160 
ILE N    N N N 161 
ILE CA   C N S 162 
ILE C    C N N 163 
ILE O    O N N 164 
ILE CB   C N S 165 
ILE CG1  C N N 166 
ILE CG2  C N N 167 
ILE CD1  C N N 168 
ILE OXT  O N N 169 
ILE H    H N N 170 
ILE H2   H N N 171 
ILE HA   H N N 172 
ILE HB   H N N 173 
ILE HG12 H N N 174 
ILE HG13 H N N 175 
ILE HG21 H N N 176 
ILE HG22 H N N 177 
ILE HG23 H N N 178 
ILE HD11 H N N 179 
ILE HD12 H N N 180 
ILE HD13 H N N 181 
ILE HXT  H N N 182 
LEU N    N N N 183 
LEU CA   C N S 184 
LEU C    C N N 185 
LEU O    O N N 186 
LEU CB   C N N 187 
LEU CG   C N N 188 
LEU CD1  C N N 189 
LEU CD2  C N N 190 
LEU OXT  O N N 191 
LEU H    H N N 192 
LEU H2   H N N 193 
LEU HA   H N N 194 
LEU HB2  H N N 195 
LEU HB3  H N N 196 
LEU HG   H N N 197 
LEU HD11 H N N 198 
LEU HD12 H N N 199 
LEU HD13 H N N 200 
LEU HD21 H N N 201 
LEU HD22 H N N 202 
LEU HD23 H N N 203 
LEU HXT  H N N 204 
LYS N    N N N 205 
LYS CA   C N S 206 
LYS C    C N N 207 
LYS O    O N N 208 
LYS CB   C N N 209 
LYS CG   C N N 210 
LYS CD   C N N 211 
LYS CE   C N N 212 
LYS NZ   N N N 213 
LYS OXT  O N N 214 
LYS H    H N N 215 
LYS H2   H N N 216 
LYS HA   H N N 217 
LYS HB2  H N N 218 
LYS HB3  H N N 219 
LYS HG2  H N N 220 
LYS HG3  H N N 221 
LYS HD2  H N N 222 
LYS HD3  H N N 223 
LYS HE2  H N N 224 
LYS HE3  H N N 225 
LYS HZ1  H N N 226 
LYS HZ2  H N N 227 
LYS HZ3  H N N 228 
LYS HXT  H N N 229 
MET N    N N N 230 
MET CA   C N S 231 
MET C    C N N 232 
MET O    O N N 233 
MET CB   C N N 234 
MET CG   C N N 235 
MET SD   S N N 236 
MET CE   C N N 237 
MET OXT  O N N 238 
MET H    H N N 239 
MET H2   H N N 240 
MET HA   H N N 241 
MET HB2  H N N 242 
MET HB3  H N N 243 
MET HG2  H N N 244 
MET HG3  H N N 245 
MET HE1  H N N 246 
MET HE2  H N N 247 
MET HE3  H N N 248 
MET HXT  H N N 249 
PRO N    N N N 250 
PRO CA   C N S 251 
PRO C    C N N 252 
PRO O    O N N 253 
PRO CB   C N N 254 
PRO CG   C N N 255 
PRO CD   C N N 256 
PRO OXT  O N N 257 
PRO H    H N N 258 
PRO HA   H N N 259 
PRO HB2  H N N 260 
PRO HB3  H N N 261 
PRO HG2  H N N 262 
PRO HG3  H N N 263 
PRO HD2  H N N 264 
PRO HD3  H N N 265 
PRO HXT  H N N 266 
SER N    N N N 267 
SER CA   C N S 268 
SER C    C N N 269 
SER O    O N N 270 
SER CB   C N N 271 
SER OG   O N N 272 
SER OXT  O N N 273 
SER H    H N N 274 
SER H2   H N N 275 
SER HA   H N N 276 
SER HB2  H N N 277 
SER HB3  H N N 278 
SER HG   H N N 279 
SER HXT  H N N 280 
SO4 S    S N N 281 
SO4 O1   O N N 282 
SO4 O2   O N N 283 
SO4 O3   O N N 284 
SO4 O4   O N N 285 
THR N    N N N 286 
THR CA   C N S 287 
THR C    C N N 288 
THR O    O N N 289 
THR CB   C N R 290 
THR OG1  O N N 291 
THR CG2  C N N 292 
THR OXT  O N N 293 
THR H    H N N 294 
THR H2   H N N 295 
THR HA   H N N 296 
THR HB   H N N 297 
THR HG1  H N N 298 
THR HG21 H N N 299 
THR HG22 H N N 300 
THR HG23 H N N 301 
THR HXT  H N N 302 
TYR N    N N N 303 
TYR CA   C N S 304 
TYR C    C N N 305 
TYR O    O N N 306 
TYR CB   C N N 307 
TYR CG   C Y N 308 
TYR CD1  C Y N 309 
TYR CD2  C Y N 310 
TYR CE1  C Y N 311 
TYR CE2  C Y N 312 
TYR CZ   C Y N 313 
TYR OH   O N N 314 
TYR OXT  O N N 315 
TYR H    H N N 316 
TYR H2   H N N 317 
TYR HA   H N N 318 
TYR HB2  H N N 319 
TYR HB3  H N N 320 
TYR HD1  H N N 321 
TYR HD2  H N N 322 
TYR HE1  H N N 323 
TYR HE2  H N N 324 
TYR HH   H N N 325 
TYR HXT  H N N 326 
VAL N    N N N 327 
VAL CA   C N S 328 
VAL C    C N N 329 
VAL O    O N N 330 
VAL CB   C N N 331 
VAL CG1  C N N 332 
VAL CG2  C N N 333 
VAL OXT  O N N 334 
VAL H    H N N 335 
VAL H2   H N N 336 
VAL HA   H N N 337 
VAL HB   H N N 338 
VAL HG11 H N N 339 
VAL HG12 H N N 340 
VAL HG13 H N N 341 
VAL HG21 H N N 342 
VAL HG22 H N N 343 
VAL HG23 H N N 344 
VAL HXT  H N N 345 
# 
loop_
_chem_comp_bond.comp_id 
_chem_comp_bond.atom_id_1 
_chem_comp_bond.atom_id_2 
_chem_comp_bond.value_order 
_chem_comp_bond.pdbx_aromatic_flag 
_chem_comp_bond.pdbx_stereo_config 
_chem_comp_bond.pdbx_ordinal 
ALA N   CA   sing N N 1   
ALA N   H    sing N N 2   
ALA N   H2   sing N N 3   
ALA CA  C    sing N N 4   
ALA CA  CB   sing N N 5   
ALA CA  HA   sing N N 6   
ALA C   O    doub N N 7   
ALA C   OXT  sing N N 8   
ALA CB  HB1  sing N N 9   
ALA CB  HB2  sing N N 10  
ALA CB  HB3  sing N N 11  
ALA OXT HXT  sing N N 12  
ARG N   CA   sing N N 13  
ARG N   H    sing N N 14  
ARG N   H2   sing N N 15  
ARG CA  C    sing N N 16  
ARG CA  CB   sing N N 17  
ARG CA  HA   sing N N 18  
ARG C   O    doub N N 19  
ARG C   OXT  sing N N 20  
ARG CB  CG   sing N N 21  
ARG CB  HB2  sing N N 22  
ARG CB  HB3  sing N N 23  
ARG CG  CD   sing N N 24  
ARG CG  HG2  sing N N 25  
ARG CG  HG3  sing N N 26  
ARG CD  NE   sing N N 27  
ARG CD  HD2  sing N N 28  
ARG CD  HD3  sing N N 29  
ARG NE  CZ   sing N N 30  
ARG NE  HE   sing N N 31  
ARG CZ  NH1  sing N N 32  
ARG CZ  NH2  doub N N 33  
ARG NH1 HH11 sing N N 34  
ARG NH1 HH12 sing N N 35  
ARG NH2 HH21 sing N N 36  
ARG NH2 HH22 sing N N 37  
ARG OXT HXT  sing N N 38  
ASN N   CA   sing N N 39  
ASN N   H    sing N N 40  
ASN N   H2   sing N N 41  
ASN CA  C    sing N N 42  
ASN CA  CB   sing N N 43  
ASN CA  HA   sing N N 44  
ASN C   O    doub N N 45  
ASN C   OXT  sing N N 46  
ASN CB  CG   sing N N 47  
ASN CB  HB2  sing N N 48  
ASN CB  HB3  sing N N 49  
ASN CG  OD1  doub N N 50  
ASN CG  ND2  sing N N 51  
ASN ND2 HD21 sing N N 52  
ASN ND2 HD22 sing N N 53  
ASN OXT HXT  sing N N 54  
ASP N   CA   sing N N 55  
ASP N   H    sing N N 56  
ASP N   H2   sing N N 57  
ASP CA  C    sing N N 58  
ASP CA  CB   sing N N 59  
ASP CA  HA   sing N N 60  
ASP C   O    doub N N 61  
ASP C   OXT  sing N N 62  
ASP CB  CG   sing N N 63  
ASP CB  HB2  sing N N 64  
ASP CB  HB3  sing N N 65  
ASP CG  OD1  doub N N 66  
ASP CG  OD2  sing N N 67  
ASP OD2 HD2  sing N N 68  
ASP OXT HXT  sing N N 69  
CYS N   CA   sing N N 70  
CYS N   H    sing N N 71  
CYS N   H2   sing N N 72  
CYS CA  C    sing N N 73  
CYS CA  CB   sing N N 74  
CYS CA  HA   sing N N 75  
CYS C   O    doub N N 76  
CYS C   OXT  sing N N 77  
CYS CB  SG   sing N N 78  
CYS CB  HB2  sing N N 79  
CYS CB  HB3  sing N N 80  
CYS SG  HG   sing N N 81  
CYS OXT HXT  sing N N 82  
GLN N   CA   sing N N 83  
GLN N   H    sing N N 84  
GLN N   H2   sing N N 85  
GLN CA  C    sing N N 86  
GLN CA  CB   sing N N 87  
GLN CA  HA   sing N N 88  
GLN C   O    doub N N 89  
GLN C   OXT  sing N N 90  
GLN CB  CG   sing N N 91  
GLN CB  HB2  sing N N 92  
GLN CB  HB3  sing N N 93  
GLN CG  CD   sing N N 94  
GLN CG  HG2  sing N N 95  
GLN CG  HG3  sing N N 96  
GLN CD  OE1  doub N N 97  
GLN CD  NE2  sing N N 98  
GLN NE2 HE21 sing N N 99  
GLN NE2 HE22 sing N N 100 
GLN OXT HXT  sing N N 101 
GLU N   CA   sing N N 102 
GLU N   H    sing N N 103 
GLU N   H2   sing N N 104 
GLU CA  C    sing N N 105 
GLU CA  CB   sing N N 106 
GLU CA  HA   sing N N 107 
GLU C   O    doub N N 108 
GLU C   OXT  sing N N 109 
GLU CB  CG   sing N N 110 
GLU CB  HB2  sing N N 111 
GLU CB  HB3  sing N N 112 
GLU CG  CD   sing N N 113 
GLU CG  HG2  sing N N 114 
GLU CG  HG3  sing N N 115 
GLU CD  OE1  doub N N 116 
GLU CD  OE2  sing N N 117 
GLU OE2 HE2  sing N N 118 
GLU OXT HXT  sing N N 119 
GLY N   CA   sing N N 120 
GLY N   H    sing N N 121 
GLY N   H2   sing N N 122 
GLY CA  C    sing N N 123 
GLY CA  HA2  sing N N 124 
GLY CA  HA3  sing N N 125 
GLY C   O    doub N N 126 
GLY C   OXT  sing N N 127 
GLY OXT HXT  sing N N 128 
HIS N   CA   sing N N 129 
HIS N   H    sing N N 130 
HIS N   H2   sing N N 131 
HIS CA  C    sing N N 132 
HIS CA  CB   sing N N 133 
HIS CA  HA   sing N N 134 
HIS C   O    doub N N 135 
HIS C   OXT  sing N N 136 
HIS CB  CG   sing N N 137 
HIS CB  HB2  sing N N 138 
HIS CB  HB3  sing N N 139 
HIS CG  ND1  sing Y N 140 
HIS CG  CD2  doub Y N 141 
HIS ND1 CE1  doub Y N 142 
HIS ND1 HD1  sing N N 143 
HIS CD2 NE2  sing Y N 144 
HIS CD2 HD2  sing N N 145 
HIS CE1 NE2  sing Y N 146 
HIS CE1 HE1  sing N N 147 
HIS NE2 HE2  sing N N 148 
HIS OXT HXT  sing N N 149 
HOH O   H1   sing N N 150 
HOH O   H2   sing N N 151 
ILE N   CA   sing N N 152 
ILE N   H    sing N N 153 
ILE N   H2   sing N N 154 
ILE CA  C    sing N N 155 
ILE CA  CB   sing N N 156 
ILE CA  HA   sing N N 157 
ILE C   O    doub N N 158 
ILE C   OXT  sing N N 159 
ILE CB  CG1  sing N N 160 
ILE CB  CG2  sing N N 161 
ILE CB  HB   sing N N 162 
ILE CG1 CD1  sing N N 163 
ILE CG1 HG12 sing N N 164 
ILE CG1 HG13 sing N N 165 
ILE CG2 HG21 sing N N 166 
ILE CG2 HG22 sing N N 167 
ILE CG2 HG23 sing N N 168 
ILE CD1 HD11 sing N N 169 
ILE CD1 HD12 sing N N 170 
ILE CD1 HD13 sing N N 171 
ILE OXT HXT  sing N N 172 
LEU N   CA   sing N N 173 
LEU N   H    sing N N 174 
LEU N   H2   sing N N 175 
LEU CA  C    sing N N 176 
LEU CA  CB   sing N N 177 
LEU CA  HA   sing N N 178 
LEU C   O    doub N N 179 
LEU C   OXT  sing N N 180 
LEU CB  CG   sing N N 181 
LEU CB  HB2  sing N N 182 
LEU CB  HB3  sing N N 183 
LEU CG  CD1  sing N N 184 
LEU CG  CD2  sing N N 185 
LEU CG  HG   sing N N 186 
LEU CD1 HD11 sing N N 187 
LEU CD1 HD12 sing N N 188 
LEU CD1 HD13 sing N N 189 
LEU CD2 HD21 sing N N 190 
LEU CD2 HD22 sing N N 191 
LEU CD2 HD23 sing N N 192 
LEU OXT HXT  sing N N 193 
LYS N   CA   sing N N 194 
LYS N   H    sing N N 195 
LYS N   H2   sing N N 196 
LYS CA  C    sing N N 197 
LYS CA  CB   sing N N 198 
LYS CA  HA   sing N N 199 
LYS C   O    doub N N 200 
LYS C   OXT  sing N N 201 
LYS CB  CG   sing N N 202 
LYS CB  HB2  sing N N 203 
LYS CB  HB3  sing N N 204 
LYS CG  CD   sing N N 205 
LYS CG  HG2  sing N N 206 
LYS CG  HG3  sing N N 207 
LYS CD  CE   sing N N 208 
LYS CD  HD2  sing N N 209 
LYS CD  HD3  sing N N 210 
LYS CE  NZ   sing N N 211 
LYS CE  HE2  sing N N 212 
LYS CE  HE3  sing N N 213 
LYS NZ  HZ1  sing N N 214 
LYS NZ  HZ2  sing N N 215 
LYS NZ  HZ3  sing N N 216 
LYS OXT HXT  sing N N 217 
MET N   CA   sing N N 218 
MET N   H    sing N N 219 
MET N   H2   sing N N 220 
MET CA  C    sing N N 221 
MET CA  CB   sing N N 222 
MET CA  HA   sing N N 223 
MET C   O    doub N N 224 
MET C   OXT  sing N N 225 
MET CB  CG   sing N N 226 
MET CB  HB2  sing N N 227 
MET CB  HB3  sing N N 228 
MET CG  SD   sing N N 229 
MET CG  HG2  sing N N 230 
MET CG  HG3  sing N N 231 
MET SD  CE   sing N N 232 
MET CE  HE1  sing N N 233 
MET CE  HE2  sing N N 234 
MET CE  HE3  sing N N 235 
MET OXT HXT  sing N N 236 
PRO N   CA   sing N N 237 
PRO N   CD   sing N N 238 
PRO N   H    sing N N 239 
PRO CA  C    sing N N 240 
PRO CA  CB   sing N N 241 
PRO CA  HA   sing N N 242 
PRO C   O    doub N N 243 
PRO C   OXT  sing N N 244 
PRO CB  CG   sing N N 245 
PRO CB  HB2  sing N N 246 
PRO CB  HB3  sing N N 247 
PRO CG  CD   sing N N 248 
PRO CG  HG2  sing N N 249 
PRO CG  HG3  sing N N 250 
PRO CD  HD2  sing N N 251 
PRO CD  HD3  sing N N 252 
PRO OXT HXT  sing N N 253 
SER N   CA   sing N N 254 
SER N   H    sing N N 255 
SER N   H2   sing N N 256 
SER CA  C    sing N N 257 
SER CA  CB   sing N N 258 
SER CA  HA   sing N N 259 
SER C   O    doub N N 260 
SER C   OXT  sing N N 261 
SER CB  OG   sing N N 262 
SER CB  HB2  sing N N 263 
SER CB  HB3  sing N N 264 
SER OG  HG   sing N N 265 
SER OXT HXT  sing N N 266 
SO4 S   O1   doub N N 267 
SO4 S   O2   doub N N 268 
SO4 S   O3   sing N N 269 
SO4 S   O4   sing N N 270 
THR N   CA   sing N N 271 
THR N   H    sing N N 272 
THR N   H2   sing N N 273 
THR CA  C    sing N N 274 
THR CA  CB   sing N N 275 
THR CA  HA   sing N N 276 
THR C   O    doub N N 277 
THR C   OXT  sing N N 278 
THR CB  OG1  sing N N 279 
THR CB  CG2  sing N N 280 
THR CB  HB   sing N N 281 
THR OG1 HG1  sing N N 282 
THR CG2 HG21 sing N N 283 
THR CG2 HG22 sing N N 284 
THR CG2 HG23 sing N N 285 
THR OXT HXT  sing N N 286 
TYR N   CA   sing N N 287 
TYR N   H    sing N N 288 
TYR N   H2   sing N N 289 
TYR CA  C    sing N N 290 
TYR CA  CB   sing N N 291 
TYR CA  HA   sing N N 292 
TYR C   O    doub N N 293 
TYR C   OXT  sing N N 294 
TYR CB  CG   sing N N 295 
TYR CB  HB2  sing N N 296 
TYR CB  HB3  sing N N 297 
TYR CG  CD1  doub Y N 298 
TYR CG  CD2  sing Y N 299 
TYR CD1 CE1  sing Y N 300 
TYR CD1 HD1  sing N N 301 
TYR CD2 CE2  doub Y N 302 
TYR CD2 HD2  sing N N 303 
TYR CE1 CZ   doub Y N 304 
TYR CE1 HE1  sing N N 305 
TYR CE2 CZ   sing Y N 306 
TYR CE2 HE2  sing N N 307 
TYR CZ  OH   sing N N 308 
TYR OH  HH   sing N N 309 
TYR OXT HXT  sing N N 310 
VAL N   CA   sing N N 311 
VAL N   H    sing N N 312 
VAL N   H2   sing N N 313 
VAL CA  C    sing N N 314 
VAL CA  CB   sing N N 315 
VAL CA  HA   sing N N 316 
VAL C   O    doub N N 317 
VAL C   OXT  sing N N 318 
VAL CB  CG1  sing N N 319 
VAL CB  CG2  sing N N 320 
VAL CB  HB   sing N N 321 
VAL CG1 HG11 sing N N 322 
VAL CG1 HG12 sing N N 323 
VAL CG1 HG13 sing N N 324 
VAL CG2 HG21 sing N N 325 
VAL CG2 HG22 sing N N 326 
VAL CG2 HG23 sing N N 327 
VAL OXT HXT  sing N N 328 
# 
loop_
_pdbx_entity_nonpoly.entity_id 
_pdbx_entity_nonpoly.name 
_pdbx_entity_nonpoly.comp_id 
2 'SULFATE ION' SO4 
3 water         HOH 
# 
_pdbx_initial_refinement_model.id               1 
_pdbx_initial_refinement_model.entity_id_list   ? 
_pdbx_initial_refinement_model.type             'experimental model' 
_pdbx_initial_refinement_model.source_name      PDB 
_pdbx_initial_refinement_model.accession_code   1A3C 
_pdbx_initial_refinement_model.details          ? 
# 
